data_5YH2
#
_entry.id   5YH2
#
_cell.length_a   110.059
_cell.length_b   110.059
_cell.length_c   461.698
_cell.angle_alpha   90.00
_cell.angle_beta   90.00
_cell.angle_gamma   90.00
#
_symmetry.space_group_name_H-M   'P 41 21 2'
#
loop_
_entity.id
_entity.type
_entity.pdbx_description
1 polymer 'Pseudokinase FAM20A'
2 polymer 'Family with sequence similarity 20, member Ca'
3 non-polymer "ADENOSINE-5'-TRIPHOSPHATE"
#
loop_
_entity_poly.entity_id
_entity_poly.type
_entity_poly.pdbx_seq_one_letter_code
_entity_poly.pdbx_strand_id
1 'polypeptide(L)'
;DPGTIVHNFSRTEPRTEPAGGSHSGSSSKLQALFAHPLYNVPEEPPLLGAEDSLLASQEALRYYRRKVARWNRRHKMYRE
QMNLTSLDPPLQLRLEASWVQFHLGINRHGLYSRSSPVVSKLLQDMRHFPTISADYSQDEKALLGACDCTQIVKPSGVHL
KLVLRFSDFGKAMFKPMRQQRDEETPVDFFYFIDFQRHNAEIAAFHLDRILDFRRVPPTVGRIVNVTKEILEVTKNEILQ
SVFFVSPASNVCFFAKCPYMCKTEYAVCGKPHLLEGSLSAFLPSLNLAPRLSVPNPWIRSYTLAGKEEWEVNPLYCDTVK
QIYPYNNSQRLLNVIDMAIFDFLIGNMDRHHYEMFTKFGDDGFLIHLDNARGFGRHSHDEISILSPLSQCCMIKKKTLLH
LQLLAQADYRLSDVMRESLLEDQLSPVLTEPHLLALDRRLQTILRTVEGCIVAHGQQSVIVDGPVEQ
;
A,B
2 'polypeptide(L)'
;MILFRKFRVLILTVFLIACTMHIMIDLLPKLEKRAAGSSSSAGGGSGCSCAHTPGEEPRSWGKQRARAADPGWPNKHSLR
LLQDFSNEPNSNLTSQSREKVTERAGSEKQGSGKRGLMREADSRQRRTDVRVSSVLQSLFEHPLYRTVLPDLTEEDTLFN
LNAEIRLYPKAAGQQEWHNEGNVEEEEFSPPGEANSESYPNWLRFHIGINRYELYSRHNPVIAALLRDLLSQKISSVGMK
SGGTQLKLIMSFQNYGQALFKPMKQTREQETPPDFFYFSDFERHNAEIAAFHLDRILDFRRVPPVAGRLVNMTREIRDVT
RDKKLWRTFFVSPANNICFYGECSYYCSTEHALCGKPDQIEGSLAAFLPDLALAKRKTWRNPWRRSYHKRKKAEWEVDPD
YCDEVKQTPPYDRGTRLLDIMDMTIFDFLMGNMDRHHYETFEKFGNDTFIIHLDNGRGFGKHSHDEMSILVPLTQCCRVK
RSTYLRLQLLAKEEYKLSSLMEESLLQDRLVPVLIKPHLEALDRRLRLVLKVLSDCVEKDGFSAVVENDLDGQPSVHGGR
;
C,D
#
loop_
_chem_comp.id
_chem_comp.type
_chem_comp.name
_chem_comp.formula
ATP non-polymer ADENOSINE-5'-TRIPHOSPHATE 'C10 H16 N5 O13 P3'
#
# COMPACT_ATOMS: atom_id res chain seq x y z
N SER A 27 -64.36 4.37 -3.09
CA SER A 27 -63.14 3.74 -3.59
C SER A 27 -62.09 4.78 -3.99
N SER A 28 -60.85 4.31 -4.18
CA SER A 28 -59.75 5.16 -4.62
C SER A 28 -59.48 6.30 -3.65
N LYS A 29 -58.66 6.04 -2.63
CA LYS A 29 -58.29 7.12 -1.71
C LYS A 29 -57.42 8.16 -2.38
N LEU A 30 -56.74 7.81 -3.48
CA LEU A 30 -55.88 8.77 -4.14
C LEU A 30 -56.70 9.88 -4.77
N GLN A 31 -57.78 9.52 -5.49
CA GLN A 31 -58.64 10.52 -6.11
C GLN A 31 -59.29 11.42 -5.08
N ALA A 32 -59.69 10.86 -3.94
CA ALA A 32 -60.28 11.67 -2.90
C ALA A 32 -59.29 12.70 -2.36
N LEU A 33 -57.99 12.36 -2.34
CA LEU A 33 -57.01 13.27 -1.78
C LEU A 33 -56.91 14.54 -2.61
N PHE A 34 -56.72 14.41 -3.93
CA PHE A 34 -56.53 15.59 -4.74
C PHE A 34 -57.83 16.34 -5.00
N ALA A 35 -58.98 15.71 -4.76
CA ALA A 35 -60.27 16.38 -4.86
C ALA A 35 -60.69 17.02 -3.53
N HIS A 36 -59.83 17.02 -2.54
CA HIS A 36 -60.12 17.63 -1.26
C HIS A 36 -59.97 19.14 -1.37
N PRO A 37 -60.75 19.91 -0.62
CA PRO A 37 -60.63 21.38 -0.66
C PRO A 37 -59.22 21.86 -0.39
N LEU A 38 -58.40 21.10 0.33
CA LEU A 38 -57.03 21.50 0.59
C LEU A 38 -56.20 21.53 -0.69
N TYR A 39 -56.33 20.50 -1.52
CA TYR A 39 -55.57 20.42 -2.77
C TYR A 39 -56.23 21.20 -3.90
N ASN A 40 -56.90 22.31 -3.58
CA ASN A 40 -57.65 23.08 -4.57
C ASN A 40 -57.69 24.56 -4.23
N VAL A 41 -57.44 24.92 -2.98
CA VAL A 41 -57.44 26.33 -2.60
C VAL A 41 -56.26 27.02 -3.30
N PRO A 42 -56.42 28.26 -3.75
CA PRO A 42 -55.29 28.96 -4.37
C PRO A 42 -54.15 29.20 -3.39
N GLU A 43 -52.93 29.18 -3.92
CA GLU A 43 -51.72 29.35 -3.12
C GLU A 43 -51.36 30.83 -3.07
N GLU A 44 -51.06 31.32 -1.89
CA GLU A 44 -50.71 32.71 -1.75
C GLU A 44 -49.22 32.87 -1.48
N PRO A 45 -48.58 33.94 -2.00
CA PRO A 45 -49.17 34.94 -2.90
C PRO A 45 -49.35 34.42 -4.31
N PRO A 46 -50.30 34.99 -5.06
CA PRO A 46 -50.49 34.57 -6.46
C PRO A 46 -49.31 35.01 -7.33
N LEU A 47 -49.25 34.45 -8.53
CA LEU A 47 -48.14 34.65 -9.44
C LEU A 47 -48.51 35.73 -10.45
N LEU A 48 -47.69 36.80 -10.49
CA LEU A 48 -47.88 37.84 -11.50
C LEU A 48 -47.40 37.38 -12.88
N GLY A 49 -46.51 36.39 -12.92
CA GLY A 49 -45.94 35.95 -14.18
C GLY A 49 -44.63 36.62 -14.49
N ALA A 50 -44.02 36.16 -15.59
CA ALA A 50 -42.75 36.69 -16.06
C ALA A 50 -41.65 36.59 -14.99
N GLU A 51 -41.77 37.38 -13.92
CA GLU A 51 -40.76 37.36 -12.87
C GLU A 51 -40.96 36.22 -11.88
N ASP A 52 -42.05 35.47 -12.00
CA ASP A 52 -42.30 34.33 -11.12
C ASP A 52 -42.12 33.00 -11.84
N SER A 53 -41.63 33.02 -13.08
CA SER A 53 -41.27 31.82 -13.84
C SER A 53 -39.78 31.91 -14.11
N LEU A 54 -39.01 30.98 -13.52
CA LEU A 54 -37.55 31.10 -13.57
C LEU A 54 -37.01 31.04 -14.99
N LEU A 55 -37.74 30.46 -15.93
CA LEU A 55 -37.29 30.35 -17.31
C LEU A 55 -38.05 31.35 -18.17
N ALA A 56 -37.30 32.22 -18.86
CA ALA A 56 -37.90 33.13 -19.83
C ALA A 56 -38.15 32.40 -21.14
N SER A 57 -39.37 32.54 -21.66
CA SER A 57 -39.81 31.74 -22.81
C SER A 57 -38.93 31.97 -24.04
N GLN A 58 -38.78 33.23 -24.45
CA GLN A 58 -38.05 33.50 -25.68
C GLN A 58 -36.57 33.14 -25.56
N GLU A 59 -35.96 33.42 -24.41
CA GLU A 59 -34.54 33.14 -24.25
C GLU A 59 -34.27 31.65 -24.14
N ALA A 60 -35.11 30.93 -23.40
CA ALA A 60 -34.87 29.49 -23.20
C ALA A 60 -35.02 28.72 -24.50
N LEU A 61 -36.05 29.02 -25.29
CA LEU A 61 -36.25 28.31 -26.55
C LEU A 61 -35.07 28.52 -27.51
N ARG A 62 -34.44 29.70 -27.47
CA ARG A 62 -33.27 29.94 -28.31
C ARG A 62 -32.10 29.07 -27.88
N TYR A 63 -31.83 29.02 -26.57
CA TYR A 63 -30.71 28.25 -26.05
C TYR A 63 -30.88 26.75 -26.33
N TYR A 64 -32.08 26.21 -26.07
CA TYR A 64 -32.32 24.81 -26.37
C TYR A 64 -32.27 24.55 -27.87
N ARG A 65 -32.62 25.55 -28.68
CA ARG A 65 -32.53 25.38 -30.13
C ARG A 65 -31.09 25.35 -30.61
N ARG A 66 -30.19 26.07 -29.95
CA ARG A 66 -28.78 25.99 -30.33
C ARG A 66 -28.20 24.63 -29.96
N LYS A 67 -28.51 24.15 -28.76
CA LYS A 67 -28.01 22.84 -28.33
C LYS A 67 -28.54 21.71 -29.20
N VAL A 68 -29.73 21.88 -29.78
CA VAL A 68 -30.21 20.89 -30.75
C VAL A 68 -29.38 20.98 -32.02
N ALA A 69 -29.05 22.19 -32.44
CA ALA A 69 -28.19 22.36 -33.61
C ALA A 69 -26.81 21.78 -33.35
N ARG A 70 -26.24 22.08 -32.18
CA ARG A 70 -24.89 21.59 -31.85
C ARG A 70 -24.89 20.08 -31.68
N TRP A 71 -25.98 19.51 -31.15
CA TRP A 71 -26.04 18.07 -31.02
C TRP A 71 -26.14 17.40 -32.38
N ASN A 72 -26.94 17.95 -33.30
CA ASN A 72 -27.16 17.26 -34.56
C ASN A 72 -25.87 17.04 -35.34
N ARG A 73 -24.93 17.96 -35.23
CA ARG A 73 -23.63 17.71 -35.86
C ARG A 73 -22.89 16.62 -35.09
N ARG A 74 -22.18 16.95 -33.99
CA ARG A 74 -21.30 16.02 -33.28
C ARG A 74 -21.54 14.53 -33.57
N HIS A 75 -22.82 14.13 -33.59
CA HIS A 75 -23.17 12.75 -33.89
C HIS A 75 -23.15 12.46 -35.39
N LYS A 76 -23.55 13.43 -36.23
CA LYS A 76 -23.40 13.24 -37.67
C LYS A 76 -21.94 13.01 -38.06
N MET A 77 -21.03 13.80 -37.50
CA MET A 77 -19.60 13.58 -37.70
C MET A 77 -19.15 12.29 -37.03
N ASP A 88 -32.26 9.04 -41.83
CA ASP A 88 -33.07 9.72 -40.83
C ASP A 88 -32.79 11.22 -40.80
N PRO A 89 -33.86 12.02 -40.74
CA PRO A 89 -33.69 13.48 -40.70
C PRO A 89 -33.09 13.94 -39.38
N PRO A 90 -32.61 15.17 -39.30
CA PRO A 90 -32.02 15.66 -38.05
C PRO A 90 -33.06 15.93 -36.98
N LEU A 91 -32.57 16.18 -35.78
CA LEU A 91 -33.42 16.44 -34.63
C LEU A 91 -34.21 17.73 -34.85
N GLN A 92 -35.44 17.75 -34.33
CA GLN A 92 -36.29 18.93 -34.36
C GLN A 92 -36.67 19.30 -32.93
N LEU A 93 -36.43 20.55 -32.57
CA LEU A 93 -36.74 21.05 -31.23
C LEU A 93 -38.17 21.59 -31.25
N ARG A 94 -39.11 20.84 -30.67
CA ARG A 94 -40.52 21.20 -30.64
C ARG A 94 -40.91 21.73 -29.27
N LEU A 95 -41.64 22.86 -29.26
CA LEU A 95 -42.15 23.42 -28.01
C LEU A 95 -43.09 22.44 -27.31
N GLU A 96 -43.76 21.58 -28.06
CA GLU A 96 -44.69 20.61 -27.50
C GLU A 96 -43.98 19.47 -26.77
N ALA A 97 -42.65 19.49 -26.66
CA ALA A 97 -41.95 18.42 -25.97
C ALA A 97 -42.21 18.51 -24.48
N SER A 98 -42.14 17.34 -23.83
CA SER A 98 -42.49 17.27 -22.42
C SER A 98 -41.52 18.07 -21.57
N TRP A 99 -40.22 17.79 -21.70
CA TRP A 99 -39.23 18.47 -20.87
C TRP A 99 -39.23 19.97 -21.13
N VAL A 100 -39.57 20.40 -22.35
CA VAL A 100 -39.61 21.83 -22.64
C VAL A 100 -40.72 22.50 -21.85
N GLN A 101 -41.93 21.95 -21.89
CA GLN A 101 -43.03 22.53 -21.13
C GLN A 101 -42.82 22.40 -19.62
N PHE A 102 -42.17 21.31 -19.19
CA PHE A 102 -41.84 21.15 -17.79
C PHE A 102 -40.89 22.24 -17.32
N HIS A 103 -39.87 22.56 -18.13
CA HIS A 103 -38.93 23.60 -17.75
C HIS A 103 -39.60 24.96 -17.74
N LEU A 104 -40.41 25.25 -18.75
CA LEU A 104 -41.12 26.52 -18.77
C LEU A 104 -42.23 26.60 -17.72
N GLY A 105 -42.62 25.46 -17.14
CA GLY A 105 -43.65 25.39 -16.12
C GLY A 105 -43.17 25.45 -14.70
N ILE A 106 -41.87 25.66 -14.50
CA ILE A 106 -41.30 25.81 -13.16
C ILE A 106 -41.50 27.26 -12.71
N ASN A 107 -42.31 27.44 -11.67
CA ASN A 107 -42.67 28.73 -11.13
C ASN A 107 -42.13 28.85 -9.70
N ARG A 108 -42.37 30.01 -9.10
CA ARG A 108 -41.94 30.25 -7.73
C ARG A 108 -42.65 29.32 -6.73
N HIS A 109 -43.73 28.67 -7.14
CA HIS A 109 -44.51 27.81 -6.26
C HIS A 109 -44.08 26.36 -6.30
N GLY A 110 -43.13 26.01 -7.15
CA GLY A 110 -42.60 24.67 -7.13
C GLY A 110 -42.10 24.26 -8.50
N LEU A 111 -41.63 23.01 -8.56
CA LEU A 111 -41.07 22.48 -9.79
C LEU A 111 -42.15 22.23 -10.83
N TYR A 112 -43.30 21.71 -10.40
CA TYR A 112 -44.39 21.40 -11.31
C TYR A 112 -45.70 21.94 -10.76
N SER A 113 -46.77 21.77 -11.54
CA SER A 113 -48.09 22.25 -11.19
C SER A 113 -48.86 21.19 -10.44
N ARG A 114 -49.83 21.64 -9.65
CA ARG A 114 -50.66 20.73 -8.89
C ARG A 114 -51.59 20.00 -9.85
N SER A 115 -51.52 18.66 -9.83
CA SER A 115 -52.24 17.82 -10.78
C SER A 115 -52.02 18.31 -12.21
N SER A 116 -50.74 18.31 -12.61
CA SER A 116 -50.34 18.84 -13.90
C SER A 116 -50.42 17.75 -14.97
N PRO A 117 -51.13 18.00 -16.06
CA PRO A 117 -51.11 17.04 -17.18
C PRO A 117 -49.77 16.98 -17.89
N VAL A 118 -48.94 18.03 -17.74
CA VAL A 118 -47.61 18.06 -18.34
C VAL A 118 -46.74 16.97 -17.71
N VAL A 119 -46.74 16.90 -16.39
CA VAL A 119 -45.91 15.94 -15.68
C VAL A 119 -46.38 14.52 -15.98
N SER A 120 -47.69 14.34 -16.13
CA SER A 120 -48.21 13.02 -16.48
C SER A 120 -47.68 12.55 -17.82
N LYS A 121 -47.59 13.46 -18.79
CA LYS A 121 -46.98 13.15 -20.08
C LYS A 121 -45.47 13.01 -19.94
N LEU A 122 -44.86 13.87 -19.12
CA LEU A 122 -43.42 13.79 -18.92
C LEU A 122 -43.02 12.44 -18.37
N LEU A 123 -43.74 11.95 -17.37
CA LEU A 123 -43.48 10.63 -16.81
C LEU A 123 -43.66 9.53 -17.86
N GLN A 124 -44.72 9.63 -18.66
CA GLN A 124 -44.96 8.62 -19.68
C GLN A 124 -43.89 8.66 -20.77
N ASP A 125 -43.33 9.83 -21.04
CA ASP A 125 -42.29 9.94 -22.07
C ASP A 125 -41.01 9.28 -21.60
N MET A 126 -40.57 9.58 -20.38
CA MET A 126 -39.35 8.98 -19.87
C MET A 126 -39.45 7.46 -19.77
N ARG A 127 -40.67 6.91 -19.75
CA ARG A 127 -40.83 5.47 -19.68
C ARG A 127 -40.75 4.80 -21.03
N HIS A 128 -41.13 5.48 -22.10
CA HIS A 128 -41.28 4.86 -23.42
C HIS A 128 -40.37 5.41 -24.50
N PHE A 129 -40.02 6.70 -24.45
CA PHE A 129 -39.22 7.27 -25.52
C PHE A 129 -37.89 6.54 -25.62
N PRO A 130 -37.39 6.29 -26.83
CA PRO A 130 -36.12 5.61 -26.98
C PRO A 130 -34.95 6.53 -26.65
N THR A 131 -33.84 5.91 -26.26
CA THR A 131 -32.63 6.66 -25.92
C THR A 131 -31.79 6.90 -27.17
N ILE A 132 -31.16 8.06 -27.23
CA ILE A 132 -30.32 8.44 -28.35
C ILE A 132 -28.88 8.71 -27.95
N SER A 133 -28.56 8.70 -26.66
CA SER A 133 -27.26 9.14 -26.18
C SER A 133 -27.15 8.76 -24.72
N ALA A 134 -25.92 8.50 -24.27
CA ALA A 134 -25.66 8.20 -22.86
C ALA A 134 -24.27 8.72 -22.51
N ASP A 135 -24.16 9.41 -21.38
CA ASP A 135 -22.87 9.95 -20.95
C ASP A 135 -22.63 9.65 -19.47
N TYR A 136 -21.57 10.23 -18.91
CA TYR A 136 -21.20 10.01 -17.51
C TYR A 136 -21.72 11.09 -16.58
N SER A 137 -22.37 12.12 -17.13
CA SER A 137 -22.85 13.27 -16.35
C SER A 137 -21.73 14.10 -15.78
N GLN A 138 -22.05 15.32 -15.38
CA GLN A 138 -21.10 16.14 -14.64
C GLN A 138 -20.97 15.59 -13.23
N ASP A 139 -20.43 16.39 -12.30
CA ASP A 139 -20.28 16.00 -10.90
C ASP A 139 -19.30 14.83 -10.77
N GLU A 140 -19.42 13.83 -11.64
CA GLU A 140 -18.29 13.01 -12.05
C GLU A 140 -17.59 13.76 -13.18
N LYS A 141 -16.81 13.06 -14.00
CA LYS A 141 -16.21 13.65 -15.20
C LYS A 141 -15.26 14.79 -14.84
N ALA A 142 -15.73 15.76 -14.05
CA ALA A 142 -14.89 16.81 -13.52
C ALA A 142 -13.95 16.32 -12.43
N LEU A 143 -14.07 15.06 -12.00
CA LEU A 143 -13.11 14.48 -11.08
C LEU A 143 -11.78 14.18 -11.73
N LEU A 144 -11.74 14.06 -13.07
CA LEU A 144 -10.53 13.81 -13.83
C LEU A 144 -9.96 12.45 -13.47
N GLY A 145 -9.41 12.32 -12.25
CA GLY A 145 -8.86 11.09 -11.74
C GLY A 145 -9.91 10.03 -11.51
N ALA A 146 -10.32 9.77 -10.26
CA ALA A 146 -9.75 10.34 -9.04
C ALA A 146 -10.13 9.41 -7.89
N CYS A 147 -9.48 8.26 -7.84
CA CYS A 147 -9.86 7.17 -6.95
C CYS A 147 -8.86 7.09 -5.80
N ASP A 148 -9.35 7.37 -4.59
CA ASP A 148 -8.57 7.26 -3.36
C ASP A 148 -9.25 6.19 -2.51
N CYS A 149 -8.75 4.96 -2.60
CA CYS A 149 -9.34 3.84 -1.86
C CYS A 149 -9.26 4.03 -0.35
N THR A 150 -8.45 4.97 0.13
CA THR A 150 -8.37 5.30 1.55
C THR A 150 -9.53 6.20 1.97
N GLN A 151 -9.99 7.06 1.06
CA GLN A 151 -11.12 7.94 1.33
C GLN A 151 -12.35 7.12 1.66
N ILE A 152 -12.86 7.30 2.89
CA ILE A 152 -14.03 6.54 3.30
C ILE A 152 -15.29 7.13 2.69
N VAL A 153 -15.41 8.46 2.73
CA VAL A 153 -16.54 9.16 2.13
C VAL A 153 -16.04 9.89 0.89
N LYS A 154 -15.76 9.14 -0.17
CA LYS A 154 -15.37 9.73 -1.44
C LYS A 154 -16.51 10.60 -1.97
N PRO A 155 -16.21 11.63 -2.76
CA PRO A 155 -17.24 12.59 -3.16
C PRO A 155 -18.37 11.94 -3.95
N SER A 156 -19.49 12.67 -4.06
CA SER A 156 -20.69 12.12 -4.67
C SER A 156 -20.56 11.97 -6.18
N GLY A 157 -19.32 11.96 -6.68
CA GLY A 157 -19.11 11.82 -8.11
C GLY A 157 -18.68 10.42 -8.50
N VAL A 158 -18.30 9.60 -7.52
CA VAL A 158 -17.87 8.25 -7.83
C VAL A 158 -19.03 7.29 -7.60
N HIS A 159 -20.22 7.67 -8.06
CA HIS A 159 -21.40 6.84 -7.89
C HIS A 159 -21.97 6.49 -9.26
N LEU A 160 -22.53 5.29 -9.36
CA LEU A 160 -23.02 4.76 -10.63
C LEU A 160 -24.30 5.47 -11.03
N LYS A 161 -24.19 6.43 -11.95
CA LYS A 161 -25.34 7.13 -12.49
C LYS A 161 -24.94 7.70 -13.85
N LEU A 162 -25.89 7.64 -14.80
CA LEU A 162 -25.69 8.13 -16.15
C LEU A 162 -26.72 9.20 -16.45
N VAL A 163 -26.49 9.93 -17.53
CA VAL A 163 -27.45 10.94 -18.01
C VAL A 163 -27.88 10.52 -19.41
N LEU A 164 -29.17 10.24 -19.57
CA LEU A 164 -29.71 9.73 -20.81
C LEU A 164 -30.44 10.84 -21.58
N ARG A 165 -30.47 10.69 -22.90
CA ARG A 165 -31.19 11.60 -23.78
C ARG A 165 -32.19 10.82 -24.61
N PHE A 166 -33.38 11.38 -24.75
CA PHE A 166 -34.46 10.75 -25.49
C PHE A 166 -34.69 11.47 -26.80
N SER A 167 -35.56 10.88 -27.61
CA SER A 167 -35.82 11.40 -28.95
C SER A 167 -36.40 12.80 -28.93
N ASP A 168 -37.04 13.21 -27.83
CA ASP A 168 -37.53 14.59 -27.77
C ASP A 168 -36.47 15.55 -27.24
N PHE A 169 -35.21 15.12 -27.20
CA PHE A 169 -34.01 15.87 -26.81
C PHE A 169 -33.88 16.02 -25.30
N GLY A 170 -34.88 15.67 -24.52
CA GLY A 170 -34.80 15.84 -23.08
C GLY A 170 -33.82 14.90 -22.42
N LYS A 171 -33.48 15.22 -21.17
CA LYS A 171 -32.53 14.43 -20.41
C LYS A 171 -33.15 13.96 -19.10
N ALA A 172 -32.49 12.99 -18.48
CA ALA A 172 -32.95 12.37 -17.25
C ALA A 172 -31.78 11.66 -16.60
N MET A 173 -31.69 11.77 -15.28
CA MET A 173 -30.62 11.14 -14.51
C MET A 173 -31.00 9.70 -14.19
N PHE A 174 -30.22 8.75 -14.68
CA PHE A 174 -30.49 7.33 -14.56
C PHE A 174 -29.76 6.74 -13.35
N LYS A 175 -30.51 6.14 -12.44
CA LYS A 175 -29.97 5.42 -11.29
C LYS A 175 -30.39 3.95 -11.40
N PRO A 176 -29.46 3.02 -11.51
CA PRO A 176 -29.83 1.61 -11.71
C PRO A 176 -30.24 0.93 -10.41
N MET A 177 -30.80 -0.27 -10.57
CA MET A 177 -31.17 -1.09 -9.43
C MET A 177 -29.93 -1.61 -8.72
N ARG A 178 -29.85 -1.39 -7.41
CA ARG A 178 -28.70 -1.75 -6.63
C ARG A 178 -29.02 -2.70 -5.49
N GLN A 179 -30.30 -3.01 -5.28
CA GLN A 179 -30.74 -3.87 -4.18
C GLN A 179 -32.13 -4.40 -4.50
N GLN A 180 -32.45 -5.57 -3.94
CA GLN A 180 -33.76 -6.16 -4.07
C GLN A 180 -34.80 -5.31 -3.32
N ARG A 181 -36.09 -5.71 -3.43
CA ARG A 181 -37.15 -4.97 -2.75
C ARG A 181 -37.17 -5.26 -1.25
N ASP A 182 -37.11 -6.53 -0.88
CA ASP A 182 -37.18 -6.93 0.52
C ASP A 182 -35.82 -6.84 1.21
N GLU A 183 -34.94 -5.96 0.72
CA GLU A 183 -33.60 -5.82 1.27
C GLU A 183 -33.45 -4.46 1.95
N GLU A 184 -32.83 -4.47 3.12
CA GLU A 184 -32.55 -3.25 3.88
C GLU A 184 -31.06 -2.95 3.84
N THR A 185 -30.71 -1.69 4.16
CA THR A 185 -29.32 -1.35 4.44
C THR A 185 -28.88 -2.16 5.64
N PRO A 186 -27.94 -3.08 5.47
CA PRO A 186 -27.58 -3.96 6.59
C PRO A 186 -27.03 -3.16 7.77
N VAL A 187 -27.32 -3.64 8.98
CA VAL A 187 -26.72 -3.05 10.16
C VAL A 187 -25.21 -3.15 10.02
N ASP A 188 -24.51 -2.22 10.68
CA ASP A 188 -23.07 -1.94 10.56
C ASP A 188 -22.78 -1.07 9.35
N PHE A 189 -23.79 -0.50 8.71
CA PHE A 189 -23.61 0.38 7.56
C PHE A 189 -23.90 1.80 7.98
N PHE A 190 -22.91 2.66 7.92
CA PHE A 190 -23.12 4.07 8.16
C PHE A 190 -23.93 4.67 7.00
N TYR A 191 -24.37 5.91 7.19
CA TYR A 191 -25.17 6.55 6.15
C TYR A 191 -24.36 6.77 4.88
N PHE A 192 -23.09 7.18 5.01
CA PHE A 192 -22.29 7.53 3.82
C PHE A 192 -21.90 6.33 2.97
N ILE A 193 -22.10 5.11 3.46
CA ILE A 193 -21.84 3.92 2.66
C ILE A 193 -23.14 3.18 2.34
N ASP A 194 -24.29 3.77 2.66
CA ASP A 194 -25.56 3.18 2.29
C ASP A 194 -25.71 3.14 0.77
N PHE A 195 -26.63 2.31 0.29
CA PHE A 195 -26.77 2.07 -1.14
C PHE A 195 -27.43 3.28 -1.83
N GLN A 196 -27.88 3.05 -3.07
CA GLN A 196 -28.45 4.08 -3.96
C GLN A 196 -29.64 3.41 -4.65
N ARG A 197 -30.77 3.33 -3.95
CA ARG A 197 -31.90 2.57 -4.46
C ARG A 197 -32.65 3.36 -5.52
N HIS A 198 -32.90 2.71 -6.67
CA HIS A 198 -33.68 3.36 -7.70
C HIS A 198 -35.10 3.56 -7.25
N ASN A 199 -35.70 2.55 -6.61
CA ASN A 199 -37.08 2.64 -6.20
C ASN A 199 -37.30 3.75 -5.19
N ALA A 200 -36.25 4.15 -4.48
CA ALA A 200 -36.43 5.27 -3.56
C ALA A 200 -36.53 6.58 -4.32
N GLU A 201 -35.76 6.73 -5.41
CA GLU A 201 -35.87 7.92 -6.24
C GLU A 201 -37.27 8.07 -6.82
N ILE A 202 -37.93 6.95 -7.13
CA ILE A 202 -39.30 6.99 -7.62
C ILE A 202 -40.26 7.38 -6.50
N ALA A 203 -40.24 6.59 -5.41
CA ALA A 203 -41.16 6.83 -4.32
C ALA A 203 -40.97 8.20 -3.70
N ALA A 204 -39.74 8.73 -3.72
CA ALA A 204 -39.55 10.08 -3.21
C ALA A 204 -40.31 11.09 -4.04
N PHE A 205 -40.51 10.80 -5.32
CA PHE A 205 -41.29 11.71 -6.15
C PHE A 205 -42.76 11.63 -5.81
N HIS A 206 -43.30 10.42 -5.68
CA HIS A 206 -44.73 10.28 -5.37
C HIS A 206 -45.06 10.90 -4.02
N LEU A 207 -44.18 10.70 -3.03
CA LEU A 207 -44.39 11.35 -1.74
C LEU A 207 -44.36 12.86 -1.86
N ASP A 208 -43.48 13.38 -2.72
CA ASP A 208 -43.47 14.81 -2.98
C ASP A 208 -44.79 15.26 -3.59
N ARG A 209 -45.35 14.44 -4.47
CA ARG A 209 -46.60 14.81 -5.12
C ARG A 209 -47.77 14.73 -4.14
N ILE A 210 -47.77 13.73 -3.26
CA ILE A 210 -48.88 13.55 -2.34
C ILE A 210 -48.88 14.65 -1.28
N LEU A 211 -47.69 15.07 -0.82
CA LEU A 211 -47.60 16.14 0.18
C LEU A 211 -47.88 17.52 -0.38
N ASP A 212 -47.97 17.66 -1.70
CA ASP A 212 -48.09 18.96 -2.34
C ASP A 212 -46.92 19.87 -1.96
N PHE A 213 -45.74 19.27 -1.74
CA PHE A 213 -44.51 20.06 -1.62
C PHE A 213 -44.05 20.53 -2.99
N ARG A 214 -44.07 19.63 -3.99
CA ARG A 214 -43.78 19.97 -5.38
C ARG A 214 -42.36 20.54 -5.51
N ARG A 215 -41.39 19.71 -5.14
CA ARG A 215 -39.99 20.13 -5.04
C ARG A 215 -38.99 19.13 -5.62
N VAL A 216 -39.30 17.85 -5.71
CA VAL A 216 -38.36 16.92 -6.34
C VAL A 216 -38.73 16.79 -7.80
N PRO A 217 -37.76 16.48 -8.68
CA PRO A 217 -38.10 16.33 -10.09
C PRO A 217 -38.88 15.05 -10.34
N PRO A 218 -39.79 15.06 -11.31
CA PRO A 218 -40.54 13.84 -11.62
C PRO A 218 -39.62 12.69 -11.95
N THR A 219 -39.99 11.49 -11.48
CA THR A 219 -39.14 10.33 -11.63
C THR A 219 -40.01 9.11 -11.92
N VAL A 220 -39.62 8.34 -12.93
CA VAL A 220 -40.33 7.11 -13.28
C VAL A 220 -39.35 5.96 -13.24
N GLY A 221 -39.89 4.76 -13.10
CA GLY A 221 -39.13 3.54 -13.24
C GLY A 221 -39.28 2.97 -14.64
N ARG A 222 -38.23 2.34 -15.13
CA ARG A 222 -38.23 1.81 -16.49
C ARG A 222 -37.26 0.64 -16.58
N ILE A 223 -37.65 -0.38 -17.33
CA ILE A 223 -36.76 -1.49 -17.65
C ILE A 223 -35.95 -1.11 -18.88
N VAL A 224 -34.62 -1.25 -18.78
CA VAL A 224 -33.70 -0.78 -19.82
C VAL A 224 -32.97 -1.97 -20.41
N ASN A 225 -32.87 -2.00 -21.75
CA ASN A 225 -31.95 -2.90 -22.45
C ASN A 225 -30.58 -2.22 -22.47
N VAL A 226 -29.72 -2.60 -21.51
CA VAL A 226 -28.46 -1.90 -21.29
C VAL A 226 -27.55 -1.93 -22.52
N THR A 227 -27.72 -2.91 -23.39
CA THR A 227 -26.93 -2.90 -24.62
C THR A 227 -27.51 -1.94 -25.63
N LYS A 228 -28.80 -2.08 -25.95
CA LYS A 228 -29.40 -1.28 -27.01
C LYS A 228 -29.69 0.16 -26.59
N GLU A 229 -29.94 0.39 -25.31
CA GLU A 229 -30.37 1.70 -24.84
C GLU A 229 -29.32 2.45 -24.03
N ILE A 230 -28.15 1.84 -23.79
CA ILE A 230 -27.07 2.53 -23.09
C ILE A 230 -25.76 2.41 -23.85
N LEU A 231 -25.31 1.16 -24.05
CA LEU A 231 -24.00 0.93 -24.65
C LEU A 231 -23.99 1.34 -26.12
N GLU A 232 -25.02 0.94 -26.87
CA GLU A 232 -25.03 1.21 -28.31
C GLU A 232 -25.35 2.66 -28.65
N VAL A 233 -25.56 3.52 -27.66
CA VAL A 233 -25.86 4.92 -27.90
C VAL A 233 -24.85 5.85 -27.26
N THR A 234 -23.89 5.33 -26.53
CA THR A 234 -22.90 6.18 -25.87
C THR A 234 -21.72 6.46 -26.78
N LYS A 235 -21.32 7.73 -26.82
CA LYS A 235 -20.13 8.17 -27.54
C LYS A 235 -18.91 8.31 -26.64
N ASN A 236 -19.05 8.04 -25.34
CA ASN A 236 -17.97 8.20 -24.38
C ASN A 236 -17.10 6.94 -24.40
N GLU A 237 -15.82 7.13 -24.71
CA GLU A 237 -14.91 6.00 -24.88
C GLU A 237 -14.65 5.27 -23.56
N ILE A 238 -14.78 5.97 -22.44
CA ILE A 238 -14.63 5.32 -21.14
C ILE A 238 -15.82 4.43 -20.86
N LEU A 239 -17.02 4.95 -21.10
CA LEU A 239 -18.23 4.20 -20.77
C LEU A 239 -18.31 2.89 -21.54
N GLN A 240 -17.80 2.87 -22.78
CA GLN A 240 -17.73 1.62 -23.50
C GLN A 240 -16.75 0.65 -22.86
N SER A 241 -15.78 1.15 -22.11
CA SER A 241 -14.73 0.30 -21.55
C SER A 241 -15.19 -0.46 -20.32
N VAL A 242 -16.27 0.00 -19.66
CA VAL A 242 -16.72 -0.61 -18.43
C VAL A 242 -17.81 -1.65 -18.66
N PHE A 243 -18.15 -1.94 -19.90
CA PHE A 243 -19.13 -2.97 -20.22
C PHE A 243 -18.41 -4.26 -20.55
N PHE A 244 -18.77 -5.33 -19.84
CA PHE A 244 -18.17 -6.64 -20.08
C PHE A 244 -19.28 -7.68 -20.00
N VAL A 245 -18.91 -8.95 -20.09
CA VAL A 245 -19.85 -10.05 -20.04
C VAL A 245 -19.43 -10.98 -18.91
N SER A 246 -20.40 -11.40 -18.10
CA SER A 246 -20.16 -12.23 -16.94
C SER A 246 -19.95 -13.69 -17.36
N PRO A 247 -19.38 -14.51 -16.47
CA PRO A 247 -19.39 -15.96 -16.71
C PRO A 247 -20.80 -16.53 -16.88
N ALA A 248 -21.83 -15.82 -16.41
CA ALA A 248 -23.22 -16.18 -16.64
C ALA A 248 -23.77 -15.62 -17.93
N SER A 249 -22.93 -14.97 -18.74
CA SER A 249 -23.31 -14.42 -20.04
C SER A 249 -24.34 -13.30 -19.89
N ASN A 250 -24.03 -12.34 -19.03
CA ASN A 250 -24.87 -11.18 -18.79
C ASN A 250 -24.09 -9.91 -19.12
N VAL A 251 -24.77 -8.95 -19.74
CA VAL A 251 -24.17 -7.64 -20.00
C VAL A 251 -24.14 -6.86 -18.70
N CYS A 252 -22.95 -6.55 -18.21
CA CYS A 252 -22.77 -5.82 -16.97
C CYS A 252 -21.95 -4.56 -17.19
N PHE A 253 -22.12 -3.60 -16.29
CA PHE A 253 -21.29 -2.41 -16.26
C PHE A 253 -21.16 -1.95 -14.83
N PHE A 254 -20.29 -0.97 -14.60
CA PHE A 254 -19.89 -0.61 -13.24
C PHE A 254 -19.41 0.83 -13.21
N ALA A 255 -19.31 1.38 -12.01
CA ALA A 255 -18.63 2.65 -11.81
C ALA A 255 -17.12 2.41 -11.74
N LYS A 256 -16.35 3.24 -12.46
CA LYS A 256 -14.92 2.99 -12.61
C LYS A 256 -14.20 3.01 -11.26
N CYS A 257 -14.43 4.05 -10.46
CA CYS A 257 -13.67 4.17 -9.21
C CYS A 257 -14.10 3.15 -8.17
N PRO A 258 -15.39 2.99 -7.84
CA PRO A 258 -15.75 1.97 -6.85
C PRO A 258 -15.36 0.57 -7.23
N TYR A 259 -15.37 0.22 -8.52
CA TYR A 259 -14.92 -1.13 -8.88
C TYR A 259 -13.44 -1.30 -8.59
N MET A 260 -12.63 -0.29 -8.88
CA MET A 260 -11.19 -0.39 -8.63
C MET A 260 -10.91 -0.60 -7.14
N CYS A 261 -11.56 0.18 -6.29
CA CYS A 261 -11.35 0.01 -4.86
C CYS A 261 -12.09 -1.19 -4.29
N LYS A 262 -12.84 -1.93 -5.12
CA LYS A 262 -13.58 -3.12 -4.68
C LYS A 262 -14.53 -2.79 -3.53
N THR A 263 -15.08 -1.58 -3.55
CA THR A 263 -16.09 -1.17 -2.58
C THR A 263 -17.50 -1.55 -3.02
N GLU A 264 -17.75 -1.66 -4.31
CA GLU A 264 -19.03 -2.12 -4.80
C GLU A 264 -18.81 -3.12 -5.92
N TYR A 265 -19.90 -3.73 -6.38
CA TYR A 265 -19.83 -4.73 -7.44
C TYR A 265 -20.32 -4.10 -8.75
N ALA A 266 -20.57 -4.94 -9.74
CA ALA A 266 -21.13 -4.47 -10.99
C ALA A 266 -22.65 -4.61 -10.96
N VAL A 267 -23.28 -4.10 -12.00
CA VAL A 267 -24.73 -4.12 -12.16
C VAL A 267 -25.00 -4.84 -13.46
N CYS A 268 -25.55 -6.05 -13.37
CA CYS A 268 -25.79 -6.87 -14.54
C CYS A 268 -27.27 -6.89 -14.95
N GLY A 269 -27.50 -7.00 -16.25
CA GLY A 269 -28.81 -7.36 -16.75
C GLY A 269 -29.03 -8.86 -16.69
N LYS A 270 -30.24 -9.26 -17.10
CA LYS A 270 -30.66 -10.67 -17.10
C LYS A 270 -31.25 -11.03 -18.46
N PRO A 271 -30.39 -11.16 -19.50
CA PRO A 271 -28.97 -10.86 -19.48
C PRO A 271 -28.74 -9.42 -19.92
N HIS A 272 -29.73 -8.84 -20.62
CA HIS A 272 -29.70 -7.44 -21.03
C HIS A 272 -30.63 -6.54 -20.23
N LEU A 273 -31.68 -7.10 -19.63
CA LEU A 273 -32.72 -6.30 -18.99
C LEU A 273 -32.29 -5.89 -17.57
N LEU A 274 -32.33 -4.58 -17.31
CA LEU A 274 -32.04 -4.01 -16.00
C LEU A 274 -32.98 -2.84 -15.74
N GLU A 275 -33.54 -2.78 -14.53
CA GLU A 275 -34.48 -1.71 -14.22
C GLU A 275 -33.77 -0.57 -13.51
N GLY A 276 -34.24 0.65 -13.75
CA GLY A 276 -33.65 1.82 -13.16
C GLY A 276 -34.67 2.92 -12.99
N SER A 277 -34.21 4.07 -12.50
CA SER A 277 -35.07 5.21 -12.22
C SER A 277 -34.53 6.43 -12.94
N LEU A 278 -35.34 7.00 -13.82
CA LEU A 278 -34.97 8.21 -14.56
C LEU A 278 -35.59 9.41 -13.87
N SER A 279 -34.75 10.36 -13.47
CA SER A 279 -35.20 11.58 -12.81
C SER A 279 -35.10 12.72 -13.81
N ALA A 280 -36.22 13.39 -14.08
CA ALA A 280 -36.23 14.43 -15.10
C ALA A 280 -35.22 15.51 -14.76
N PHE A 281 -34.58 16.04 -15.79
CA PHE A 281 -33.51 17.00 -15.61
C PHE A 281 -34.06 18.38 -15.32
N LEU A 282 -33.42 19.08 -14.39
CA LEU A 282 -33.76 20.46 -14.16
C LEU A 282 -33.26 21.31 -15.33
N PRO A 283 -33.75 22.55 -15.46
CA PRO A 283 -33.26 23.41 -16.55
C PRO A 283 -31.76 23.64 -16.45
N SER A 284 -31.17 23.98 -17.60
CA SER A 284 -29.73 24.17 -17.68
C SER A 284 -29.29 25.32 -16.79
N LEU A 285 -28.13 25.14 -16.16
CA LEU A 285 -27.58 26.16 -15.26
C LEU A 285 -27.21 27.44 -15.99
N ASN A 286 -27.15 27.40 -17.32
CA ASN A 286 -26.97 28.62 -18.10
C ASN A 286 -28.26 29.43 -18.18
N LEU A 287 -29.41 28.79 -17.98
CA LEU A 287 -30.71 29.46 -17.99
C LEU A 287 -31.27 29.70 -16.60
N ALA A 288 -30.99 28.79 -15.65
CA ALA A 288 -31.48 28.90 -14.28
C ALA A 288 -30.38 28.45 -13.35
N PRO A 289 -29.49 29.37 -12.93
CA PRO A 289 -28.39 28.98 -12.05
C PRO A 289 -28.90 28.51 -10.70
N ARG A 290 -28.16 27.57 -10.12
CA ARG A 290 -28.53 26.98 -8.84
C ARG A 290 -27.40 27.18 -7.84
N LEU A 291 -27.75 27.03 -6.57
CA LEU A 291 -26.85 27.36 -5.47
C LEU A 291 -26.90 26.21 -4.47
N SER A 292 -25.89 25.35 -4.49
CA SER A 292 -25.79 24.29 -3.49
C SER A 292 -25.44 24.91 -2.14
N VAL A 293 -26.37 24.87 -1.20
CA VAL A 293 -26.20 25.42 0.13
C VAL A 293 -25.99 24.28 1.10
N PRO A 294 -24.98 24.33 1.98
CA PRO A 294 -24.82 23.28 2.99
C PRO A 294 -25.91 23.35 4.03
N ASN A 295 -26.43 22.18 4.39
CA ASN A 295 -27.43 22.10 5.44
C ASN A 295 -26.83 22.56 6.78
N PRO A 296 -27.64 23.17 7.65
CA PRO A 296 -27.18 23.41 9.03
C PRO A 296 -27.15 22.15 9.89
N TRP A 297 -27.79 21.07 9.46
CA TRP A 297 -27.79 19.84 10.22
C TRP A 297 -27.03 18.75 9.47
N ILE A 298 -25.82 19.06 9.03
CA ILE A 298 -25.01 18.03 8.37
C ILE A 298 -24.61 16.98 9.40
N ARG A 299 -24.24 15.81 8.89
CA ARG A 299 -23.64 14.78 9.72
C ARG A 299 -22.11 14.93 9.71
N SER A 300 -21.47 14.22 10.64
CA SER A 300 -20.01 14.25 10.69
C SER A 300 -19.38 13.58 9.47
N TYR A 301 -20.07 12.58 8.89
CA TYR A 301 -19.55 11.78 7.78
C TYR A 301 -18.19 11.18 8.13
N THR A 302 -18.12 10.63 9.34
CA THR A 302 -16.94 9.96 9.85
C THR A 302 -17.38 8.73 10.62
N LEU A 303 -16.42 7.84 10.88
CA LEU A 303 -16.71 6.66 11.68
C LEU A 303 -17.01 6.98 13.14
N ALA A 304 -16.73 8.21 13.59
CA ALA A 304 -17.05 8.65 14.93
C ALA A 304 -17.24 10.16 14.89
N GLY A 305 -17.51 10.75 16.05
CA GLY A 305 -17.69 12.18 16.10
C GLY A 305 -19.10 12.62 15.74
N LYS A 306 -19.64 13.55 16.51
CA LYS A 306 -20.97 14.09 16.29
C LYS A 306 -20.89 15.58 16.05
N GLU A 307 -21.87 16.10 15.33
CA GLU A 307 -21.95 17.52 15.07
C GLU A 307 -22.56 18.24 16.28
N GLU A 308 -22.59 19.58 16.20
CA GLU A 308 -23.05 20.39 17.32
C GLU A 308 -24.52 20.12 17.63
N TRP A 309 -25.36 20.03 16.58
CA TRP A 309 -26.79 19.77 16.77
C TRP A 309 -27.04 18.39 17.36
N GLU A 310 -26.12 17.44 17.14
CA GLU A 310 -26.31 16.11 17.69
C GLU A 310 -26.17 16.06 19.21
N VAL A 311 -25.62 17.10 19.83
CA VAL A 311 -25.32 17.07 21.26
C VAL A 311 -26.04 18.19 22.00
N ASN A 312 -26.24 19.33 21.33
CA ASN A 312 -26.84 20.49 21.97
C ASN A 312 -28.31 20.60 21.57
N PRO A 313 -29.25 20.34 22.49
CA PRO A 313 -30.67 20.51 22.14
C PRO A 313 -31.06 21.96 21.86
N LEU A 314 -30.21 22.93 22.22
CA LEU A 314 -30.46 24.34 21.95
C LEU A 314 -29.78 24.80 20.66
N TYR A 315 -29.56 23.88 19.72
CA TYR A 315 -28.83 24.21 18.50
C TYR A 315 -29.57 25.25 17.67
N CYS A 316 -30.89 25.14 17.59
CA CYS A 316 -31.66 26.05 16.74
C CYS A 316 -31.74 27.46 17.30
N ASP A 317 -31.52 27.63 18.61
CA ASP A 317 -31.45 28.98 19.15
C ASP A 317 -30.30 29.77 18.53
N THR A 318 -29.22 29.08 18.15
CA THR A 318 -28.14 29.72 17.42
C THR A 318 -28.51 29.90 15.95
N VAL A 319 -29.14 28.89 15.36
CA VAL A 319 -29.44 28.92 13.93
C VAL A 319 -30.39 30.08 13.62
N LYS A 320 -31.35 30.33 14.50
CA LYS A 320 -32.34 31.38 14.28
C LYS A 320 -31.71 32.77 14.24
N GLN A 321 -30.45 32.92 14.63
CA GLN A 321 -29.80 34.22 14.66
C GLN A 321 -28.68 34.35 13.63
N ILE A 322 -28.65 33.46 12.63
CA ILE A 322 -27.64 33.46 11.58
C ILE A 322 -28.33 33.68 10.25
N TYR A 323 -27.84 34.65 9.48
CA TYR A 323 -28.37 34.90 8.15
C TYR A 323 -28.02 33.72 7.23
N PRO A 324 -28.92 33.34 6.30
CA PRO A 324 -30.22 33.95 6.03
C PRO A 324 -31.38 33.27 6.73
N TYR A 325 -31.12 32.63 7.87
CA TYR A 325 -32.16 32.00 8.67
C TYR A 325 -32.79 32.96 9.67
N ASN A 326 -32.37 34.23 9.65
CA ASN A 326 -32.95 35.25 10.51
C ASN A 326 -34.31 35.72 10.03
N ASN A 327 -34.60 35.58 8.74
CA ASN A 327 -35.89 35.98 8.17
C ASN A 327 -37.02 35.05 8.56
N SER A 328 -36.72 33.91 9.19
CA SER A 328 -37.71 32.94 9.67
C SER A 328 -38.60 32.39 8.55
N GLN A 329 -38.16 32.50 7.31
CA GLN A 329 -38.85 31.91 6.16
C GLN A 329 -38.03 30.83 5.48
N ARG A 330 -36.70 30.98 5.44
CA ARG A 330 -35.83 29.91 4.95
C ARG A 330 -35.82 28.73 5.90
N LEU A 331 -35.86 29.01 7.21
CA LEU A 331 -35.85 27.93 8.20
C LEU A 331 -37.08 27.05 8.05
N LEU A 332 -38.22 27.64 7.71
CA LEU A 332 -39.44 26.84 7.56
C LEU A 332 -39.30 25.86 6.41
N ASN A 333 -38.67 26.30 5.31
CA ASN A 333 -38.46 25.40 4.19
C ASN A 333 -37.52 24.25 4.56
N VAL A 334 -36.57 24.50 5.47
CA VAL A 334 -35.70 23.41 5.91
C VAL A 334 -36.48 22.43 6.77
N ILE A 335 -37.47 22.92 7.51
CA ILE A 335 -38.32 22.06 8.33
C ILE A 335 -39.08 21.09 7.44
N ASP A 336 -39.67 21.59 6.35
CA ASP A 336 -40.37 20.72 5.42
C ASP A 336 -39.43 19.66 4.85
N MET A 337 -38.22 20.08 4.45
CA MET A 337 -37.24 19.12 3.95
C MET A 337 -36.91 18.08 5.00
N ALA A 338 -36.84 18.48 6.26
CA ALA A 338 -36.59 17.51 7.33
C ALA A 338 -37.74 16.50 7.40
N ILE A 339 -38.97 16.99 7.31
CA ILE A 339 -40.13 16.11 7.37
C ILE A 339 -40.07 15.12 6.22
N PHE A 340 -39.78 15.62 5.02
CA PHE A 340 -39.73 14.76 3.85
C PHE A 340 -38.61 13.72 3.97
N ASP A 341 -37.48 14.10 4.57
CA ASP A 341 -36.40 13.14 4.73
C ASP A 341 -36.72 12.12 5.81
N PHE A 342 -37.35 12.57 6.89
CA PHE A 342 -37.69 11.62 7.96
C PHE A 342 -38.71 10.60 7.48
N LEU A 343 -39.63 11.02 6.62
CA LEU A 343 -40.59 10.07 6.08
C LEU A 343 -39.91 8.97 5.28
N ILE A 344 -38.87 9.31 4.52
CA ILE A 344 -38.15 8.33 3.71
C ILE A 344 -36.89 7.81 4.39
N GLY A 345 -36.46 8.41 5.49
CA GLY A 345 -35.24 7.98 6.17
C GLY A 345 -33.97 8.36 5.43
N ASN A 346 -33.90 9.59 4.92
CA ASN A 346 -32.76 10.05 4.14
C ASN A 346 -31.87 10.81 5.10
N MET A 347 -30.91 10.10 5.69
CA MET A 347 -29.96 10.77 6.58
C MET A 347 -28.98 11.62 5.78
N ASP A 348 -28.76 11.28 4.51
CA ASP A 348 -27.75 11.91 3.67
C ASP A 348 -28.33 13.11 2.94
N ARG A 349 -28.55 14.19 3.68
CA ARG A 349 -28.96 15.46 3.10
C ARG A 349 -27.97 16.54 3.54
N HIS A 350 -26.74 16.44 3.02
CA HIS A 350 -25.70 17.40 3.38
C HIS A 350 -25.92 18.77 2.73
N HIS A 351 -26.49 18.80 1.53
CA HIS A 351 -26.69 20.05 0.82
C HIS A 351 -28.07 20.06 0.17
N TYR A 352 -28.70 21.22 0.19
CA TYR A 352 -29.95 21.44 -0.51
C TYR A 352 -29.76 22.56 -1.53
N GLU A 353 -30.26 22.36 -2.74
CA GLU A 353 -30.06 23.31 -3.82
C GLU A 353 -31.26 24.24 -3.95
N MET A 354 -31.00 25.44 -4.47
CA MET A 354 -32.01 26.47 -4.63
C MET A 354 -31.84 27.14 -5.98
N PHE A 355 -32.94 27.69 -6.51
CA PHE A 355 -32.89 28.51 -7.71
C PHE A 355 -32.60 29.96 -7.30
N THR A 356 -31.51 30.53 -7.83
CA THR A 356 -31.06 31.85 -7.41
C THR A 356 -32.05 32.95 -7.76
N LYS A 357 -32.91 32.75 -8.75
CA LYS A 357 -33.88 33.77 -9.16
C LYS A 357 -34.91 34.04 -8.07
N PHE A 358 -35.23 33.04 -7.26
CA PHE A 358 -36.30 33.13 -6.29
C PHE A 358 -35.88 33.70 -4.94
N GLY A 359 -34.58 33.86 -4.70
CA GLY A 359 -34.14 34.55 -3.51
C GLY A 359 -34.11 33.65 -2.29
N ASP A 360 -33.87 34.29 -1.14
CA ASP A 360 -33.73 33.57 0.12
C ASP A 360 -35.01 32.84 0.51
N ASP A 361 -36.17 33.35 0.09
CA ASP A 361 -37.43 32.72 0.40
C ASP A 361 -37.80 31.62 -0.58
N GLY A 362 -36.95 31.35 -1.56
CA GLY A 362 -37.25 30.33 -2.54
C GLY A 362 -37.33 28.94 -1.93
N PHE A 363 -38.07 28.08 -2.63
CA PHE A 363 -38.23 26.71 -2.19
C PHE A 363 -36.94 25.94 -2.42
N LEU A 364 -36.84 24.80 -1.75
CA LEU A 364 -35.66 23.95 -1.82
C LEU A 364 -35.91 22.79 -2.76
N ILE A 365 -34.88 22.40 -3.50
CA ILE A 365 -34.96 21.28 -4.42
C ILE A 365 -34.42 20.04 -3.70
N HIS A 366 -35.22 18.97 -3.70
CA HIS A 366 -34.82 17.73 -3.04
C HIS A 366 -34.35 16.77 -4.13
N LEU A 367 -33.08 16.92 -4.53
CA LEU A 367 -32.58 16.29 -5.75
C LEU A 367 -32.32 14.80 -5.60
N ASP A 368 -31.34 14.43 -4.80
CA ASP A 368 -30.87 13.05 -4.73
C ASP A 368 -31.44 12.42 -3.46
N ASN A 369 -32.49 11.63 -3.62
CA ASN A 369 -33.16 10.94 -2.52
C ASN A 369 -32.94 9.44 -2.54
N ALA A 370 -31.99 8.96 -3.34
CA ALA A 370 -31.82 7.54 -3.60
C ALA A 370 -31.40 6.73 -2.38
N ARG A 371 -31.16 7.37 -1.22
CA ARG A 371 -30.70 6.66 -0.04
C ARG A 371 -31.82 6.30 0.94
N GLY A 372 -32.89 7.09 0.96
CA GLY A 372 -34.03 6.77 1.80
C GLY A 372 -34.64 5.42 1.50
N PHE A 373 -35.66 5.05 2.26
CA PHE A 373 -36.38 3.79 2.07
C PHE A 373 -35.41 2.61 2.13
N GLY A 374 -34.61 2.59 3.18
CA GLY A 374 -33.68 1.50 3.35
C GLY A 374 -33.88 0.75 4.66
N ARG A 375 -34.55 1.38 5.61
CA ARG A 375 -34.83 0.77 6.92
C ARG A 375 -36.32 0.91 7.18
N HIS A 376 -37.07 -0.15 6.93
CA HIS A 376 -38.49 -0.14 7.21
C HIS A 376 -38.80 -0.49 8.66
N SER A 377 -37.83 -1.03 9.38
CA SER A 377 -38.01 -1.42 10.77
C SER A 377 -37.43 -0.39 11.74
N HIS A 378 -36.73 0.62 11.25
CA HIS A 378 -36.11 1.62 12.09
C HIS A 378 -36.53 3.01 11.63
N ASP A 379 -36.75 3.90 12.59
CA ASP A 379 -37.06 5.30 12.33
C ASP A 379 -35.96 6.13 12.96
N GLU A 380 -35.27 6.92 12.14
CA GLU A 380 -34.17 7.73 12.63
C GLU A 380 -34.70 9.12 13.00
N ILE A 381 -34.89 9.34 14.30
CA ILE A 381 -35.49 10.59 14.77
C ILE A 381 -34.51 11.75 14.69
N SER A 382 -33.20 11.48 14.58
CA SER A 382 -32.25 12.56 14.44
C SER A 382 -32.49 13.35 13.16
N ILE A 383 -33.09 12.75 12.14
CA ILE A 383 -33.44 13.50 10.94
C ILE A 383 -34.45 14.57 11.28
N LEU A 384 -35.36 14.28 12.20
CA LEU A 384 -36.40 15.20 12.62
C LEU A 384 -35.88 16.29 13.57
N SER A 385 -34.57 16.33 13.79
CA SER A 385 -34.00 17.32 14.71
C SER A 385 -34.40 18.77 14.41
N PRO A 386 -34.51 19.22 13.15
CA PRO A 386 -34.94 20.62 12.94
C PRO A 386 -36.29 20.92 13.57
N LEU A 387 -37.27 20.05 13.35
CA LEU A 387 -38.58 20.25 13.97
C LEU A 387 -38.52 20.05 15.47
N SER A 388 -37.69 19.09 15.92
CA SER A 388 -37.58 18.83 17.35
C SER A 388 -37.04 20.04 18.10
N GLN A 389 -36.01 20.68 17.56
CA GLN A 389 -35.31 21.73 18.29
C GLN A 389 -35.85 23.12 17.98
N CYS A 390 -36.14 23.43 16.71
CA CYS A 390 -36.68 24.75 16.40
C CYS A 390 -38.11 24.90 16.88
N CYS A 391 -38.89 23.82 16.77
CA CYS A 391 -40.29 23.78 17.16
C CYS A 391 -41.08 24.92 16.48
N MET A 392 -41.21 24.76 15.17
CA MET A 392 -42.11 25.58 14.35
C MET A 392 -42.29 24.94 12.97
N ILE A 393 -43.53 24.88 12.49
CA ILE A 393 -43.88 24.24 11.23
C ILE A 393 -44.87 25.13 10.48
N LYS A 394 -44.83 25.06 9.15
CA LYS A 394 -45.70 25.87 8.31
C LYS A 394 -47.16 25.41 8.42
N LYS A 395 -48.06 26.39 8.33
CA LYS A 395 -49.49 26.10 8.45
C LYS A 395 -49.92 25.06 7.42
N LYS A 396 -49.60 25.34 6.14
CA LYS A 396 -49.97 24.43 5.05
C LYS A 396 -49.40 23.02 5.26
N THR A 397 -48.14 22.93 5.68
CA THR A 397 -47.53 21.62 5.85
C THR A 397 -48.23 20.82 6.93
N LEU A 398 -48.63 21.48 8.01
CA LEU A 398 -49.27 20.77 9.12
C LEU A 398 -50.65 20.25 8.72
N LEU A 399 -51.39 21.04 7.93
CA LEU A 399 -52.73 20.63 7.51
C LEU A 399 -52.68 19.41 6.60
N HIS A 400 -51.72 19.37 5.67
CA HIS A 400 -51.59 18.21 4.80
C HIS A 400 -51.17 16.97 5.58
N LEU A 401 -50.36 17.15 6.63
CA LEU A 401 -49.94 16.02 7.45
C LEU A 401 -51.09 15.50 8.29
N GLN A 402 -51.87 16.39 8.91
CA GLN A 402 -53.02 15.97 9.69
C GLN A 402 -54.02 15.21 8.82
N LEU A 403 -54.26 15.71 7.61
CA LEU A 403 -55.21 15.07 6.70
C LEU A 403 -54.75 13.67 6.33
N LEU A 404 -53.46 13.50 6.05
CA LEU A 404 -52.94 12.20 5.67
C LEU A 404 -52.90 11.21 6.83
N ALA A 405 -53.32 11.61 8.02
CA ALA A 405 -53.41 10.69 9.15
C ALA A 405 -54.79 10.07 9.29
N GLN A 406 -55.78 10.60 8.59
CA GLN A 406 -57.15 10.10 8.66
C GLN A 406 -57.31 8.95 7.67
N ALA A 407 -58.07 7.93 8.08
CA ALA A 407 -58.15 6.69 7.30
C ALA A 407 -58.70 6.92 5.90
N ASP A 408 -59.52 7.97 5.72
CA ASP A 408 -60.09 8.25 4.40
C ASP A 408 -59.02 8.64 3.38
N TYR A 409 -57.92 9.20 3.84
CA TYR A 409 -56.80 9.56 2.99
C TYR A 409 -55.49 9.27 3.72
N ARG A 410 -55.33 8.05 4.23
CA ARG A 410 -54.14 7.75 4.99
C ARG A 410 -52.91 7.63 4.07
N LEU A 411 -51.75 8.01 4.62
CA LEU A 411 -50.57 8.20 3.80
C LEU A 411 -50.13 6.91 3.12
N SER A 412 -50.31 5.77 3.77
CA SER A 412 -49.86 4.52 3.17
C SER A 412 -50.71 4.14 1.97
N ASP A 413 -52.02 4.35 2.06
CA ASP A 413 -52.90 3.89 0.99
C ASP A 413 -52.78 4.77 -0.26
N VAL A 414 -52.66 6.09 -0.09
CA VAL A 414 -52.54 6.99 -1.24
C VAL A 414 -51.19 6.83 -1.93
N MET A 415 -50.15 6.46 -1.17
CA MET A 415 -48.86 6.15 -1.78
C MET A 415 -48.91 4.82 -2.51
N ARG A 416 -49.45 3.78 -1.85
CA ARG A 416 -49.58 2.48 -2.48
C ARG A 416 -50.28 2.57 -3.82
N GLU A 417 -51.33 3.37 -3.90
CA GLU A 417 -52.08 3.49 -5.15
C GLU A 417 -51.30 4.29 -6.19
N SER A 418 -50.72 5.43 -5.77
CA SER A 418 -49.98 6.29 -6.71
C SER A 418 -48.81 5.55 -7.32
N LEU A 419 -48.16 4.67 -6.57
CA LEU A 419 -47.01 3.94 -7.07
C LEU A 419 -47.40 2.81 -8.02
N LEU A 420 -48.68 2.50 -8.15
CA LEU A 420 -49.08 1.44 -9.07
C LEU A 420 -48.99 1.86 -10.53
N GLU A 421 -49.02 3.18 -10.81
CA GLU A 421 -48.94 3.70 -12.18
C GLU A 421 -47.53 3.61 -12.76
N ASP A 422 -46.60 3.01 -12.04
CA ASP A 422 -45.23 2.88 -12.50
C ASP A 422 -44.95 1.47 -12.98
N GLN A 423 -44.08 1.36 -13.99
CA GLN A 423 -43.74 0.07 -14.56
C GLN A 423 -43.04 -0.83 -13.57
N LEU A 424 -42.40 -0.27 -12.55
CA LEU A 424 -41.65 -1.04 -11.58
C LEU A 424 -42.48 -1.43 -10.35
N SER A 425 -43.81 -1.38 -10.45
CA SER A 425 -44.63 -1.75 -9.32
C SER A 425 -44.48 -3.23 -9.01
N PRO A 426 -44.37 -3.61 -7.72
CA PRO A 426 -44.42 -2.71 -6.58
C PRO A 426 -43.08 -2.04 -6.26
N VAL A 427 -43.06 -0.70 -6.22
CA VAL A 427 -41.80 -0.02 -5.97
C VAL A 427 -41.45 0.02 -4.48
N LEU A 428 -42.45 -0.07 -3.60
CA LEU A 428 -42.22 -0.12 -2.17
C LEU A 428 -42.90 -1.35 -1.61
N THR A 429 -42.17 -2.10 -0.77
CA THR A 429 -42.75 -3.25 -0.09
C THR A 429 -43.74 -2.78 0.98
N GLU A 430 -44.47 -3.74 1.54
CA GLU A 430 -45.48 -3.39 2.52
C GLU A 430 -44.93 -2.78 3.81
N PRO A 431 -43.84 -3.30 4.41
CA PRO A 431 -43.31 -2.62 5.60
C PRO A 431 -42.93 -1.17 5.36
N HIS A 432 -42.45 -0.83 4.17
CA HIS A 432 -42.09 0.55 3.88
C HIS A 432 -43.32 1.44 3.84
N LEU A 433 -44.40 0.98 3.20
CA LEU A 433 -45.61 1.79 3.08
C LEU A 433 -46.23 2.07 4.45
N LEU A 434 -46.38 1.02 5.26
CA LEU A 434 -46.96 1.19 6.59
C LEU A 434 -46.06 2.05 7.48
N ALA A 435 -44.75 2.03 7.22
CA ALA A 435 -43.82 2.83 8.01
C ALA A 435 -44.09 4.31 7.86
N LEU A 436 -44.59 4.72 6.69
CA LEU A 436 -44.94 6.12 6.50
C LEU A 436 -45.98 6.57 7.51
N ASP A 437 -46.98 5.72 7.77
CA ASP A 437 -48.02 6.05 8.73
C ASP A 437 -47.43 6.28 10.11
N ARG A 438 -46.62 5.32 10.58
CA ARG A 438 -46.02 5.44 11.90
C ARG A 438 -45.10 6.66 12.00
N ARG A 439 -44.28 6.88 10.96
CA ARG A 439 -43.42 8.05 10.94
C ARG A 439 -44.24 9.33 10.85
N LEU A 440 -45.44 9.27 10.27
CA LEU A 440 -46.32 10.43 10.24
C LEU A 440 -46.82 10.78 11.64
N GLN A 441 -47.18 9.75 12.42
CA GLN A 441 -47.60 10.00 13.79
C GLN A 441 -46.50 10.68 14.58
N THR A 442 -45.26 10.20 14.42
CA THR A 442 -44.13 10.77 15.13
C THR A 442 -43.95 12.25 14.80
N ILE A 443 -44.23 12.63 13.56
CA ILE A 443 -44.15 14.04 13.19
C ILE A 443 -45.26 14.82 13.88
N LEU A 444 -46.48 14.29 13.83
CA LEU A 444 -47.61 14.97 14.46
C LEU A 444 -47.43 15.02 15.96
N ARG A 445 -46.97 13.91 16.56
CA ARG A 445 -46.74 13.90 18.00
C ARG A 445 -45.71 14.93 18.40
N THR A 446 -44.69 15.15 17.57
CA THR A 446 -43.69 16.17 17.89
C THR A 446 -44.29 17.57 17.81
N VAL A 447 -45.16 17.80 16.82
CA VAL A 447 -45.79 19.13 16.69
C VAL A 447 -46.65 19.44 17.92
N GLU A 448 -47.60 18.55 18.21
CA GLU A 448 -48.44 18.76 19.39
C GLU A 448 -47.63 18.62 20.66
N GLY A 449 -46.54 17.86 20.61
CA GLY A 449 -45.73 17.67 21.81
C GLY A 449 -45.05 18.96 22.23
N CYS A 450 -44.38 19.62 21.30
CA CYS A 450 -43.70 20.87 21.61
C CYS A 450 -44.61 22.09 21.46
N ILE A 451 -45.88 21.89 21.11
CA ILE A 451 -46.86 22.98 21.24
C ILE A 451 -47.09 23.32 22.71
N VAL A 452 -47.06 22.31 23.58
CA VAL A 452 -47.28 22.50 25.00
C VAL A 452 -46.23 23.40 25.61
N ALA A 453 -45.05 23.48 25.00
CA ALA A 453 -43.94 24.28 25.51
C ALA A 453 -43.87 25.67 24.89
N HIS A 454 -44.57 25.92 23.79
CA HIS A 454 -44.52 27.23 23.14
C HIS A 454 -45.89 27.77 22.73
N GLY A 455 -46.94 26.96 22.69
CA GLY A 455 -48.24 27.38 22.24
C GLY A 455 -48.33 27.50 20.73
N GLN A 456 -49.57 27.59 20.24
CA GLN A 456 -49.79 27.73 18.80
C GLN A 456 -49.30 29.07 18.24
N GLN A 457 -48.81 29.98 19.09
CA GLN A 457 -48.25 31.24 18.62
C GLN A 457 -46.98 31.01 17.80
N SER A 458 -46.01 30.30 18.40
CA SER A 458 -44.69 30.13 17.81
C SER A 458 -44.47 28.77 17.18
N VAL A 459 -45.49 27.90 17.13
CA VAL A 459 -45.34 26.61 16.48
C VAL A 459 -46.17 26.51 15.21
N ILE A 460 -46.99 27.51 14.89
CA ILE A 460 -47.75 27.55 13.65
C ILE A 460 -47.55 28.92 13.02
N VAL A 461 -47.05 28.93 11.79
CA VAL A 461 -46.70 30.15 11.07
C VAL A 461 -47.59 30.21 9.84
N ASP A 462 -48.76 30.80 10.00
CA ASP A 462 -49.74 30.88 8.92
C ASP A 462 -49.45 32.04 7.98
N GLY A 463 -48.19 32.20 7.56
CA GLY A 463 -47.85 33.20 6.58
C GLY A 463 -48.55 32.95 5.26
N PRO A 464 -48.72 34.01 4.45
CA PRO A 464 -49.45 33.88 3.18
C PRO A 464 -48.66 33.16 2.09
N SER B 134 -16.91 -44.75 12.40
CA SER B 134 -16.86 -46.09 11.83
C SER B 134 -16.36 -46.03 10.38
N VAL B 135 -16.99 -45.17 9.58
CA VAL B 135 -16.62 -45.05 8.17
C VAL B 135 -15.18 -44.60 8.04
N LEU B 136 -14.81 -43.53 8.75
CA LEU B 136 -13.43 -43.05 8.74
C LEU B 136 -12.50 -44.09 9.33
N GLN B 137 -12.92 -44.74 10.41
CA GLN B 137 -12.14 -45.83 10.98
C GLN B 137 -11.90 -46.92 9.95
N SER B 138 -12.92 -47.24 9.15
CA SER B 138 -12.80 -48.31 8.15
C SER B 138 -11.97 -47.84 6.96
N LEU B 139 -12.09 -46.57 6.59
CA LEU B 139 -11.35 -46.06 5.43
C LEU B 139 -9.85 -46.24 5.63
N PHE B 140 -9.33 -45.74 6.76
CA PHE B 140 -7.91 -45.92 7.05
C PHE B 140 -7.58 -47.38 7.31
N GLU B 141 -8.58 -48.21 7.58
CA GLU B 141 -8.38 -49.65 7.73
C GLU B 141 -8.35 -50.38 6.40
N HIS B 142 -8.64 -49.68 5.29
CA HIS B 142 -8.58 -50.28 3.97
C HIS B 142 -7.13 -50.65 3.64
N PRO B 143 -6.92 -51.59 2.71
CA PRO B 143 -5.56 -51.86 2.22
C PRO B 143 -5.05 -50.87 1.19
N LEU B 144 -5.86 -49.91 0.76
CA LEU B 144 -5.44 -48.88 -0.16
C LEU B 144 -4.94 -47.63 0.54
N TYR B 145 -4.91 -47.65 1.88
CA TYR B 145 -4.46 -46.52 2.67
C TYR B 145 -3.27 -46.87 3.56
N ARG B 146 -2.72 -48.08 3.44
CA ARG B 146 -1.58 -48.48 4.25
C ARG B 146 -0.29 -48.58 3.45
N THR B 147 -0.32 -48.26 2.17
CA THR B 147 0.87 -48.25 1.32
C THR B 147 1.94 -47.29 1.85
N VAL B 148 3.01 -47.82 2.44
CA VAL B 148 4.06 -46.97 2.98
C VAL B 148 4.87 -46.34 1.85
N LEU B 149 5.48 -45.20 2.14
CA LEU B 149 6.41 -44.58 1.20
C LEU B 149 7.66 -45.43 1.04
N PRO B 150 8.39 -45.27 -0.06
CA PRO B 150 9.71 -45.92 -0.16
C PRO B 150 10.62 -45.50 0.98
N ASP B 151 11.78 -46.16 1.04
CA ASP B 151 12.79 -45.80 2.03
C ASP B 151 13.21 -44.34 1.84
N LEU B 152 13.94 -43.83 2.82
CA LEU B 152 14.37 -42.45 2.77
C LEU B 152 15.89 -42.39 2.65
N THR B 153 16.42 -41.18 2.80
CA THR B 153 17.85 -40.88 2.74
C THR B 153 18.03 -39.45 3.19
N GLU B 154 19.19 -39.17 3.80
CA GLU B 154 19.47 -37.81 4.27
C GLU B 154 19.28 -36.78 3.16
N GLU B 155 19.38 -37.19 1.90
CA GLU B 155 19.07 -36.31 0.78
C GLU B 155 17.58 -36.06 0.64
N ASP B 156 16.73 -36.88 1.28
CA ASP B 156 15.28 -36.71 1.21
C ASP B 156 14.71 -35.90 2.36
N THR B 157 15.48 -35.65 3.40
CA THR B 157 15.05 -34.73 4.45
C THR B 157 15.06 -33.29 3.94
N LEU B 158 14.33 -32.43 4.65
CA LEU B 158 14.30 -31.03 4.24
C LEU B 158 15.48 -30.27 4.83
N PHE B 159 15.69 -30.39 6.13
CA PHE B 159 16.77 -29.70 6.83
C PHE B 159 17.04 -30.44 8.13
N ASN B 160 18.27 -30.36 8.60
CA ASN B 160 18.70 -31.08 9.79
C ASN B 160 18.28 -30.32 11.05
N LEU B 161 17.09 -30.67 11.56
CA LEU B 161 16.51 -30.21 12.83
C LEU B 161 17.41 -29.33 13.71
N ASN B 162 18.66 -29.75 13.93
CA ASN B 162 19.60 -28.94 14.70
C ASN B 162 19.84 -27.57 14.09
N ALA B 163 19.36 -27.32 12.88
CA ALA B 163 19.59 -26.06 12.18
C ALA B 163 18.36 -25.17 12.12
N GLU B 164 17.18 -25.67 12.45
CA GLU B 164 16.04 -24.78 12.61
C GLU B 164 15.90 -24.27 14.04
N ILE B 165 16.31 -25.07 15.02
CA ILE B 165 16.29 -24.64 16.41
C ILE B 165 17.29 -23.54 16.69
N ARG B 166 18.21 -23.29 15.78
CA ARG B 166 19.22 -22.25 15.93
C ARG B 166 18.76 -20.94 15.32
N LEU B 167 17.56 -20.90 14.73
CA LEU B 167 17.02 -19.67 14.16
C LEU B 167 16.11 -18.93 15.13
N TYR B 168 15.63 -19.62 16.13
CA TYR B 168 14.72 -19.08 17.12
C TYR B 168 15.51 -18.63 18.34
N PRO B 169 14.95 -17.74 19.15
CA PRO B 169 15.66 -17.25 20.34
C PRO B 169 16.00 -18.35 21.33
N LYS B 170 16.68 -17.98 22.41
CA LYS B 170 17.05 -18.97 23.41
C LYS B 170 15.83 -19.59 24.11
N ALA B 171 14.60 -19.13 23.81
CA ALA B 171 13.35 -19.70 24.33
C ALA B 171 13.22 -19.59 25.84
N ALA B 172 12.01 -19.82 26.36
CA ALA B 172 11.75 -19.75 27.80
C ALA B 172 11.05 -21.03 28.27
N SER B 196 12.99 -36.64 24.87
CA SER B 196 13.73 -35.71 24.03
C SER B 196 12.76 -34.97 23.09
N GLU B 197 11.68 -35.64 22.72
CA GLU B 197 10.73 -35.12 21.72
C GLU B 197 9.65 -34.26 22.38
N SER B 198 10.06 -33.36 23.27
CA SER B 198 9.17 -32.39 23.88
C SER B 198 9.12 -31.07 23.11
N TYR B 199 9.63 -31.05 21.89
CA TYR B 199 9.55 -29.87 21.05
C TYR B 199 8.10 -29.61 20.68
N PRO B 200 7.72 -28.34 20.52
CA PRO B 200 6.34 -28.02 20.20
C PRO B 200 5.88 -28.71 18.93
N ASN B 201 4.55 -28.88 18.82
CA ASN B 201 4.01 -29.63 17.69
C ASN B 201 4.32 -28.97 16.36
N TRP B 202 4.38 -27.65 16.31
CA TRP B 202 4.70 -26.99 15.04
C TRP B 202 6.12 -27.28 14.60
N LEU B 203 6.98 -27.72 15.52
CA LEU B 203 8.34 -28.09 15.16
C LEU B 203 8.42 -29.53 14.70
N ARG B 204 7.77 -30.43 15.44
CA ARG B 204 7.68 -31.82 14.99
C ARG B 204 7.03 -31.90 13.62
N PHE B 205 6.12 -30.96 13.32
CA PHE B 205 5.49 -30.91 12.00
C PHE B 205 6.51 -30.54 10.92
N HIS B 206 7.41 -29.60 11.22
CA HIS B 206 8.35 -29.12 10.21
C HIS B 206 9.39 -30.19 9.86
N ILE B 207 9.95 -30.87 10.86
CA ILE B 207 11.00 -31.84 10.60
C ILE B 207 10.44 -33.06 9.86
N GLY B 208 9.14 -33.29 9.92
CA GLY B 208 8.53 -34.42 9.23
C GLY B 208 8.26 -34.21 7.76
N ILE B 209 8.45 -32.99 7.24
CA ILE B 209 8.25 -32.71 5.83
C ILE B 209 9.37 -33.36 5.04
N ASN B 210 9.11 -34.53 4.48
CA ASN B 210 10.09 -35.21 3.65
C ASN B 210 9.74 -35.03 2.17
N ARG B 211 10.47 -35.74 1.30
CA ARG B 211 10.33 -35.58 -0.14
C ARG B 211 8.92 -35.92 -0.63
N TYR B 212 8.32 -36.96 -0.07
CA TYR B 212 7.05 -37.46 -0.63
C TYR B 212 5.86 -36.80 0.03
N GLU B 213 5.50 -37.25 1.23
CA GLU B 213 4.37 -36.67 1.95
C GLU B 213 4.82 -35.42 2.71
N LEU B 214 3.84 -34.57 3.05
CA LEU B 214 4.07 -33.44 3.93
C LEU B 214 3.93 -33.83 5.41
N TYR B 215 3.33 -34.97 5.71
CA TYR B 215 3.16 -35.50 7.06
C TYR B 215 2.71 -36.95 6.98
N SER B 216 3.17 -37.77 7.92
CA SER B 216 2.84 -39.20 7.93
C SER B 216 1.33 -39.40 7.98
N ARG B 217 0.89 -40.61 7.58
CA ARG B 217 -0.53 -40.87 7.42
C ARG B 217 -1.31 -40.62 8.70
N HIS B 218 -0.98 -41.33 9.77
CA HIS B 218 -1.67 -41.17 11.04
C HIS B 218 -0.66 -40.69 12.08
N ASN B 219 -0.21 -39.44 11.91
CA ASN B 219 0.71 -38.84 12.86
C ASN B 219 -0.02 -38.44 14.14
N PRO B 220 0.63 -38.57 15.29
CA PRO B 220 0.02 -38.08 16.53
C PRO B 220 0.19 -36.58 16.73
N VAL B 221 1.06 -35.95 15.95
CA VAL B 221 1.29 -34.51 16.10
C VAL B 221 0.34 -33.71 15.23
N ILE B 222 0.14 -34.14 13.99
CA ILE B 222 -0.78 -33.45 13.10
C ILE B 222 -2.16 -33.37 13.72
N ALA B 223 -2.56 -34.41 14.45
CA ALA B 223 -3.79 -34.33 15.22
C ALA B 223 -3.65 -33.32 16.35
N ALA B 224 -2.53 -33.38 17.08
CA ALA B 224 -2.32 -32.45 18.19
C ALA B 224 -1.99 -31.05 17.71
N LEU B 225 -1.37 -30.93 16.53
CA LEU B 225 -1.09 -29.60 16.00
C LEU B 225 -2.39 -28.84 15.74
N LEU B 226 -3.42 -29.54 15.26
CA LEU B 226 -4.72 -28.91 15.07
C LEU B 226 -5.29 -28.41 16.39
N ARG B 227 -5.09 -29.17 17.48
CA ARG B 227 -5.60 -28.80 18.79
C ARG B 227 -4.92 -27.54 19.30
N ASP B 228 -3.62 -27.37 19.02
CA ASP B 228 -2.90 -26.19 19.47
C ASP B 228 -3.50 -24.94 18.87
N LEU B 229 -3.72 -24.93 17.56
CA LEU B 229 -4.26 -23.76 16.90
C LEU B 229 -5.64 -23.40 17.44
N LEU B 230 -6.41 -24.40 17.88
CA LEU B 230 -7.76 -24.16 18.39
C LEU B 230 -7.73 -23.32 19.65
N SER B 231 -6.73 -23.53 20.52
CA SER B 231 -6.80 -23.04 21.88
C SER B 231 -5.55 -22.33 22.39
N GLN B 232 -4.41 -22.39 21.70
CA GLN B 232 -3.21 -21.75 22.22
C GLN B 232 -3.39 -20.23 22.25
N LYS B 233 -2.67 -19.58 23.16
CA LYS B 233 -2.84 -18.15 23.39
C LYS B 233 -2.18 -17.34 22.29
N ILE B 234 -2.87 -16.30 21.83
CA ILE B 234 -2.36 -15.44 20.77
C ILE B 234 -1.37 -14.47 21.38
N SER B 235 -0.14 -14.45 20.85
CA SER B 235 0.89 -13.57 21.37
C SER B 235 0.98 -12.26 20.60
N SER B 236 1.12 -12.33 19.28
CA SER B 236 1.21 -11.14 18.44
C SER B 236 0.49 -11.38 17.13
N VAL B 237 -0.11 -10.31 16.60
CA VAL B 237 -0.85 -10.36 15.35
C VAL B 237 -0.29 -9.32 14.40
N GLY B 238 -0.03 -9.72 13.16
CA GLY B 238 0.50 -8.84 12.16
C GLY B 238 -0.15 -9.09 10.82
N MET B 239 -0.30 -8.01 10.06
CA MET B 239 -0.93 -8.09 8.74
C MET B 239 0.13 -8.40 7.68
N LYS B 240 -0.21 -9.32 6.77
CA LYS B 240 0.65 -9.64 5.63
C LYS B 240 0.46 -8.63 4.50
N SER B 241 1.51 -8.44 3.71
CA SER B 241 1.43 -7.55 2.56
C SER B 241 1.55 -8.35 1.28
N GLY B 242 1.10 -7.74 0.17
CA GLY B 242 1.27 -8.26 -1.17
C GLY B 242 0.29 -9.32 -1.61
N GLY B 243 -0.61 -9.78 -0.73
CA GLY B 243 -1.55 -10.83 -1.09
C GLY B 243 -2.80 -10.31 -1.78
N THR B 244 -3.68 -11.25 -2.13
CA THR B 244 -4.92 -10.87 -2.78
C THR B 244 -5.90 -10.22 -1.81
N GLN B 245 -6.28 -10.94 -0.77
CA GLN B 245 -7.23 -10.49 0.25
C GLN B 245 -6.53 -10.41 1.60
N LEU B 246 -7.31 -10.12 2.64
CA LEU B 246 -6.75 -9.95 3.98
C LEU B 246 -6.39 -11.29 4.59
N LYS B 247 -5.13 -11.43 5.01
CA LYS B 247 -4.67 -12.62 5.72
C LYS B 247 -3.72 -12.18 6.83
N LEU B 248 -4.01 -12.60 8.06
CA LEU B 248 -3.26 -12.17 9.23
C LEU B 248 -2.32 -13.27 9.73
N ILE B 249 -1.19 -12.84 10.29
CA ILE B 249 -0.18 -13.76 10.84
C ILE B 249 -0.33 -13.79 12.36
N MET B 250 -0.51 -14.99 12.88
CA MET B 250 -0.63 -15.22 14.31
C MET B 250 0.66 -15.82 14.83
N SER B 251 1.05 -15.42 16.04
CA SER B 251 2.17 -16.02 16.76
C SER B 251 1.67 -16.49 18.11
N PHE B 252 2.16 -17.63 18.56
CA PHE B 252 1.60 -18.27 19.74
C PHE B 252 2.60 -18.27 20.89
N GLN B 253 2.10 -18.74 22.03
CA GLN B 253 2.90 -18.79 23.24
C GLN B 253 4.09 -19.73 23.09
N ASN B 254 3.99 -20.71 22.20
CA ASN B 254 5.06 -21.67 21.95
C ASN B 254 5.84 -21.33 20.69
N TYR B 255 5.93 -20.04 20.37
CA TYR B 255 6.78 -19.53 19.29
C TYR B 255 6.35 -20.04 17.91
N GLY B 256 5.36 -20.92 17.86
CA GLY B 256 4.80 -21.31 16.58
C GLY B 256 3.95 -20.21 15.98
N GLN B 257 3.79 -20.27 14.66
CA GLN B 257 2.99 -19.28 13.96
C GLN B 257 2.12 -19.98 12.92
N ALA B 258 1.14 -19.23 12.40
CA ALA B 258 0.17 -19.76 11.47
C ALA B 258 -0.46 -18.61 10.69
N LEU B 259 -1.00 -18.92 9.52
CA LEU B 259 -1.76 -17.97 8.74
C LEU B 259 -3.21 -17.98 9.17
N PHE B 260 -3.87 -16.84 8.99
CA PHE B 260 -5.22 -16.68 9.48
C PHE B 260 -6.08 -16.03 8.41
N LYS B 261 -7.12 -16.74 7.97
CA LYS B 261 -8.09 -16.17 7.06
C LYS B 261 -9.43 -16.08 7.76
N PRO B 262 -10.05 -14.89 7.82
CA PRO B 262 -11.30 -14.73 8.58
C PRO B 262 -12.51 -15.32 7.90
N MET B 263 -13.70 -15.07 8.47
CA MET B 263 -14.93 -15.65 7.94
C MET B 263 -15.24 -15.13 6.55
N LYS B 264 -15.43 -13.81 6.43
CA LYS B 264 -15.66 -13.11 5.17
C LYS B 264 -17.04 -13.40 4.59
N GLN B 265 -17.51 -14.65 4.64
CA GLN B 265 -18.85 -14.96 4.14
C GLN B 265 -19.43 -16.16 4.88
N THR B 266 -20.76 -16.27 4.85
CA THR B 266 -21.53 -17.25 5.60
C THR B 266 -21.51 -18.61 4.90
N ARG B 267 -22.24 -19.58 5.45
CA ARG B 267 -22.21 -20.94 4.92
C ARG B 267 -23.22 -21.14 3.80
N GLU B 268 -24.46 -20.69 3.99
CA GLU B 268 -25.50 -20.93 3.01
C GLU B 268 -25.40 -20.02 1.80
N GLN B 269 -24.36 -19.20 1.71
CA GLN B 269 -24.20 -18.28 0.60
C GLN B 269 -23.41 -18.91 -0.53
N GLU B 270 -23.76 -18.53 -1.76
CA GLU B 270 -23.08 -18.99 -2.96
C GLU B 270 -22.41 -17.80 -3.65
N THR B 271 -21.32 -18.10 -4.35
CA THR B 271 -20.66 -17.07 -5.15
C THR B 271 -21.63 -16.58 -6.23
N PRO B 272 -21.82 -15.27 -6.38
CA PRO B 272 -22.73 -14.76 -7.40
C PRO B 272 -22.34 -15.31 -8.77
N PRO B 273 -23.32 -15.65 -9.60
CA PRO B 273 -22.97 -16.23 -10.91
C PRO B 273 -22.21 -15.28 -11.80
N ASP B 274 -22.33 -13.97 -11.57
CA ASP B 274 -21.69 -12.95 -12.39
C ASP B 274 -20.29 -12.59 -11.88
N PHE B 275 -19.80 -13.31 -10.87
CA PHE B 275 -18.46 -13.06 -10.34
C PHE B 275 -17.44 -13.88 -11.12
N PHE B 276 -16.36 -13.21 -11.54
CA PHE B 276 -15.25 -13.93 -12.14
C PHE B 276 -14.53 -14.77 -11.08
N TYR B 277 -13.73 -15.74 -11.55
CA TYR B 277 -12.95 -16.54 -10.62
C TYR B 277 -11.99 -15.67 -9.81
N PHE B 278 -11.55 -14.56 -10.36
CA PHE B 278 -10.68 -13.64 -9.65
C PHE B 278 -11.44 -12.59 -8.86
N SER B 279 -12.75 -12.76 -8.69
CA SER B 279 -13.53 -11.90 -7.82
C SER B 279 -14.14 -12.67 -6.65
N ASP B 280 -13.98 -13.99 -6.63
CA ASP B 280 -14.56 -14.83 -5.58
C ASP B 280 -13.94 -14.52 -4.23
N PHE B 281 -14.69 -14.79 -3.17
CA PHE B 281 -14.20 -14.56 -1.83
C PHE B 281 -13.29 -15.70 -1.39
N GLU B 282 -12.30 -15.36 -0.56
CA GLU B 282 -11.51 -16.36 0.14
C GLU B 282 -12.14 -16.58 1.51
N ARG B 283 -12.66 -17.77 1.75
CA ARG B 283 -13.41 -18.08 2.96
C ARG B 283 -12.70 -19.15 3.77
N HIS B 284 -12.76 -18.99 5.10
CA HIS B 284 -12.17 -19.95 6.03
C HIS B 284 -12.78 -21.33 5.88
N ASN B 285 -14.04 -21.42 5.46
CA ASN B 285 -14.67 -22.70 5.19
C ASN B 285 -13.80 -23.56 4.28
N ALA B 286 -13.35 -22.96 3.17
CA ALA B 286 -12.63 -23.72 2.16
C ALA B 286 -11.28 -24.20 2.68
N GLU B 287 -10.56 -23.33 3.41
CA GLU B 287 -9.23 -23.69 3.90
C GLU B 287 -9.29 -24.94 4.77
N ILE B 288 -10.19 -24.95 5.74
CA ILE B 288 -10.34 -26.10 6.64
C ILE B 288 -10.85 -27.31 5.86
N ALA B 289 -11.84 -27.10 4.99
CA ALA B 289 -12.39 -28.21 4.23
C ALA B 289 -11.35 -28.81 3.31
N ALA B 290 -10.47 -27.98 2.75
CA ALA B 290 -9.46 -28.49 1.83
C ALA B 290 -8.51 -29.45 2.55
N PHE B 291 -8.19 -29.16 3.80
CA PHE B 291 -7.23 -30.00 4.52
C PHE B 291 -7.78 -31.41 4.72
N HIS B 292 -9.03 -31.51 5.16
CA HIS B 292 -9.64 -32.83 5.36
C HIS B 292 -9.87 -33.52 4.02
N LEU B 293 -10.27 -32.76 3.00
CA LEU B 293 -10.44 -33.32 1.66
C LEU B 293 -9.12 -33.90 1.16
N ASP B 294 -8.03 -33.14 1.30
CA ASP B 294 -6.72 -33.61 0.90
C ASP B 294 -6.27 -34.77 1.77
N ARG B 295 -6.57 -34.73 3.07
CA ARG B 295 -6.22 -35.84 3.95
C ARG B 295 -6.98 -37.10 3.58
N ILE B 296 -8.27 -36.95 3.24
CA ILE B 296 -9.12 -38.09 2.94
C ILE B 296 -8.67 -38.79 1.66
N LEU B 297 -8.17 -38.02 0.69
CA LEU B 297 -7.63 -38.60 -0.54
C LEU B 297 -6.23 -39.13 -0.36
N ASP B 298 -5.69 -39.03 0.86
CA ASP B 298 -4.34 -39.49 1.18
C ASP B 298 -3.27 -38.81 0.31
N PHE B 299 -3.52 -37.56 -0.08
CA PHE B 299 -2.53 -36.78 -0.81
C PHE B 299 -1.48 -36.21 0.13
N ARG B 300 -1.94 -35.58 1.22
CA ARG B 300 -1.09 -34.98 2.24
C ARG B 300 -0.15 -33.93 1.63
N ARG B 301 -0.76 -32.97 0.93
CA ARG B 301 -0.04 -31.87 0.32
C ARG B 301 -0.45 -30.52 0.85
N VAL B 302 -1.35 -30.47 1.83
CA VAL B 302 -1.85 -29.20 2.35
C VAL B 302 -1.31 -29.00 3.75
N PRO B 303 -1.01 -27.77 4.16
CA PRO B 303 -0.66 -27.53 5.55
C PRO B 303 -1.88 -27.66 6.44
N PRO B 304 -1.74 -28.26 7.62
CA PRO B 304 -2.89 -28.43 8.51
C PRO B 304 -3.48 -27.08 8.90
N VAL B 305 -4.81 -27.02 8.89
CA VAL B 305 -5.54 -25.81 9.23
C VAL B 305 -6.71 -26.19 10.11
N ALA B 306 -6.98 -25.38 11.13
CA ALA B 306 -8.08 -25.60 12.05
C ALA B 306 -8.79 -24.27 12.30
N GLY B 307 -10.10 -24.34 12.54
CA GLY B 307 -10.93 -23.17 12.73
C GLY B 307 -11.08 -22.81 14.19
N ARG B 308 -11.14 -21.51 14.48
CA ARG B 308 -11.17 -21.02 15.85
C ARG B 308 -12.06 -19.79 15.96
N LEU B 309 -12.86 -19.74 17.04
CA LEU B 309 -13.68 -18.57 17.36
C LEU B 309 -12.83 -17.57 18.13
N VAL B 310 -12.32 -16.55 17.45
CA VAL B 310 -11.38 -15.63 18.08
C VAL B 310 -12.12 -14.37 18.55
N ASN B 311 -11.61 -13.79 19.64
CA ASN B 311 -12.11 -12.54 20.20
C ASN B 311 -11.37 -11.38 19.56
N MET B 312 -12.09 -10.52 18.84
CA MET B 312 -11.45 -9.42 18.13
C MET B 312 -10.98 -8.31 19.06
N THR B 313 -11.26 -8.38 20.35
CA THR B 313 -10.75 -7.37 21.26
C THR B 313 -9.39 -7.77 21.83
N ARG B 314 -9.33 -8.93 22.51
CA ARG B 314 -8.10 -9.34 23.18
C ARG B 314 -7.21 -10.21 22.31
N GLU B 315 -7.72 -10.82 21.24
CA GLU B 315 -6.91 -11.67 20.38
C GLU B 315 -6.54 -11.05 19.04
N ILE B 316 -7.10 -9.88 18.70
CA ILE B 316 -6.79 -9.21 17.44
C ILE B 316 -6.35 -7.78 17.70
N ARG B 317 -7.27 -6.94 18.20
CA ARG B 317 -7.02 -5.50 18.30
C ARG B 317 -5.98 -5.17 19.36
N ASP B 318 -6.15 -5.72 20.57
CA ASP B 318 -5.32 -5.32 21.70
C ASP B 318 -3.98 -6.02 21.75
N VAL B 319 -3.64 -6.80 20.72
CA VAL B 319 -2.38 -7.52 20.69
C VAL B 319 -1.71 -7.33 19.34
N THR B 320 -1.80 -6.12 18.79
CA THR B 320 -1.10 -5.80 17.55
C THR B 320 -0.52 -4.41 17.65
N ARG B 321 0.77 -4.29 17.32
CA ARG B 321 1.43 -3.01 17.17
C ARG B 321 1.47 -2.53 15.72
N ASP B 322 0.59 -3.07 14.88
CA ASP B 322 0.51 -2.70 13.47
C ASP B 322 -0.36 -1.45 13.33
N LYS B 323 0.24 -0.33 12.93
CA LYS B 323 -0.48 0.93 12.84
C LYS B 323 -1.56 0.88 11.76
N LYS B 324 -1.32 0.12 10.68
CA LYS B 324 -2.29 0.03 9.59
C LYS B 324 -3.52 -0.76 10.02
N LEU B 325 -3.31 -1.94 10.59
CA LEU B 325 -4.42 -2.82 10.96
C LEU B 325 -5.24 -2.21 12.09
N TRP B 326 -4.58 -1.58 13.05
CA TRP B 326 -5.31 -1.11 14.21
C TRP B 326 -6.18 0.12 13.89
N ARG B 327 -5.71 1.00 13.00
CA ARG B 327 -6.44 2.23 12.73
C ARG B 327 -7.75 2.00 11.99
N THR B 328 -8.11 0.75 11.68
CA THR B 328 -9.37 0.45 11.01
C THR B 328 -10.38 -0.21 11.94
N PHE B 329 -10.09 -0.22 13.24
CA PHE B 329 -11.00 -0.82 14.21
C PHE B 329 -12.00 0.25 14.65
N PHE B 330 -13.19 0.22 14.04
CA PHE B 330 -14.27 1.13 14.37
C PHE B 330 -15.46 0.36 14.95
N VAL B 331 -16.36 1.10 15.60
CA VAL B 331 -17.60 0.55 16.16
C VAL B 331 -18.76 1.00 15.28
N SER B 332 -19.60 0.06 14.88
CA SER B 332 -20.65 0.30 13.91
C SER B 332 -21.89 0.87 14.59
N PRO B 333 -22.84 1.41 13.83
CA PRO B 333 -24.09 1.86 14.45
C PRO B 333 -24.85 0.74 15.16
N ALA B 334 -24.64 -0.52 14.78
CA ALA B 334 -25.22 -1.64 15.50
C ALA B 334 -24.43 -2.00 16.75
N ASN B 335 -23.53 -1.12 17.20
CA ASN B 335 -22.70 -1.30 18.39
C ASN B 335 -21.85 -2.56 18.31
N ASN B 336 -21.53 -2.98 17.10
CA ASN B 336 -20.61 -4.09 16.88
C ASN B 336 -19.24 -3.54 16.49
N ILE B 337 -18.20 -4.31 16.81
CA ILE B 337 -16.84 -3.95 16.46
C ILE B 337 -16.50 -4.52 15.08
N CYS B 338 -15.86 -3.69 14.27
CA CYS B 338 -15.52 -4.06 12.90
C CYS B 338 -14.09 -3.61 12.60
N PHE B 339 -13.48 -4.30 11.63
CA PHE B 339 -12.19 -3.91 11.10
C PHE B 339 -12.08 -4.46 9.69
N TYR B 340 -11.33 -3.77 8.84
CA TYR B 340 -11.19 -4.19 7.46
C TYR B 340 -9.73 -4.33 7.05
N GLY B 341 -8.83 -3.60 7.69
CA GLY B 341 -7.44 -3.71 7.35
C GLY B 341 -7.07 -2.79 6.19
N GLU B 342 -6.01 -3.17 5.49
CA GLU B 342 -5.52 -2.38 4.38
C GLU B 342 -4.85 -3.29 3.35
N CYS B 343 -5.62 -4.23 2.78
CA CYS B 343 -5.10 -5.02 1.68
C CYS B 343 -5.50 -4.37 0.34
N SER B 344 -6.07 -5.16 -0.57
CA SER B 344 -6.40 -4.65 -1.91
C SER B 344 -7.77 -5.10 -2.38
N TYR B 345 -8.19 -6.30 -2.01
CA TYR B 345 -9.48 -6.86 -2.34
C TYR B 345 -10.39 -6.85 -1.11
N TYR B 346 -11.49 -6.08 -1.18
CA TYR B 346 -12.51 -6.05 -0.14
C TYR B 346 -11.93 -5.62 1.20
N CYS B 347 -11.01 -4.66 1.16
CA CYS B 347 -10.42 -4.06 2.36
C CYS B 347 -10.83 -2.60 2.44
N SER B 348 -12.11 -2.39 2.70
CA SER B 348 -12.65 -1.06 2.86
C SER B 348 -13.80 -1.15 3.86
N THR B 349 -14.34 0.02 4.22
CA THR B 349 -15.38 0.07 5.23
C THR B 349 -16.57 -0.81 4.83
N GLU B 350 -16.92 -0.79 3.56
CA GLU B 350 -18.11 -1.47 3.06
C GLU B 350 -17.92 -2.98 2.94
N HIS B 351 -16.76 -3.51 3.33
CA HIS B 351 -16.59 -4.95 3.49
C HIS B 351 -16.06 -5.32 4.86
N ALA B 352 -16.26 -4.44 5.85
CA ALA B 352 -15.70 -4.64 7.17
C ALA B 352 -16.17 -5.96 7.77
N LEU B 353 -15.26 -6.63 8.46
CA LEU B 353 -15.58 -7.86 9.16
C LEU B 353 -16.01 -7.50 10.57
N CYS B 354 -17.22 -7.91 10.95
CA CYS B 354 -17.78 -7.59 12.24
C CYS B 354 -18.23 -8.86 12.95
N GLY B 355 -18.07 -8.86 14.27
CA GLY B 355 -18.67 -9.87 15.12
C GLY B 355 -19.98 -9.39 15.73
N LYS B 356 -20.58 -10.27 16.53
CA LYS B 356 -21.81 -9.94 17.24
C LYS B 356 -21.63 -10.29 18.71
N PRO B 357 -21.11 -9.36 19.52
CA PRO B 357 -20.61 -8.06 19.06
C PRO B 357 -19.09 -8.02 18.89
N ASP B 358 -18.40 -9.09 19.30
CA ASP B 358 -16.94 -9.07 19.31
C ASP B 358 -16.36 -10.47 19.17
N GLN B 359 -16.98 -11.31 18.33
CA GLN B 359 -16.39 -12.61 18.00
C GLN B 359 -16.58 -12.83 16.50
N ILE B 360 -15.50 -13.19 15.81
CA ILE B 360 -15.46 -13.06 14.35
C ILE B 360 -15.35 -14.40 13.62
N GLU B 361 -14.72 -15.40 14.25
CA GLU B 361 -14.57 -16.73 13.63
C GLU B 361 -13.58 -16.69 12.48
N GLY B 362 -12.86 -17.79 12.27
CA GLY B 362 -11.88 -17.85 11.20
C GLY B 362 -11.10 -19.14 11.25
N SER B 363 -10.15 -19.25 10.32
CA SER B 363 -9.30 -20.43 10.19
C SER B 363 -7.84 -20.09 10.42
N LEU B 364 -7.11 -21.04 11.00
CA LEU B 364 -5.69 -20.92 11.30
C LEU B 364 -4.94 -21.99 10.51
N ALA B 365 -4.33 -21.60 9.40
CA ALA B 365 -3.50 -22.49 8.60
C ALA B 365 -2.07 -22.46 9.14
N ALA B 366 -1.55 -23.63 9.49
CA ALA B 366 -0.20 -23.74 10.05
C ALA B 366 0.86 -23.18 9.10
N PHE B 367 1.92 -22.62 9.67
CA PHE B 367 2.94 -21.95 8.88
C PHE B 367 4.00 -22.94 8.39
N LEU B 368 4.23 -22.94 7.08
CA LEU B 368 5.33 -23.70 6.51
C LEU B 368 6.66 -23.17 7.03
N PRO B 369 7.71 -23.99 7.02
CA PRO B 369 8.98 -23.57 7.62
C PRO B 369 9.57 -22.37 6.91
N ASP B 370 10.41 -21.63 7.65
CA ASP B 370 10.93 -20.36 7.16
C ASP B 370 11.68 -20.55 5.85
N LEU B 371 11.34 -19.71 4.87
CA LEU B 371 11.90 -19.84 3.53
C LEU B 371 13.41 -19.74 3.49
N ALA B 372 14.05 -19.37 4.61
CA ALA B 372 15.51 -19.27 4.60
C ALA B 372 16.16 -20.64 4.50
N LEU B 373 15.69 -21.59 5.30
CA LEU B 373 16.22 -22.95 5.28
C LEU B 373 15.31 -23.94 4.59
N ALA B 374 14.30 -23.47 3.86
CA ALA B 374 13.38 -24.33 3.13
C ALA B 374 12.79 -23.54 1.96
N LYS B 375 13.66 -23.10 1.05
CA LYS B 375 13.24 -22.35 -0.12
C LYS B 375 12.19 -23.13 -0.90
N ARG B 376 11.21 -22.41 -1.44
CA ARG B 376 10.12 -23.02 -2.19
C ARG B 376 10.12 -22.48 -3.61
N LYS B 377 10.29 -23.36 -4.59
CA LYS B 377 10.09 -22.98 -5.97
C LYS B 377 8.63 -22.62 -6.18
N THR B 378 8.37 -21.79 -7.18
CA THR B 378 7.01 -21.38 -7.51
C THR B 378 6.82 -21.50 -9.00
N TRP B 379 5.97 -22.44 -9.41
CA TRP B 379 5.78 -22.76 -10.81
C TRP B 379 4.46 -22.20 -11.30
N ARG B 380 4.44 -21.85 -12.59
CA ARG B 380 3.26 -21.30 -13.23
C ARG B 380 2.46 -22.43 -13.86
N ASN B 381 1.19 -22.53 -13.50
CA ASN B 381 0.33 -23.56 -14.03
C ASN B 381 0.14 -23.35 -15.53
N PRO B 382 0.34 -24.38 -16.36
CA PRO B 382 0.09 -24.22 -17.80
C PRO B 382 -1.38 -24.02 -18.13
N TRP B 383 -2.30 -24.36 -17.23
CA TRP B 383 -3.72 -24.08 -17.43
C TRP B 383 -4.17 -22.85 -16.64
N ARG B 384 -3.23 -21.96 -16.33
CA ARG B 384 -3.56 -20.76 -15.58
C ARG B 384 -4.52 -19.88 -16.38
N ARG B 385 -5.62 -19.50 -15.76
CA ARG B 385 -6.58 -18.62 -16.42
C ARG B 385 -5.93 -17.27 -16.74
N SER B 386 -6.43 -16.63 -17.80
CA SER B 386 -5.84 -15.37 -18.26
C SER B 386 -5.96 -14.26 -17.24
N TYR B 387 -6.89 -14.37 -16.29
CA TYR B 387 -7.13 -13.36 -15.28
C TYR B 387 -7.33 -11.98 -15.92
N HIS B 388 -8.20 -11.96 -16.92
CA HIS B 388 -8.53 -10.76 -17.68
C HIS B 388 -9.86 -11.00 -18.38
N LYS B 389 -10.80 -10.08 -18.18
CA LYS B 389 -12.08 -10.16 -18.88
C LYS B 389 -11.86 -10.04 -20.38
N ARG B 390 -12.79 -10.62 -21.15
CA ARG B 390 -12.79 -10.61 -22.61
C ARG B 390 -11.69 -11.51 -23.17
N LYS B 391 -10.45 -11.25 -22.78
CA LYS B 391 -9.29 -11.95 -23.34
C LYS B 391 -9.27 -13.41 -22.91
N LYS B 392 -9.21 -14.31 -23.90
CA LYS B 392 -9.27 -15.74 -23.67
C LYS B 392 -7.90 -16.27 -23.21
N ALA B 393 -7.76 -17.60 -23.20
CA ALA B 393 -6.54 -18.25 -22.74
C ALA B 393 -6.16 -19.36 -23.72
N GLU B 394 -4.89 -19.74 -23.68
CA GLU B 394 -4.37 -20.70 -24.66
C GLU B 394 -5.09 -22.04 -24.55
N TRP B 395 -5.18 -22.60 -23.34
CA TRP B 395 -5.81 -23.90 -23.14
C TRP B 395 -7.30 -23.89 -23.48
N GLU B 396 -7.88 -22.73 -23.69
CA GLU B 396 -9.29 -22.59 -24.04
C GLU B 396 -9.52 -22.56 -25.56
N VAL B 397 -8.48 -22.78 -26.36
CA VAL B 397 -8.62 -22.80 -27.80
C VAL B 397 -7.88 -23.95 -28.47
N ASP B 398 -6.85 -24.54 -27.84
CA ASP B 398 -6.15 -25.68 -28.42
C ASP B 398 -6.57 -26.93 -27.67
N PRO B 399 -7.34 -27.83 -28.29
CA PRO B 399 -7.76 -29.04 -27.57
C PRO B 399 -6.63 -30.03 -27.38
N ASP B 400 -5.51 -29.86 -28.06
CA ASP B 400 -4.34 -30.72 -27.92
C ASP B 400 -3.26 -30.07 -27.07
N TYR B 401 -3.63 -29.07 -26.25
CA TYR B 401 -2.68 -28.35 -25.42
C TYR B 401 -1.74 -29.28 -24.68
N CYS B 402 -2.28 -30.34 -24.07
CA CYS B 402 -1.45 -31.23 -23.25
C CYS B 402 -0.36 -31.90 -24.07
N ASP B 403 -0.60 -32.16 -25.36
CA ASP B 403 0.41 -32.78 -26.19
C ASP B 403 1.58 -31.84 -26.44
N GLU B 404 1.39 -30.55 -26.24
CA GLU B 404 2.49 -29.59 -26.30
C GLU B 404 3.12 -29.36 -24.94
N VAL B 405 2.33 -29.47 -23.87
CA VAL B 405 2.84 -29.24 -22.54
C VAL B 405 3.53 -30.47 -21.96
N LYS B 406 3.37 -31.63 -22.58
CA LYS B 406 4.13 -32.79 -22.15
C LYS B 406 5.49 -32.88 -22.83
N GLN B 407 5.89 -31.81 -23.51
CA GLN B 407 7.22 -31.75 -24.10
C GLN B 407 8.15 -30.78 -23.38
N THR B 408 7.62 -29.96 -22.47
CA THR B 408 8.43 -29.01 -21.71
C THR B 408 9.42 -29.73 -20.80
N PRO B 409 10.50 -29.05 -20.41
CA PRO B 409 11.56 -29.71 -19.63
C PRO B 409 11.08 -30.36 -18.35
N PRO B 410 10.20 -29.74 -17.56
CA PRO B 410 9.83 -30.37 -16.28
C PRO B 410 8.58 -31.22 -16.31
N TYR B 411 7.85 -31.30 -17.42
CA TYR B 411 6.60 -32.03 -17.48
C TYR B 411 6.70 -33.31 -18.29
N ASP B 412 7.88 -33.65 -18.77
CA ASP B 412 8.11 -34.93 -19.44
C ASP B 412 9.02 -35.81 -18.59
N ARG B 413 8.94 -35.65 -17.27
CA ARG B 413 9.64 -36.47 -16.30
C ARG B 413 8.70 -36.63 -15.12
N GLY B 414 9.25 -36.89 -13.94
CA GLY B 414 8.37 -37.08 -12.79
C GLY B 414 7.47 -38.31 -12.97
N THR B 415 6.42 -38.42 -12.12
CA THR B 415 5.93 -37.62 -10.97
C THR B 415 5.21 -36.34 -11.35
N ARG B 416 5.84 -35.48 -12.14
CA ARG B 416 5.10 -34.31 -12.60
C ARG B 416 4.02 -34.75 -13.59
N LEU B 417 3.19 -33.78 -14.00
CA LEU B 417 1.93 -34.03 -14.71
C LEU B 417 1.00 -34.84 -13.81
N LEU B 418 1.46 -36.01 -13.39
CA LEU B 418 0.72 -36.82 -12.43
C LEU B 418 0.43 -36.02 -11.17
N ASP B 419 1.44 -35.30 -10.67
CA ASP B 419 1.21 -34.41 -9.53
C ASP B 419 0.12 -33.40 -9.84
N ILE B 420 0.19 -32.78 -11.01
CA ILE B 420 -0.85 -31.83 -11.44
C ILE B 420 -2.21 -32.50 -11.52
N MET B 421 -2.25 -33.75 -12.02
CA MET B 421 -3.51 -34.49 -12.08
C MET B 421 -4.10 -34.69 -10.69
N ASP B 422 -3.27 -35.11 -9.74
CA ASP B 422 -3.74 -35.23 -8.36
C ASP B 422 -4.25 -33.90 -7.83
N MET B 423 -3.72 -32.79 -8.34
CA MET B 423 -4.14 -31.47 -7.90
C MET B 423 -5.38 -30.99 -8.62
N THR B 424 -5.44 -31.16 -9.94
CA THR B 424 -6.60 -30.65 -10.66
C THR B 424 -7.86 -31.44 -10.31
N ILE B 425 -7.71 -32.71 -9.93
CA ILE B 425 -8.86 -33.43 -9.40
C ILE B 425 -9.29 -32.81 -8.07
N PHE B 426 -8.31 -32.48 -7.22
CA PHE B 426 -8.58 -31.81 -5.95
C PHE B 426 -9.34 -30.50 -6.17
N ASP B 427 -8.82 -29.64 -7.05
CA ASP B 427 -9.43 -28.32 -7.24
C ASP B 427 -10.85 -28.43 -7.80
N PHE B 428 -11.10 -29.47 -8.61
CA PHE B 428 -12.44 -29.65 -9.16
C PHE B 428 -13.42 -30.10 -8.08
N LEU B 429 -12.99 -30.98 -7.18
CA LEU B 429 -13.86 -31.38 -6.09
C LEU B 429 -14.29 -30.20 -5.24
N MET B 430 -13.45 -29.18 -5.15
CA MET B 430 -13.78 -27.98 -4.39
C MET B 430 -14.41 -26.88 -5.24
N GLY B 431 -14.16 -26.87 -6.54
CA GLY B 431 -14.56 -25.73 -7.33
C GLY B 431 -13.59 -24.59 -7.28
N ASN B 432 -12.34 -24.85 -6.88
CA ASN B 432 -11.31 -23.83 -6.76
C ASN B 432 -10.67 -23.61 -8.11
N MET B 433 -11.15 -22.60 -8.84
CA MET B 433 -10.60 -22.27 -10.14
C MET B 433 -9.55 -21.16 -10.07
N ASP B 434 -8.93 -20.97 -8.90
CA ASP B 434 -7.91 -19.94 -8.71
C ASP B 434 -6.51 -20.55 -8.58
N ARG B 435 -6.30 -21.71 -9.20
CA ARG B 435 -5.02 -22.43 -9.11
C ARG B 435 -4.14 -21.99 -10.27
N HIS B 436 -3.44 -20.87 -10.07
CA HIS B 436 -2.54 -20.32 -11.06
C HIS B 436 -1.07 -20.62 -10.78
N HIS B 437 -0.76 -21.20 -9.62
CA HIS B 437 0.61 -21.43 -9.19
C HIS B 437 0.65 -22.63 -8.28
N TYR B 438 1.75 -23.38 -8.32
CA TYR B 438 1.94 -24.49 -7.40
C TYR B 438 3.38 -24.46 -6.93
N GLU B 439 3.57 -24.34 -5.63
CA GLU B 439 4.91 -24.25 -5.09
C GLU B 439 5.52 -25.64 -4.91
N THR B 440 6.83 -25.67 -4.66
CA THR B 440 7.55 -26.92 -4.40
C THR B 440 8.54 -26.72 -3.26
N PHE B 441 9.71 -27.36 -3.32
CA PHE B 441 10.63 -27.24 -2.20
C PHE B 441 12.09 -27.10 -2.63
N GLU B 442 12.37 -26.94 -3.92
CA GLU B 442 13.69 -26.50 -4.37
C GLU B 442 14.81 -27.46 -3.96
N LYS B 443 15.04 -27.59 -2.65
CA LYS B 443 16.13 -28.43 -2.16
C LYS B 443 15.96 -29.89 -2.54
N PHE B 444 14.81 -30.27 -3.08
CA PHE B 444 14.54 -31.65 -3.46
C PHE B 444 14.78 -31.92 -4.93
N GLY B 445 14.43 -30.97 -5.78
CA GLY B 445 14.49 -31.12 -7.22
C GLY B 445 13.11 -31.26 -7.83
N ASN B 446 13.09 -31.73 -9.07
CA ASN B 446 11.85 -31.82 -9.83
C ASN B 446 11.10 -33.12 -9.54
N ASP B 447 11.39 -33.76 -8.41
CA ASP B 447 10.87 -35.09 -8.09
C ASP B 447 10.12 -35.09 -6.77
N THR B 448 9.26 -34.09 -6.56
CA THR B 448 8.48 -34.00 -5.33
C THR B 448 7.05 -33.61 -5.63
N PHE B 449 6.26 -33.55 -4.56
CA PHE B 449 4.86 -33.20 -4.64
C PHE B 449 4.70 -31.69 -4.79
N ILE B 450 3.45 -31.27 -4.88
CA ILE B 450 3.10 -29.86 -5.00
C ILE B 450 2.29 -29.48 -3.76
N ILE B 451 2.71 -28.40 -3.10
CA ILE B 451 2.01 -27.91 -1.92
C ILE B 451 0.75 -27.19 -2.36
N HIS B 452 -0.39 -27.69 -1.92
CA HIS B 452 -1.68 -27.11 -2.27
C HIS B 452 -1.98 -25.99 -1.26
N LEU B 453 -1.65 -24.75 -1.63
CA LEU B 453 -1.82 -23.57 -0.79
C LEU B 453 -2.90 -22.67 -1.37
N ASP B 454 -3.37 -21.73 -0.53
CA ASP B 454 -4.39 -20.76 -0.91
C ASP B 454 -5.64 -21.44 -1.49
N ASN B 455 -6.25 -22.30 -0.67
CA ASN B 455 -7.42 -23.04 -1.10
C ASN B 455 -8.71 -22.33 -0.79
N GLY B 456 -8.63 -21.06 -0.39
CA GLY B 456 -9.79 -20.37 0.11
C GLY B 456 -10.83 -20.06 -0.94
N ARG B 457 -10.53 -20.29 -2.21
CA ARG B 457 -11.45 -19.96 -3.29
C ARG B 457 -12.36 -21.12 -3.66
N GLY B 458 -12.23 -22.27 -3.01
CA GLY B 458 -13.12 -23.38 -3.25
C GLY B 458 -14.39 -23.24 -2.43
N PHE B 459 -15.31 -24.17 -2.68
CA PHE B 459 -16.57 -24.27 -1.94
C PHE B 459 -17.35 -22.95 -1.98
N GLY B 460 -17.44 -22.37 -3.18
CA GLY B 460 -18.17 -21.14 -3.32
C GLY B 460 -19.52 -21.35 -3.97
N LYS B 461 -19.69 -22.48 -4.65
CA LYS B 461 -20.91 -22.80 -5.37
C LYS B 461 -21.20 -24.28 -5.18
N HIS B 462 -22.37 -24.59 -4.64
CA HIS B 462 -22.76 -25.98 -4.42
C HIS B 462 -23.75 -26.49 -5.47
N SER B 463 -24.48 -25.60 -6.13
CA SER B 463 -25.38 -25.96 -7.21
C SER B 463 -24.70 -25.88 -8.58
N HIS B 464 -23.38 -25.81 -8.62
CA HIS B 464 -22.66 -25.63 -9.87
C HIS B 464 -21.37 -26.44 -9.83
N ASP B 465 -21.04 -27.04 -10.96
CA ASP B 465 -19.79 -27.79 -11.13
C ASP B 465 -19.00 -27.12 -12.24
N GLU B 466 -17.99 -26.36 -11.87
CA GLU B 466 -17.15 -25.65 -12.84
C GLU B 466 -16.28 -26.66 -13.55
N MET B 467 -16.68 -27.02 -14.78
CA MET B 467 -15.98 -28.03 -15.55
C MET B 467 -14.62 -27.56 -16.07
N SER B 468 -14.37 -26.24 -16.06
CA SER B 468 -13.12 -25.73 -16.59
C SER B 468 -11.92 -26.24 -15.80
N ILE B 469 -12.12 -26.56 -14.53
CA ILE B 469 -11.02 -27.07 -13.73
C ILE B 469 -10.57 -28.42 -14.25
N LEU B 470 -11.51 -29.22 -14.76
CA LEU B 470 -11.18 -30.56 -15.21
C LEU B 470 -10.39 -30.58 -16.51
N VAL B 471 -10.34 -29.45 -17.23
CA VAL B 471 -9.74 -29.46 -18.56
C VAL B 471 -8.32 -29.99 -18.57
N PRO B 472 -7.46 -29.69 -17.58
CA PRO B 472 -6.16 -30.39 -17.50
C PRO B 472 -6.25 -31.90 -17.60
N LEU B 473 -7.31 -32.50 -17.06
CA LEU B 473 -7.45 -33.96 -17.09
C LEU B 473 -8.03 -34.43 -18.41
N THR B 474 -9.01 -33.71 -18.96
CA THR B 474 -9.61 -34.12 -20.22
C THR B 474 -8.67 -33.95 -21.40
N GLN B 475 -7.65 -33.10 -21.29
CA GLN B 475 -6.69 -32.92 -22.37
C GLN B 475 -5.46 -33.81 -22.21
N CYS B 476 -5.11 -34.14 -20.97
CA CYS B 476 -3.95 -34.98 -20.71
C CYS B 476 -4.29 -36.46 -20.62
N CYS B 477 -5.40 -36.77 -19.95
CA CYS B 477 -5.93 -38.12 -19.88
C CYS B 477 -4.89 -39.13 -19.41
N ARG B 478 -4.45 -38.93 -18.18
CA ARG B 478 -3.60 -39.87 -17.47
C ARG B 478 -3.61 -39.51 -16.00
N VAL B 479 -3.59 -40.54 -15.14
CA VAL B 479 -3.70 -40.37 -13.70
C VAL B 479 -2.84 -41.40 -13.00
N LYS B 480 -2.60 -41.15 -11.72
CA LYS B 480 -1.83 -42.05 -10.88
C LYS B 480 -2.72 -43.20 -10.44
N ARG B 481 -2.28 -44.43 -10.71
CA ARG B 481 -3.11 -45.59 -10.38
C ARG B 481 -3.49 -45.58 -8.90
N SER B 482 -2.56 -45.14 -8.04
CA SER B 482 -2.86 -45.02 -6.62
C SER B 482 -4.09 -44.17 -6.37
N THR B 483 -4.22 -43.06 -7.09
CA THR B 483 -5.36 -42.17 -6.89
C THR B 483 -6.62 -42.69 -7.58
N TYR B 484 -6.47 -43.37 -8.72
CA TYR B 484 -7.63 -43.89 -9.42
C TYR B 484 -8.39 -44.90 -8.57
N LEU B 485 -7.67 -45.87 -8.02
CA LEU B 485 -8.29 -46.86 -7.16
C LEU B 485 -8.93 -46.23 -5.93
N ARG B 486 -8.31 -45.17 -5.39
CA ARG B 486 -8.91 -44.43 -4.27
C ARG B 486 -10.22 -43.78 -4.68
N LEU B 487 -10.19 -42.99 -5.77
CA LEU B 487 -11.37 -42.26 -6.21
C LEU B 487 -12.55 -43.18 -6.48
N GLN B 488 -12.28 -44.38 -7.01
CA GLN B 488 -13.34 -45.39 -7.12
C GLN B 488 -13.84 -45.80 -5.75
N LEU B 489 -12.91 -46.07 -4.83
CA LEU B 489 -13.27 -46.49 -3.49
C LEU B 489 -14.05 -45.42 -2.74
N LEU B 490 -13.72 -44.15 -2.97
CA LEU B 490 -14.41 -43.04 -2.33
C LEU B 490 -15.76 -42.72 -2.95
N ALA B 491 -16.26 -43.54 -3.87
CA ALA B 491 -17.57 -43.33 -4.46
C ALA B 491 -18.56 -44.39 -4.05
N LYS B 492 -18.14 -45.37 -3.24
CA LYS B 492 -18.99 -46.47 -2.79
C LYS B 492 -19.78 -46.06 -1.56
N GLU B 493 -21.03 -46.55 -1.47
CA GLU B 493 -21.92 -46.11 -0.41
C GLU B 493 -21.37 -46.46 0.98
N GLU B 494 -20.60 -47.55 1.08
CA GLU B 494 -20.01 -47.91 2.38
C GLU B 494 -18.93 -46.91 2.79
N TYR B 495 -18.26 -46.30 1.82
CA TYR B 495 -17.23 -45.32 2.11
C TYR B 495 -17.71 -43.93 1.70
N LYS B 496 -17.61 -43.63 0.40
CA LYS B 496 -18.11 -42.39 -0.20
C LYS B 496 -17.45 -41.16 0.41
N LEU B 497 -17.76 -39.99 -0.12
CA LEU B 497 -17.10 -38.77 0.31
C LEU B 497 -17.89 -38.01 1.36
N SER B 498 -19.20 -37.88 1.18
CA SER B 498 -20.00 -37.08 2.10
C SER B 498 -19.89 -37.63 3.52
N SER B 499 -20.11 -38.93 3.68
CA SER B 499 -20.04 -39.57 5.00
C SER B 499 -18.62 -39.56 5.55
N LEU B 500 -17.62 -39.63 4.67
CA LEU B 500 -16.25 -39.52 5.13
C LEU B 500 -15.86 -38.09 5.45
N MET B 501 -16.43 -37.12 4.73
CA MET B 501 -16.05 -35.73 4.94
C MET B 501 -16.78 -35.13 6.13
N GLU B 502 -18.07 -35.43 6.30
CA GLU B 502 -18.77 -34.91 7.48
C GLU B 502 -18.27 -35.57 8.76
N GLU B 503 -17.65 -36.75 8.66
CA GLU B 503 -17.06 -37.37 9.84
C GLU B 503 -15.91 -36.54 10.38
N SER B 504 -14.86 -36.35 9.56
CA SER B 504 -13.67 -35.65 10.03
C SER B 504 -13.94 -34.15 10.22
N LEU B 505 -14.72 -33.54 9.33
CA LEU B 505 -15.06 -32.14 9.52
C LEU B 505 -15.86 -31.92 10.79
N LEU B 506 -16.45 -32.99 11.34
CA LEU B 506 -17.17 -32.87 12.59
C LEU B 506 -16.24 -32.66 13.77
N GLN B 507 -14.94 -32.93 13.60
CA GLN B 507 -13.99 -32.73 14.68
C GLN B 507 -13.27 -31.39 14.46
N ASP B 508 -14.02 -30.32 14.68
CA ASP B 508 -13.48 -28.97 14.60
C ASP B 508 -14.41 -28.03 15.33
N ARG B 509 -13.84 -27.09 16.10
CA ARG B 509 -14.65 -26.13 16.84
C ARG B 509 -15.27 -25.13 15.88
N LEU B 510 -15.73 -25.60 14.73
CA LEU B 510 -16.35 -24.73 13.74
C LEU B 510 -17.50 -25.40 13.03
N VAL B 511 -17.76 -26.68 13.29
CA VAL B 511 -18.82 -27.46 12.62
C VAL B 511 -20.15 -26.75 12.79
N PRO B 512 -21.03 -26.73 11.76
CA PRO B 512 -20.80 -27.33 10.45
C PRO B 512 -19.94 -26.41 9.59
N VAL B 513 -18.73 -26.87 9.27
CA VAL B 513 -17.85 -26.06 8.44
C VAL B 513 -18.38 -25.99 7.02
N LEU B 514 -19.06 -27.05 6.57
CA LEU B 514 -19.65 -27.10 5.24
C LEU B 514 -21.14 -27.37 5.39
N ILE B 515 -21.96 -26.47 4.83
CA ILE B 515 -23.38 -26.74 4.74
C ILE B 515 -23.56 -28.03 3.93
N LYS B 516 -24.66 -28.74 4.20
CA LYS B 516 -24.82 -30.08 3.64
C LYS B 516 -24.77 -30.16 2.12
N PRO B 517 -25.31 -29.20 1.35
CA PRO B 517 -25.19 -29.31 -0.13
C PRO B 517 -23.77 -29.50 -0.64
N HIS B 518 -22.78 -28.88 0.01
CA HIS B 518 -21.39 -29.03 -0.42
C HIS B 518 -20.88 -30.44 -0.15
N LEU B 519 -21.21 -30.98 1.02
CA LEU B 519 -20.78 -32.33 1.37
C LEU B 519 -21.34 -33.36 0.39
N GLU B 520 -22.57 -33.15 -0.07
CA GLU B 520 -23.17 -34.08 -1.01
C GLU B 520 -22.67 -33.85 -2.44
N ALA B 521 -22.40 -32.58 -2.79
CA ALA B 521 -21.83 -32.27 -4.09
C ALA B 521 -20.47 -32.94 -4.28
N LEU B 522 -19.76 -33.21 -3.18
CA LEU B 522 -18.48 -33.90 -3.27
C LEU B 522 -18.62 -35.23 -3.98
N ASP B 523 -19.70 -35.98 -3.70
CA ASP B 523 -19.94 -37.22 -4.43
C ASP B 523 -20.32 -36.94 -5.87
N ARG B 524 -20.99 -35.81 -6.12
CA ARG B 524 -21.38 -35.47 -7.47
C ARG B 524 -20.18 -35.10 -8.33
N ARG B 525 -19.29 -34.24 -7.80
CA ARG B 525 -18.09 -33.89 -8.55
C ARG B 525 -17.15 -35.09 -8.68
N LEU B 526 -17.15 -35.99 -7.70
CA LEU B 526 -16.24 -37.13 -7.77
C LEU B 526 -16.63 -38.10 -8.88
N ARG B 527 -17.92 -38.36 -9.04
CA ARG B 527 -18.34 -39.31 -10.07
C ARG B 527 -18.10 -38.76 -11.46
N LEU B 528 -18.08 -37.43 -11.61
CA LEU B 528 -17.75 -36.86 -12.90
C LEU B 528 -16.26 -37.02 -13.21
N VAL B 529 -15.41 -36.82 -12.21
CA VAL B 529 -13.98 -37.12 -12.38
C VAL B 529 -13.79 -38.60 -12.68
N LEU B 530 -14.51 -39.46 -11.95
CA LEU B 530 -14.43 -40.88 -12.21
C LEU B 530 -14.90 -41.23 -13.62
N LYS B 531 -15.91 -40.50 -14.12
CA LYS B 531 -16.42 -40.79 -15.46
C LYS B 531 -15.50 -40.27 -16.55
N VAL B 532 -14.87 -39.10 -16.33
CA VAL B 532 -13.92 -38.58 -17.31
C VAL B 532 -12.74 -39.53 -17.48
N LEU B 533 -12.32 -40.20 -16.40
CA LEU B 533 -11.30 -41.22 -16.51
C LEU B 533 -11.81 -42.42 -17.28
N SER B 534 -13.08 -42.75 -17.14
CA SER B 534 -13.65 -43.89 -17.85
C SER B 534 -13.88 -43.58 -19.33
N ASP B 535 -14.46 -42.41 -19.61
CA ASP B 535 -14.72 -41.99 -20.99
C ASP B 535 -13.44 -41.80 -21.79
N CYS B 536 -12.30 -41.63 -21.13
CA CYS B 536 -11.04 -41.43 -21.83
C CYS B 536 -10.20 -42.68 -21.90
N VAL B 537 -10.28 -43.55 -20.89
CA VAL B 537 -9.55 -44.80 -20.96
C VAL B 537 -10.10 -45.72 -22.04
N GLU B 538 -11.32 -45.47 -22.53
CA GLU B 538 -11.82 -46.21 -23.67
C GLU B 538 -11.31 -45.68 -25.00
N LYS B 539 -10.71 -44.48 -25.00
CA LYS B 539 -10.17 -43.87 -26.21
C LYS B 539 -8.66 -43.88 -26.25
N ASP B 540 -7.99 -44.08 -25.12
CA ASP B 540 -6.54 -44.23 -25.08
C ASP B 540 -6.09 -45.54 -24.43
N GLY B 541 -6.98 -46.26 -23.76
CA GLY B 541 -6.65 -47.54 -23.16
C GLY B 541 -5.95 -47.41 -21.82
N PHE B 542 -6.07 -48.47 -21.02
CA PHE B 542 -5.31 -48.55 -19.77
C PHE B 542 -3.83 -48.67 -20.08
N SER B 543 -3.02 -48.69 -19.02
CA SER B 543 -1.56 -48.75 -19.12
C SER B 543 -0.99 -47.50 -19.81
N ALA B 544 -1.76 -46.91 -20.73
CA ALA B 544 -1.43 -45.63 -21.35
C ALA B 544 -2.20 -44.47 -20.72
N VAL B 545 -3.10 -44.76 -19.78
CA VAL B 545 -3.76 -43.72 -18.98
C VAL B 545 -3.38 -43.82 -17.51
N VAL B 546 -3.26 -45.03 -16.99
CA VAL B 546 -2.89 -45.26 -15.60
C VAL B 546 -1.44 -45.74 -15.56
N GLU B 547 -0.63 -45.08 -14.76
CA GLU B 547 0.75 -45.48 -14.56
C GLU B 547 0.88 -46.26 -13.25
N ASN B 548 1.45 -47.45 -13.36
CA ASN B 548 1.68 -48.33 -12.23
C ASN B 548 2.52 -47.64 -11.16
N ASP B 549 2.07 -47.66 -9.92
CA ASP B 549 2.87 -47.13 -8.81
C ASP B 549 3.38 -48.22 -7.90
N LEU B 550 2.53 -49.14 -7.47
CA LEU B 550 2.95 -50.24 -6.61
C LEU B 550 3.48 -51.36 -7.49
N ASP B 551 4.78 -51.60 -7.42
CA ASP B 551 5.43 -52.67 -8.17
C ASP B 551 5.24 -52.47 -9.67
N SER C 27 56.21 15.63 26.68
CA SER C 27 55.43 15.03 25.60
C SER C 27 54.49 13.94 26.15
N SER C 28 53.55 13.51 25.32
CA SER C 28 52.56 12.49 25.65
C SER C 28 51.68 12.93 26.82
N LYS C 29 50.64 13.70 26.53
CA LYS C 29 49.69 14.12 27.55
C LYS C 29 48.87 12.94 28.07
N LEU C 30 48.76 11.87 27.29
CA LEU C 30 47.98 10.71 27.72
C LEU C 30 48.64 10.01 28.91
N GLN C 31 49.96 9.81 28.84
CA GLN C 31 50.66 9.22 29.98
C GLN C 31 50.57 10.12 31.20
N ALA C 32 50.61 11.44 30.98
CA ALA C 32 50.50 12.39 32.08
C ALA C 32 49.14 12.29 32.77
N LEU C 33 48.08 11.96 32.02
CA LEU C 33 46.75 11.87 32.62
C LEU C 33 46.68 10.74 33.64
N PHE C 34 47.09 9.54 33.25
CA PHE C 34 46.96 8.39 34.14
C PHE C 34 48.02 8.36 35.23
N ALA C 35 49.10 9.12 35.08
CA ALA C 35 50.11 9.26 36.12
C ALA C 35 49.79 10.39 37.10
N HIS C 36 48.66 11.05 36.93
CA HIS C 36 48.21 12.12 37.78
C HIS C 36 47.63 11.57 39.07
N PRO C 37 47.80 12.26 40.20
CA PRO C 37 47.27 11.76 41.48
C PRO C 37 45.79 11.43 41.47
N LEU C 38 45.01 12.05 40.59
CA LEU C 38 43.58 11.75 40.54
C LEU C 38 43.33 10.31 40.09
N TYR C 39 44.04 9.88 39.04
CA TYR C 39 43.86 8.54 38.49
C TYR C 39 44.70 7.50 39.22
N ASN C 40 44.88 7.68 40.53
CA ASN C 40 45.74 6.79 41.30
C ASN C 40 45.26 6.67 42.74
N VAL C 41 44.44 7.62 43.18
CA VAL C 41 43.92 7.57 44.55
C VAL C 41 43.01 6.35 44.71
N PRO C 42 43.02 5.68 45.86
CA PRO C 42 42.11 4.53 46.03
C PRO C 42 40.66 4.99 46.00
N GLU C 43 39.80 4.12 45.48
CA GLU C 43 38.38 4.43 45.38
C GLU C 43 37.65 3.91 46.61
N GLU C 44 36.76 4.76 47.15
CA GLU C 44 35.98 4.44 48.34
C GLU C 44 34.52 4.15 47.97
N PRO C 45 33.88 3.19 48.64
CA PRO C 45 34.47 2.31 49.65
C PRO C 45 35.37 1.23 49.05
N PRO C 46 36.34 0.71 49.80
CA PRO C 46 37.18 -0.37 49.29
C PRO C 46 36.39 -1.67 49.17
N LEU C 47 36.96 -2.61 48.42
CA LEU C 47 36.28 -3.86 48.09
C LEU C 47 36.75 -4.97 49.02
N LEU C 48 35.80 -5.57 49.74
CA LEU C 48 36.11 -6.70 50.61
C LEU C 48 36.35 -7.99 49.82
N GLY C 49 35.86 -8.07 48.59
CA GLY C 49 35.97 -9.27 47.79
C GLY C 49 34.74 -10.16 47.91
N ALA C 50 34.73 -11.22 47.09
CA ALA C 50 33.64 -12.19 47.05
C ALA C 50 32.31 -11.54 46.69
N GLU C 51 31.75 -10.71 47.58
CA GLU C 51 30.48 -10.05 47.34
C GLU C 51 30.61 -8.77 46.52
N ASP C 52 31.83 -8.35 46.20
CA ASP C 52 32.06 -7.17 45.37
C ASP C 52 32.55 -7.53 43.99
N SER C 53 32.55 -8.82 43.64
CA SER C 53 32.86 -9.31 42.30
C SER C 53 31.60 -10.01 41.79
N LEU C 54 30.97 -9.44 40.75
CA LEU C 54 29.66 -9.92 40.33
C LEU C 54 29.69 -11.37 39.87
N LEU C 55 30.84 -11.86 39.45
CA LEU C 55 30.98 -13.23 39.00
C LEU C 55 31.71 -14.03 40.06
N ALA C 56 31.10 -15.11 40.53
CA ALA C 56 31.76 -16.02 41.45
C ALA C 56 32.70 -16.93 40.65
N SER C 57 33.95 -17.04 41.10
CA SER C 57 34.97 -17.71 40.33
C SER C 57 34.61 -19.16 40.04
N GLN C 58 34.34 -19.95 41.09
CA GLN C 58 34.10 -21.36 40.87
C GLN C 58 32.83 -21.60 40.05
N GLU C 59 31.80 -20.78 40.28
CA GLU C 59 30.56 -20.96 39.53
C GLU C 59 30.73 -20.57 38.07
N ALA C 60 31.42 -19.46 37.81
CA ALA C 60 31.59 -18.99 36.43
C ALA C 60 32.44 -19.96 35.63
N LEU C 61 33.52 -20.48 36.21
CA LEU C 61 34.38 -21.40 35.49
C LEU C 61 33.64 -22.69 35.12
N ARG C 62 32.73 -23.15 35.96
CA ARG C 62 31.96 -24.35 35.64
C ARG C 62 31.00 -24.10 34.49
N TYR C 63 30.25 -23.00 34.54
CA TYR C 63 29.28 -22.70 33.50
C TYR C 63 29.97 -22.50 32.15
N TYR C 64 31.05 -21.72 32.14
CA TYR C 64 31.78 -21.50 30.90
C TYR C 64 32.39 -22.80 30.38
N ARG C 65 32.73 -23.73 31.27
CA ARG C 65 33.27 -25.01 30.82
C ARG C 65 32.21 -25.89 30.16
N ARG C 66 30.94 -25.79 30.62
CA ARG C 66 29.88 -26.57 30.00
C ARG C 66 29.56 -26.04 28.61
N LYS C 67 29.47 -24.72 28.47
CA LYS C 67 29.19 -24.14 27.16
C LYS C 67 30.27 -24.48 26.15
N VAL C 68 31.51 -24.67 26.61
CA VAL C 68 32.58 -25.14 25.73
C VAL C 68 32.39 -26.61 25.38
N ALA C 69 31.94 -27.41 26.35
CA ALA C 69 31.66 -28.80 26.07
C ALA C 69 30.52 -28.93 25.07
N ARG C 70 29.43 -28.17 25.29
CA ARG C 70 28.29 -28.24 24.38
C ARG C 70 28.64 -27.72 23.00
N TRP C 71 29.52 -26.71 22.92
CA TRP C 71 29.91 -26.18 21.61
C TRP C 71 30.71 -27.21 20.83
N ASN C 72 31.60 -27.95 21.50
CA ASN C 72 32.41 -28.93 20.79
C ASN C 72 31.56 -30.06 20.22
N ARG C 73 30.51 -30.46 20.92
CA ARG C 73 29.60 -31.49 20.41
C ARG C 73 28.80 -30.97 19.23
N ARG C 74 28.09 -29.85 19.43
CA ARG C 74 27.13 -29.36 18.44
C ARG C 74 27.82 -28.89 17.16
N HIS C 75 29.08 -28.45 17.25
CA HIS C 75 29.84 -28.04 16.07
C HIS C 75 30.40 -29.26 15.35
N LYS C 76 30.80 -30.29 16.09
CA LYS C 76 31.26 -31.53 15.47
C LYS C 76 30.17 -32.16 14.60
N MET C 77 28.92 -32.16 15.08
CA MET C 77 27.83 -32.67 14.27
C MET C 77 27.63 -31.83 13.02
N TYR C 78 27.75 -30.51 13.14
CA TYR C 78 27.63 -29.64 11.98
C TYR C 78 28.86 -29.81 11.08
N PRO C 89 42.04 -30.19 16.94
CA PRO C 89 41.58 -30.60 18.27
C PRO C 89 40.34 -29.81 18.72
N PRO C 90 39.65 -30.29 19.74
CA PRO C 90 38.48 -29.54 20.25
C PRO C 90 38.92 -28.32 21.04
N LEU C 91 37.94 -27.46 21.32
CA LEU C 91 38.21 -26.23 22.05
C LEU C 91 38.65 -26.52 23.48
N GLN C 92 39.55 -25.67 23.98
CA GLN C 92 40.04 -25.73 25.35
C GLN C 92 39.72 -24.41 26.05
N LEU C 93 39.05 -24.49 27.19
CA LEU C 93 38.70 -23.31 27.96
C LEU C 93 39.81 -23.04 28.97
N ARG C 94 40.64 -22.05 28.70
CA ARG C 94 41.76 -21.72 29.58
C ARG C 94 41.43 -20.51 30.43
N LEU C 95 41.76 -20.60 31.73
CA LEU C 95 41.56 -19.49 32.64
C LEU C 95 42.36 -18.27 32.19
N GLU C 96 43.47 -18.49 31.50
CA GLU C 96 44.32 -17.39 31.05
C GLU C 96 43.72 -16.61 29.89
N ALA C 97 42.51 -16.94 29.45
CA ALA C 97 41.91 -16.23 28.33
C ALA C 97 41.49 -14.82 28.75
N SER C 98 41.46 -13.91 27.76
CA SER C 98 41.21 -12.51 28.06
C SER C 98 39.80 -12.29 28.59
N TRP C 99 38.79 -12.75 27.86
CA TRP C 99 37.41 -12.52 28.29
C TRP C 99 37.12 -13.17 29.63
N VAL C 100 37.77 -14.30 29.93
CA VAL C 100 37.57 -14.94 31.22
C VAL C 100 38.10 -14.04 32.33
N GLN C 101 39.34 -13.55 32.18
CA GLN C 101 39.89 -12.65 33.18
C GLN C 101 39.13 -11.35 33.24
N PHE C 102 38.63 -10.88 32.09
CA PHE C 102 37.82 -9.67 32.08
C PHE C 102 36.54 -9.85 32.88
N HIS C 103 35.88 -11.00 32.72
CA HIS C 103 34.61 -11.24 33.40
C HIS C 103 34.79 -11.36 34.90
N LEU C 104 35.80 -12.12 35.34
CA LEU C 104 36.04 -12.24 36.77
C LEU C 104 36.58 -10.96 37.38
N GLY C 105 37.00 -10.00 36.56
CA GLY C 105 37.54 -8.72 36.96
C GLY C 105 36.54 -7.59 37.04
N ILE C 106 35.26 -7.86 36.81
CA ILE C 106 34.21 -6.87 36.97
C ILE C 106 33.80 -6.81 38.44
N ASN C 107 34.04 -5.65 39.06
CA ASN C 107 33.78 -5.42 40.47
C ASN C 107 32.70 -4.35 40.62
N ARG C 108 32.37 -4.03 41.88
CA ARG C 108 31.41 -3.00 42.17
C ARG C 108 31.86 -1.61 41.71
N HIS C 109 33.15 -1.45 41.40
CA HIS C 109 33.70 -0.16 41.00
C HIS C 109 33.70 0.06 39.50
N GLY C 110 33.27 -0.91 38.72
CA GLY C 110 33.15 -0.70 37.29
C GLY C 110 33.35 -1.99 36.52
N LEU C 111 33.32 -1.84 35.19
CA LEU C 111 33.45 -2.99 34.31
C LEU C 111 34.87 -3.54 34.32
N TYR C 112 35.87 -2.67 34.28
CA TYR C 112 37.26 -3.08 34.24
C TYR C 112 38.06 -2.29 35.28
N SER C 113 39.35 -2.60 35.38
CA SER C 113 40.23 -1.97 36.34
C SER C 113 40.93 -0.75 35.74
N ARG C 114 41.36 0.15 36.63
CA ARG C 114 42.06 1.35 36.20
C ARG C 114 43.46 0.99 35.69
N SER C 115 43.74 1.32 34.44
CA SER C 115 45.00 0.95 33.78
C SER C 115 45.27 -0.54 33.96
N SER C 116 44.34 -1.35 33.45
CA SER C 116 44.38 -2.80 33.60
C SER C 116 45.17 -3.44 32.47
N PRO C 117 46.15 -4.30 32.76
CA PRO C 117 46.84 -5.01 31.67
C PRO C 117 45.94 -6.02 30.98
N VAL C 118 44.88 -6.46 31.66
CA VAL C 118 43.92 -7.37 31.04
C VAL C 118 43.24 -6.69 29.87
N VAL C 119 42.81 -5.44 30.06
CA VAL C 119 42.09 -4.75 29.01
C VAL C 119 42.97 -4.51 27.79
N SER C 120 44.27 -4.25 28.02
CA SER C 120 45.19 -4.10 26.90
C SER C 120 45.32 -5.37 26.08
N LYS C 121 45.32 -6.53 26.75
CA LYS C 121 45.32 -7.81 26.05
C LYS C 121 43.96 -8.10 25.42
N LEU C 122 42.88 -7.78 26.14
CA LEU C 122 41.54 -7.99 25.63
C LEU C 122 41.31 -7.23 24.34
N LEU C 123 41.73 -5.97 24.30
CA LEU C 123 41.61 -5.22 23.05
C LEU C 123 42.43 -5.86 21.95
N GLN C 124 43.67 -6.27 22.25
CA GLN C 124 44.52 -6.85 21.23
C GLN C 124 43.98 -8.19 20.75
N ASP C 125 43.31 -8.94 21.62
CA ASP C 125 42.80 -10.24 21.21
C ASP C 125 41.61 -10.10 20.26
N MET C 126 40.66 -9.23 20.59
CA MET C 126 39.53 -9.05 19.70
C MET C 126 39.97 -8.50 18.35
N ARG C 127 41.16 -7.91 18.28
CA ARG C 127 41.62 -7.36 17.01
C ARG C 127 42.26 -8.42 16.13
N HIS C 128 42.87 -9.44 16.72
CA HIS C 128 43.67 -10.38 15.95
C HIS C 128 43.16 -11.81 15.97
N PHE C 129 42.53 -12.26 17.05
CA PHE C 129 42.10 -13.64 17.13
C PHE C 129 41.16 -13.98 15.98
N PRO C 130 41.25 -15.17 15.41
CA PRO C 130 40.36 -15.52 14.31
C PRO C 130 38.96 -15.83 14.83
N THR C 131 37.98 -15.65 13.94
CA THR C 131 36.59 -15.94 14.28
C THR C 131 36.28 -17.39 13.99
N ILE C 132 35.46 -17.98 14.85
CA ILE C 132 35.06 -19.38 14.70
C ILE C 132 33.57 -19.55 14.52
N SER C 133 32.78 -18.48 14.63
CA SER C 133 31.33 -18.56 14.65
C SER C 133 30.75 -17.15 14.51
N ALA C 134 29.61 -17.05 13.85
CA ALA C 134 28.89 -15.79 13.71
C ALA C 134 27.40 -16.08 13.65
N ASP C 135 26.61 -15.33 14.42
CA ASP C 135 25.16 -15.49 14.45
C ASP C 135 24.45 -14.14 14.37
N TYR C 136 23.14 -14.14 14.57
CA TYR C 136 22.33 -12.94 14.46
C TYR C 136 22.12 -12.25 15.79
N SER C 137 22.61 -12.83 16.88
CA SER C 137 22.41 -12.34 18.23
C SER C 137 20.95 -12.45 18.67
N GLN C 138 20.72 -12.35 19.97
CA GLN C 138 19.36 -12.24 20.48
C GLN C 138 18.84 -10.84 20.18
N ASP C 139 17.77 -10.42 20.86
CA ASP C 139 17.22 -9.07 20.68
C ASP C 139 16.68 -8.87 19.27
N GLU C 140 17.43 -9.31 18.26
CA GLU C 140 16.81 -9.77 17.03
C GLU C 140 16.49 -11.24 17.26
N LYS C 141 16.29 -12.02 16.19
CA LYS C 141 16.08 -13.46 16.31
C LYS C 141 14.80 -13.75 17.08
N ALA C 142 14.67 -13.16 18.27
CA ALA C 142 13.43 -13.22 19.03
C ALA C 142 12.34 -12.34 18.44
N LEU C 143 12.65 -11.56 17.40
CA LEU C 143 11.58 -10.87 16.70
C LEU C 143 10.73 -11.83 15.89
N LEU C 144 11.25 -13.03 15.61
CA LEU C 144 10.53 -14.07 14.89
C LEU C 144 10.20 -13.62 13.47
N GLY C 145 9.30 -12.64 13.35
CA GLY C 145 8.95 -12.07 12.07
C GLY C 145 10.08 -11.24 11.52
N ALA C 146 10.01 -9.91 11.59
CA ALA C 146 8.85 -9.16 12.07
C ALA C 146 9.00 -7.76 11.52
N CYS C 147 8.75 -7.59 10.23
CA CYS C 147 9.03 -6.35 9.53
C CYS C 147 7.71 -5.62 9.25
N ASP C 148 7.54 -4.45 9.87
CA ASP C 148 6.39 -3.58 9.64
C ASP C 148 6.91 -2.27 9.05
N CYS C 149 6.90 -2.17 7.72
CA CYS C 149 7.44 -0.97 7.08
C CYS C 149 6.72 0.31 7.46
N THR C 150 5.55 0.22 8.10
CA THR C 150 4.86 1.40 8.59
C THR C 150 5.46 1.90 9.90
N GLN C 151 5.97 1.01 10.73
CA GLN C 151 6.63 1.39 11.96
C GLN C 151 7.81 2.31 11.66
N ILE C 152 7.74 3.54 12.15
CA ILE C 152 8.82 4.48 11.93
C ILE C 152 9.98 4.20 12.89
N VAL C 153 9.66 3.90 14.15
CA VAL C 153 10.70 3.55 15.12
C VAL C 153 10.60 2.06 15.42
N LYS C 154 11.04 1.25 14.45
CA LYS C 154 11.09 -0.19 14.64
C LYS C 154 12.06 -0.55 15.77
N PRO C 155 11.89 -1.70 16.41
CA PRO C 155 12.67 -2.03 17.60
C PRO C 155 14.17 -2.07 17.30
N SER C 156 14.97 -2.01 18.37
CA SER C 156 16.41 -1.97 18.23
C SER C 156 16.94 -3.35 17.84
N GLY C 157 16.07 -4.20 17.30
CA GLY C 157 16.51 -5.52 16.91
C GLY C 157 16.69 -5.63 15.41
N VAL C 158 16.16 -4.66 14.66
CA VAL C 158 16.28 -4.71 13.21
C VAL C 158 17.44 -3.84 12.77
N HIS C 159 18.57 -3.94 13.46
CA HIS C 159 19.75 -3.18 13.13
C HIS C 159 20.89 -4.14 12.81
N LEU C 160 21.76 -3.72 11.90
CA LEU C 160 22.84 -4.57 11.41
C LEU C 160 23.91 -4.70 12.48
N LYS C 161 23.90 -5.82 13.18
CA LYS C 161 24.91 -6.15 14.17
C LYS C 161 24.93 -7.66 14.33
N LEU C 162 26.15 -8.21 14.41
CA LEU C 162 26.34 -9.65 14.54
C LEU C 162 27.15 -9.92 15.80
N VAL C 163 27.16 -11.18 16.22
CA VAL C 163 27.91 -11.61 17.38
C VAL C 163 28.95 -12.63 16.92
N LEU C 164 30.22 -12.30 17.09
CA LEU C 164 31.33 -13.11 16.62
C LEU C 164 31.94 -13.89 17.79
N ARG C 165 32.52 -15.05 17.47
CA ARG C 165 33.22 -15.87 18.46
C ARG C 165 34.65 -16.08 18.00
N PHE C 166 35.58 -15.97 18.93
CA PHE C 166 37.00 -16.10 18.63
C PHE C 166 37.53 -17.42 19.18
N SER C 167 38.78 -17.71 18.79
CA SER C 167 39.37 -19.00 19.13
C SER C 167 39.52 -19.20 20.63
N ASP C 168 39.55 -18.14 21.43
CA ASP C 168 39.61 -18.30 22.87
C ASP C 168 38.23 -18.46 23.50
N PHE C 169 37.20 -18.71 22.68
CA PHE C 169 35.81 -18.93 23.01
C PHE C 169 35.05 -17.63 23.30
N GLY C 170 35.73 -16.48 23.43
CA GLY C 170 35.06 -15.24 23.74
C GLY C 170 34.19 -14.73 22.61
N LYS C 171 33.31 -13.80 22.96
CA LYS C 171 32.38 -13.20 22.01
C LYS C 171 32.53 -11.69 22.04
N ALA C 172 31.97 -11.04 21.01
CA ALA C 172 32.05 -9.61 20.84
C ALA C 172 30.98 -9.18 19.86
N MET C 173 30.36 -8.04 20.13
CA MET C 173 29.29 -7.50 19.30
C MET C 173 29.90 -6.69 18.17
N PHE C 174 29.67 -7.13 16.93
CA PHE C 174 30.27 -6.52 15.76
C PHE C 174 29.29 -5.52 15.15
N LYS C 175 29.75 -4.29 14.98
CA LYS C 175 29.01 -3.24 14.30
C LYS C 175 29.77 -2.82 13.05
N PRO C 176 29.24 -2.99 11.84
CA PRO C 176 29.99 -2.66 10.63
C PRO C 176 30.02 -1.16 10.37
N MET C 177 30.89 -0.76 9.45
CA MET C 177 30.99 0.63 9.05
C MET C 177 29.77 1.03 8.24
N ARG C 178 29.15 2.14 8.63
CA ARG C 178 27.92 2.60 8.00
C ARG C 178 28.02 4.01 7.44
N GLN C 179 29.14 4.70 7.64
CA GLN C 179 29.29 6.07 7.17
C GLN C 179 30.77 6.42 7.10
N GLN C 180 31.09 7.36 6.22
CA GLN C 180 32.47 7.83 6.11
C GLN C 180 32.85 8.59 7.39
N ARG C 181 34.13 8.98 7.45
CA ARG C 181 34.61 9.72 8.62
C ARG C 181 34.13 11.17 8.56
N ASP C 182 34.24 11.81 7.41
CA ASP C 182 33.87 13.21 7.25
C ASP C 182 32.39 13.40 6.97
N GLU C 183 31.56 12.46 7.40
CA GLU C 183 30.12 12.50 7.16
C GLU C 183 29.37 12.72 8.47
N GLU C 184 28.38 13.61 8.43
CA GLU C 184 27.53 13.92 9.57
C GLU C 184 26.15 13.32 9.37
N THR C 185 25.42 13.17 10.48
CA THR C 185 24.00 12.90 10.38
C THR C 185 23.40 14.11 9.70
N PRO C 186 22.85 13.94 8.49
CA PRO C 186 22.36 15.12 7.76
C PRO C 186 21.21 15.77 8.52
N VAL C 187 21.13 17.09 8.40
CA VAL C 187 19.97 17.79 8.95
C VAL C 187 18.72 17.21 8.31
N ASP C 188 17.60 17.29 9.03
CA ASP C 188 16.31 16.64 8.77
C ASP C 188 16.31 15.20 9.24
N PHE C 189 17.31 14.78 10.01
CA PHE C 189 17.38 13.41 10.52
C PHE C 189 17.06 13.42 12.00
N PHE C 190 15.98 12.76 12.38
CA PHE C 190 15.69 12.57 13.79
C PHE C 190 16.68 11.59 14.41
N TYR C 191 16.68 11.53 15.74
CA TYR C 191 17.61 10.65 16.45
C TYR C 191 17.30 9.19 16.16
N PHE C 192 16.03 8.82 16.09
CA PHE C 192 15.67 7.42 15.95
C PHE C 192 15.97 6.85 14.56
N ILE C 193 16.33 7.69 13.59
CA ILE C 193 16.74 7.22 12.28
C ILE C 193 18.22 7.51 12.02
N ASP C 194 18.96 7.98 13.02
CA ASP C 194 20.38 8.22 12.86
C ASP C 194 21.11 6.90 12.59
N PHE C 195 22.32 7.01 12.08
CA PHE C 195 23.07 5.85 11.63
C PHE C 195 23.60 5.05 12.83
N GLN C 196 24.53 4.16 12.55
CA GLN C 196 25.08 3.26 13.56
C GLN C 196 26.59 3.17 13.27
N ARG C 197 27.32 4.23 13.65
CA ARG C 197 28.71 4.33 13.27
C ARG C 197 29.59 3.45 14.16
N HIS C 198 30.47 2.68 13.52
CA HIS C 198 31.42 1.84 14.25
C HIS C 198 32.41 2.66 15.04
N ASN C 199 32.95 3.73 14.44
CA ASN C 199 33.98 4.51 15.10
C ASN C 199 33.47 5.18 16.38
N ALA C 200 32.15 5.36 16.50
CA ALA C 200 31.64 5.96 17.74
C ALA C 200 31.69 4.98 18.88
N GLU C 201 31.38 3.70 18.63
CA GLU C 201 31.46 2.69 19.68
C GLU C 201 32.88 2.57 20.22
N ILE C 202 33.87 2.74 19.35
CA ILE C 202 35.26 2.71 19.81
C ILE C 202 35.56 3.96 20.62
N ALA C 203 35.36 5.14 20.02
CA ALA C 203 35.70 6.39 20.70
C ALA C 203 34.92 6.53 22.01
N ALA C 204 33.71 5.98 22.07
CA ALA C 204 32.97 6.00 23.32
C ALA C 204 33.68 5.20 24.40
N PHE C 205 34.41 4.15 24.01
CA PHE C 205 35.15 3.39 25.01
C PHE C 205 36.34 4.16 25.53
N HIS C 206 37.11 4.78 24.62
CA HIS C 206 38.28 5.53 25.06
C HIS C 206 37.88 6.72 25.92
N LEU C 207 36.78 7.39 25.58
CA LEU C 207 36.28 8.46 26.44
C LEU C 207 35.85 7.91 27.79
N ASP C 208 35.26 6.71 27.82
CA ASP C 208 34.98 6.06 29.09
C ASP C 208 36.26 5.81 29.87
N ARG C 209 37.31 5.39 29.18
CA ARG C 209 38.57 5.12 29.87
C ARG C 209 39.23 6.41 30.33
N ILE C 210 39.16 7.47 29.52
CA ILE C 210 39.81 8.73 29.85
C ILE C 210 39.09 9.41 31.02
N LEU C 211 37.76 9.33 31.07
CA LEU C 211 37.03 9.94 32.17
C LEU C 211 37.16 9.17 33.47
N ASP C 212 37.71 7.96 33.44
CA ASP C 212 37.72 7.05 34.59
C ASP C 212 36.30 6.74 35.06
N PHE C 213 35.33 6.74 34.14
CA PHE C 213 34.01 6.22 34.48
C PHE C 213 34.06 4.69 34.55
N ARG C 214 34.72 4.06 33.58
CA ARG C 214 34.92 2.62 33.56
C ARG C 214 33.57 1.89 33.57
N ARG C 215 32.79 2.12 32.51
CA ARG C 215 31.43 1.60 32.46
C ARG C 215 31.01 1.02 31.11
N VAL C 216 31.62 1.44 29.99
CA VAL C 216 31.27 0.85 28.70
C VAL C 216 32.21 -0.33 28.46
N PRO C 217 31.77 -1.35 27.71
CA PRO C 217 32.64 -2.49 27.47
C PRO C 217 33.76 -2.12 26.53
N PRO C 218 34.94 -2.74 26.66
CA PRO C 218 36.06 -2.44 25.76
C PRO C 218 35.71 -2.67 24.29
N THR C 219 36.21 -1.79 23.44
CA THR C 219 35.86 -1.83 22.02
C THR C 219 37.09 -1.53 21.18
N VAL C 220 37.33 -2.38 20.18
CA VAL C 220 38.43 -2.20 19.26
C VAL C 220 37.87 -2.17 17.85
N GLY C 221 38.62 -1.55 16.94
CA GLY C 221 38.33 -1.60 15.53
C GLY C 221 39.13 -2.69 14.86
N ARG C 222 38.53 -3.30 13.84
CA ARG C 222 39.17 -4.40 13.15
C ARG C 222 38.65 -4.48 11.73
N ILE C 223 39.55 -4.74 10.81
CA ILE C 223 39.18 -4.99 9.42
C ILE C 223 38.84 -6.46 9.29
N VAL C 224 37.66 -6.75 8.72
CA VAL C 224 37.11 -8.10 8.68
C VAL C 224 37.01 -8.56 7.24
N ASN C 225 37.44 -9.78 6.96
CA ASN C 225 37.15 -10.46 5.69
C ASN C 225 35.76 -11.05 5.84
N VAL C 226 34.76 -10.32 5.34
CA VAL C 226 33.36 -10.70 5.56
C VAL C 226 33.03 -12.06 4.99
N THR C 227 33.80 -12.52 4.00
CA THR C 227 33.60 -13.87 3.49
C THR C 227 34.23 -14.90 4.41
N LYS C 228 35.51 -14.71 4.75
CA LYS C 228 36.24 -15.70 5.54
C LYS C 228 35.87 -15.66 7.01
N GLU C 229 35.52 -14.49 7.55
CA GLU C 229 35.35 -14.34 8.99
C GLU C 229 33.90 -14.19 9.42
N ILE C 230 32.95 -14.14 8.49
CA ILE C 230 31.53 -14.04 8.83
C ILE C 230 30.75 -15.13 8.11
N LEU C 231 30.74 -15.09 6.78
CA LEU C 231 29.90 -16.00 6.01
C LEU C 231 30.37 -17.44 6.16
N GLU C 232 31.67 -17.69 6.03
CA GLU C 232 32.19 -19.05 6.07
C GLU C 232 32.24 -19.63 7.47
N VAL C 233 31.82 -18.89 8.50
CA VAL C 233 31.81 -19.39 9.87
C VAL C 233 30.42 -19.40 10.48
N THR C 234 29.40 -18.93 9.76
CA THR C 234 28.03 -18.94 10.29
C THR C 234 27.30 -20.24 9.97
N LYS C 235 26.63 -20.78 10.97
CA LYS C 235 25.78 -21.95 10.81
C LYS C 235 24.32 -21.55 10.59
N ASN C 236 24.04 -20.25 10.59
CA ASN C 236 22.68 -19.74 10.49
C ASN C 236 22.27 -19.65 9.02
N GLU C 237 21.18 -20.35 8.67
CA GLU C 237 20.75 -20.42 7.28
C GLU C 237 20.27 -19.07 6.76
N ILE C 238 19.76 -18.21 7.63
CA ILE C 238 19.34 -16.87 7.19
C ILE C 238 20.56 -16.02 6.88
N LEU C 239 21.57 -16.06 7.74
CA LEU C 239 22.74 -15.22 7.52
C LEU C 239 23.43 -15.58 6.21
N GLN C 240 23.40 -16.85 5.82
CA GLN C 240 23.98 -17.22 4.53
C GLN C 240 23.18 -16.67 3.36
N SER C 241 21.89 -16.38 3.57
CA SER C 241 21.02 -15.93 2.49
C SER C 241 21.14 -14.43 2.20
N VAL C 242 21.66 -13.65 3.14
CA VAL C 242 21.70 -12.20 2.99
C VAL C 242 23.04 -11.76 2.40
N PHE C 243 23.88 -12.71 2.02
CA PHE C 243 25.14 -12.39 1.36
C PHE C 243 24.99 -12.49 -0.15
N PHE C 244 25.34 -11.43 -0.85
CA PHE C 244 25.26 -11.40 -2.31
C PHE C 244 26.50 -10.70 -2.86
N VAL C 245 26.52 -10.53 -4.18
CA VAL C 245 27.65 -9.93 -4.89
C VAL C 245 27.14 -8.73 -5.67
N SER C 246 27.86 -7.62 -5.57
CA SER C 246 27.45 -6.38 -6.21
C SER C 246 27.75 -6.40 -7.69
N PRO C 247 27.12 -5.50 -8.45
CA PRO C 247 27.59 -5.28 -9.83
C PRO C 247 29.05 -4.88 -9.89
N ALA C 248 29.59 -4.32 -8.81
CA ALA C 248 31.01 -4.02 -8.71
C ALA C 248 31.82 -5.20 -8.21
N SER C 249 31.19 -6.37 -8.06
CA SER C 249 31.86 -7.60 -7.66
C SER C 249 32.43 -7.46 -6.24
N ASN C 250 31.56 -7.05 -5.32
CA ASN C 250 31.89 -6.92 -3.92
C ASN C 250 30.98 -7.81 -3.08
N VAL C 251 31.55 -8.44 -2.06
CA VAL C 251 30.76 -9.24 -1.13
C VAL C 251 30.05 -8.30 -0.18
N CYS C 252 28.72 -8.31 -0.23
CA CYS C 252 27.90 -7.45 0.60
C CYS C 252 26.94 -8.29 1.44
N PHE C 253 26.48 -7.70 2.53
CA PHE C 253 25.42 -8.28 3.33
C PHE C 253 24.62 -7.13 3.93
N PHE C 254 23.47 -7.47 4.52
CA PHE C 254 22.51 -6.46 4.91
C PHE C 254 21.65 -6.98 6.05
N ALA C 255 20.95 -6.05 6.71
CA ALA C 255 19.93 -6.43 7.68
C ALA C 255 18.64 -6.79 6.95
N LYS C 256 18.04 -7.94 7.31
CA LYS C 256 16.93 -8.49 6.54
C LYS C 256 15.76 -7.52 6.49
N CYS C 257 15.36 -6.99 7.65
CA CYS C 257 14.17 -6.15 7.69
C CYS C 257 14.41 -4.77 7.06
N PRO C 258 15.45 -4.00 7.44
CA PRO C 258 15.61 -2.68 6.83
C PRO C 258 15.82 -2.72 5.32
N TYR C 259 16.48 -3.75 4.78
CA TYR C 259 16.61 -3.83 3.33
C TYR C 259 15.25 -4.04 2.67
N MET C 260 14.40 -4.88 3.26
CA MET C 260 13.07 -5.11 2.69
C MET C 260 12.26 -3.83 2.64
N CYS C 261 12.28 -3.05 3.73
CA CYS C 261 11.58 -1.78 3.75
C CYS C 261 12.34 -0.68 3.03
N LYS C 262 13.52 -0.98 2.48
CA LYS C 262 14.32 -0.01 1.75
C LYS C 262 14.59 1.24 2.58
N THR C 263 14.74 1.06 3.89
CA THR C 263 15.11 2.17 4.76
C THR C 263 16.62 2.33 4.87
N GLU C 264 17.38 1.26 4.69
CA GLU C 264 18.83 1.33 4.65
C GLU C 264 19.35 0.46 3.49
N TYR C 265 20.65 0.56 3.23
CA TYR C 265 21.27 -0.18 2.14
C TYR C 265 22.04 -1.37 2.68
N ALA C 266 22.87 -1.97 1.83
CA ALA C 266 23.75 -3.04 2.24
C ALA C 266 25.10 -2.44 2.62
N VAL C 267 25.96 -3.29 3.16
CA VAL C 267 27.29 -2.90 3.59
C VAL C 267 28.25 -3.79 2.82
N CYS C 268 28.99 -3.19 1.89
CA CYS C 268 29.89 -3.96 1.04
C CYS C 268 31.35 -3.82 1.46
N GLY C 269 32.10 -4.91 1.27
CA GLY C 269 33.54 -4.84 1.32
C GLY C 269 34.12 -4.31 0.03
N LYS C 270 35.46 -4.22 0.00
CA LYS C 270 36.21 -3.76 -1.16
C LYS C 270 37.35 -4.72 -1.45
N PRO C 271 37.04 -5.93 -1.97
CA PRO C 271 35.70 -6.48 -2.16
C PRO C 271 35.28 -7.32 -0.97
N HIS C 272 36.26 -7.81 -0.20
CA HIS C 272 35.97 -8.58 1.01
C HIS C 272 36.26 -7.84 2.30
N LEU C 273 37.13 -6.84 2.29
CA LEU C 273 37.57 -6.18 3.51
C LEU C 273 36.55 -5.12 3.94
N LEU C 274 36.11 -5.21 5.19
CA LEU C 274 35.19 -4.26 5.78
C LEU C 274 35.56 -4.02 7.23
N GLU C 275 35.57 -2.75 7.64
CA GLU C 275 35.95 -2.40 9.01
C GLU C 275 34.71 -2.20 9.88
N GLY C 276 34.84 -2.61 11.15
CA GLY C 276 33.77 -2.53 12.12
C GLY C 276 34.33 -2.38 13.51
N SER C 277 33.44 -2.39 14.49
CA SER C 277 33.83 -2.21 15.89
C SER C 277 33.32 -3.38 16.71
N LEU C 278 34.23 -4.10 17.36
CA LEU C 278 33.87 -5.22 18.22
C LEU C 278 33.82 -4.76 19.66
N SER C 279 32.67 -4.95 20.31
CA SER C 279 32.47 -4.57 21.70
C SER C 279 32.46 -5.83 22.54
N ALA C 280 33.33 -5.89 23.55
CA ALA C 280 33.49 -7.10 24.36
C ALA C 280 32.17 -7.50 24.99
N PHE C 281 31.94 -8.80 25.08
CA PHE C 281 30.69 -9.31 25.58
C PHE C 281 30.66 -9.27 27.10
N LEU C 282 29.53 -8.87 27.66
CA LEU C 282 29.34 -8.94 29.08
C LEU C 282 29.14 -10.39 29.51
N PRO C 283 29.29 -10.70 30.80
CA PRO C 283 29.06 -12.07 31.27
C PRO C 283 27.62 -12.52 31.01
N SER C 284 27.45 -13.84 30.95
CA SER C 284 26.15 -14.41 30.61
C SER C 284 25.09 -14.02 31.62
N LEU C 285 23.88 -13.77 31.12
CA LEU C 285 22.79 -13.38 32.01
C LEU C 285 22.39 -14.49 32.97
N ASN C 286 22.84 -15.71 32.75
CA ASN C 286 22.64 -16.77 33.72
C ASN C 286 23.57 -16.65 34.91
N LEU C 287 24.68 -15.92 34.76
CA LEU C 287 25.62 -15.69 35.84
C LEU C 287 25.51 -14.32 36.47
N ALA C 288 25.18 -13.30 35.67
CA ALA C 288 25.07 -11.93 36.16
C ALA C 288 23.85 -11.29 35.52
N PRO C 289 22.67 -11.48 36.12
CA PRO C 289 21.45 -10.93 35.52
C PRO C 289 21.51 -9.42 35.44
N ARG C 290 20.86 -8.87 34.41
CA ARG C 290 20.85 -7.44 34.19
C ARG C 290 19.42 -6.94 34.19
N LEU C 291 19.27 -5.63 34.33
CA LEU C 291 17.97 -4.99 34.50
C LEU C 291 17.92 -3.77 33.60
N SER C 292 17.24 -3.90 32.46
CA SER C 292 17.06 -2.76 31.58
C SER C 292 16.10 -1.78 32.23
N VAL C 293 16.60 -0.62 32.63
CA VAL C 293 15.82 0.41 33.31
C VAL C 293 15.55 1.54 32.32
N PRO C 294 14.32 2.00 32.17
CA PRO C 294 14.05 3.14 31.29
C PRO C 294 14.62 4.44 31.88
N ASN C 295 15.20 5.24 30.99
CA ASN C 295 15.70 6.54 31.39
C ASN C 295 14.54 7.40 31.93
N PRO C 296 14.80 8.28 32.90
CA PRO C 296 13.77 9.27 33.26
C PRO C 296 13.65 10.40 32.24
N TRP C 297 14.62 10.53 31.34
CA TRP C 297 14.58 11.58 30.32
C TRP C 297 14.49 10.96 28.93
N ILE C 298 13.55 10.03 28.73
CA ILE C 298 13.38 9.46 27.40
C ILE C 298 12.91 10.54 26.42
N ARG C 299 13.12 10.29 25.14
CA ARG C 299 12.55 11.12 24.11
C ARG C 299 11.18 10.58 23.68
N SER C 300 10.44 11.40 22.95
CA SER C 300 9.13 10.96 22.48
C SER C 300 9.24 9.84 21.46
N TYR C 301 10.32 9.84 20.67
CA TYR C 301 10.47 8.91 19.55
C TYR C 301 9.29 9.01 18.59
N THR C 302 8.93 10.25 18.25
CA THR C 302 7.89 10.53 17.28
C THR C 302 8.30 11.75 16.46
N LEU C 303 7.61 11.93 15.33
CA LEU C 303 7.87 13.08 14.46
C LEU C 303 7.47 14.40 15.12
N ALA C 304 6.70 14.35 16.20
CA ALA C 304 6.31 15.54 16.95
C ALA C 304 6.09 15.11 18.39
N GLY C 305 5.71 16.08 19.23
CA GLY C 305 5.45 15.78 20.63
C GLY C 305 6.70 15.75 21.47
N LYS C 306 6.64 16.37 22.64
CA LYS C 306 7.77 16.45 23.56
C LYS C 306 7.39 15.80 24.88
N GLU C 307 8.41 15.30 25.58
CA GLU C 307 8.19 14.70 26.89
C GLU C 307 8.09 15.78 27.96
N GLU C 308 7.77 15.36 29.18
CA GLU C 308 7.51 16.31 30.26
C GLU C 308 8.77 17.12 30.59
N TRP C 309 9.93 16.46 30.64
CA TRP C 309 11.17 17.16 30.94
C TRP C 309 11.52 18.17 29.85
N GLU C 310 11.06 17.95 28.63
CA GLU C 310 11.35 18.87 27.55
C GLU C 310 10.66 20.21 27.73
N VAL C 311 9.65 20.31 28.60
CA VAL C 311 8.83 21.50 28.71
C VAL C 311 8.88 22.09 30.12
N ASN C 312 9.04 21.22 31.13
CA ASN C 312 9.00 21.65 32.52
C ASN C 312 10.40 21.79 33.08
N PRO C 313 10.90 23.02 33.32
CA PRO C 313 12.22 23.18 33.93
C PRO C 313 12.32 22.65 35.34
N LEU C 314 11.18 22.39 36.00
CA LEU C 314 11.16 21.80 37.34
C LEU C 314 10.92 20.30 37.30
N TYR C 315 11.31 19.64 36.21
CA TYR C 315 11.05 18.21 36.08
C TYR C 315 11.79 17.42 37.14
N CYS C 316 13.03 17.80 37.45
CA CYS C 316 13.83 17.03 38.39
C CYS C 316 13.32 17.13 39.82
N ASP C 317 12.57 18.18 40.15
CA ASP C 317 11.93 18.25 41.46
C ASP C 317 10.98 17.08 41.66
N THR C 318 10.40 16.58 40.57
CA THR C 318 9.55 15.39 40.63
C THR C 318 10.39 14.12 40.72
N VAL C 319 11.49 14.07 39.97
CA VAL C 319 12.30 12.85 39.94
C VAL C 319 12.90 12.58 41.31
N LYS C 320 13.35 13.64 41.99
CA LYS C 320 14.01 13.48 43.28
C LYS C 320 13.12 12.85 44.35
N GLN C 321 11.81 12.77 44.10
CA GLN C 321 10.86 12.22 45.06
C GLN C 321 10.26 10.90 44.58
N ILE C 322 10.87 10.26 43.59
CA ILE C 322 10.41 8.99 43.05
C ILE C 322 11.49 7.94 43.26
N TYR C 323 11.11 6.80 43.82
CA TYR C 323 12.03 5.68 43.99
C TYR C 323 12.40 5.11 42.61
N PRO C 324 13.66 4.69 42.42
CA PRO C 324 14.76 4.69 43.39
C PRO C 324 15.66 5.92 43.32
N TYR C 325 15.13 7.04 42.85
CA TYR C 325 15.89 8.28 42.79
C TYR C 325 15.80 9.10 44.08
N ASN C 326 15.10 8.59 45.10
CA ASN C 326 15.00 9.30 46.38
C ASN C 326 16.27 9.19 47.22
N ASN C 327 17.06 8.13 47.02
CA ASN C 327 18.30 7.95 47.77
C ASN C 327 19.40 8.92 47.33
N SER C 328 19.17 9.68 46.25
CA SER C 328 20.10 10.69 45.74
C SER C 328 21.47 10.11 45.39
N GLN C 329 21.55 8.79 45.18
CA GLN C 329 22.76 8.14 44.69
C GLN C 329 22.60 7.53 43.31
N ARG C 330 21.43 6.99 42.99
CA ARG C 330 21.18 6.54 41.63
C ARG C 330 21.08 7.72 40.68
N LEU C 331 20.50 8.82 41.14
CA LEU C 331 20.37 10.00 40.30
C LEU C 331 21.73 10.52 39.86
N LEU C 332 22.74 10.41 40.73
CA LEU C 332 24.07 10.90 40.40
C LEU C 332 24.68 10.08 39.26
N ASN C 333 24.44 8.77 39.25
CA ASN C 333 24.93 7.95 38.15
C ASN C 333 24.25 8.32 36.84
N VAL C 334 22.99 8.75 36.90
CA VAL C 334 22.31 9.20 35.69
C VAL C 334 22.90 10.52 35.21
N ILE C 335 23.34 11.37 36.13
CA ILE C 335 23.96 12.63 35.73
C ILE C 335 25.24 12.34 34.94
N ASP C 336 26.07 11.43 35.43
CA ASP C 336 27.28 11.07 34.70
C ASP C 336 26.95 10.56 33.31
N MET C 337 25.94 9.70 33.20
CA MET C 337 25.53 9.18 31.89
C MET C 337 25.13 10.31 30.96
N ALA C 338 24.46 11.34 31.49
CA ALA C 338 24.11 12.50 30.66
C ALA C 338 25.37 13.22 30.19
N ILE C 339 26.35 13.36 31.08
CA ILE C 339 27.60 14.01 30.70
C ILE C 339 28.28 13.22 29.59
N PHE C 340 28.35 11.90 29.75
CA PHE C 340 29.01 11.06 28.76
C PHE C 340 28.25 11.09 27.43
N ASP C 341 26.92 11.15 27.47
CA ASP C 341 26.16 11.20 26.22
C ASP C 341 26.24 12.57 25.57
N PHE C 342 26.27 13.64 26.37
CA PHE C 342 26.38 14.96 25.79
C PHE C 342 27.74 15.16 25.12
N LEU C 343 28.80 14.62 25.71
CA LEU C 343 30.13 14.76 25.11
C LEU C 343 30.17 14.13 23.73
N ILE C 344 29.50 12.97 23.55
CA ILE C 344 29.49 12.30 22.27
C ILE C 344 28.25 12.64 21.43
N GLY C 345 27.26 13.30 22.00
CA GLY C 345 26.05 13.61 21.25
C GLY C 345 25.17 12.39 21.02
N ASN C 346 25.00 11.55 22.04
CA ASN C 346 24.19 10.34 21.93
C ASN C 346 22.83 10.69 22.51
N MET C 347 21.91 11.12 21.64
CA MET C 347 20.55 11.41 22.09
C MET C 347 19.77 10.13 22.39
N ASP C 348 20.16 9.03 21.76
CA ASP C 348 19.40 7.77 21.87
C ASP C 348 19.88 6.96 23.07
N ARG C 349 19.50 7.42 24.26
CA ARG C 349 19.72 6.69 25.51
C ARG C 349 18.38 6.52 26.20
N HIS C 350 17.52 5.68 25.61
CA HIS C 350 16.20 5.41 26.20
C HIS C 350 16.29 4.52 27.44
N HIS C 351 17.25 3.60 27.48
CA HIS C 351 17.36 2.66 28.58
C HIS C 351 18.82 2.51 28.99
N TYR C 352 19.04 2.40 30.29
CA TYR C 352 20.35 2.08 30.84
C TYR C 352 20.24 0.79 31.64
N GLU C 353 21.22 -0.10 31.46
CA GLU C 353 21.22 -1.39 32.12
C GLU C 353 22.06 -1.38 33.39
N MET C 354 21.71 -2.25 34.34
CA MET C 354 22.39 -2.33 35.62
C MET C 354 22.60 -3.79 35.99
N PHE C 355 23.63 -4.04 36.81
CA PHE C 355 23.87 -5.36 37.37
C PHE C 355 23.04 -5.50 38.64
N THR C 356 22.16 -6.51 38.67
CA THR C 356 21.24 -6.64 39.78
C THR C 356 21.94 -6.95 41.09
N LYS C 357 23.15 -7.54 41.03
CA LYS C 357 23.88 -7.85 42.25
C LYS C 357 24.32 -6.59 42.98
N PHE C 358 24.55 -5.50 42.24
CA PHE C 358 25.11 -4.28 42.83
C PHE C 358 24.06 -3.36 43.41
N GLY C 359 22.78 -3.60 43.16
CA GLY C 359 21.76 -2.86 43.84
C GLY C 359 21.52 -1.49 43.24
N ASP C 360 20.70 -0.70 43.96
CA ASP C 360 20.31 0.61 43.46
C ASP C 360 21.51 1.55 43.33
N ASP C 361 22.54 1.36 44.14
CA ASP C 361 23.72 2.19 44.06
C ASP C 361 24.72 1.68 43.04
N GLY C 362 24.42 0.58 42.35
CA GLY C 362 25.34 0.07 41.35
C GLY C 362 25.50 1.03 40.18
N PHE C 363 26.65 0.93 39.51
CA PHE C 363 26.92 1.79 38.38
C PHE C 363 26.09 1.39 37.17
N LEU C 364 26.03 2.30 36.19
CA LEU C 364 25.24 2.10 34.98
C LEU C 364 26.15 1.68 33.83
N ILE C 365 25.65 0.78 32.99
CA ILE C 365 26.38 0.31 31.84
C ILE C 365 25.96 1.13 30.62
N HIS C 366 26.95 1.66 29.92
CA HIS C 366 26.69 2.48 28.73
C HIS C 366 26.95 1.60 27.51
N LEU C 367 25.94 0.81 27.14
CA LEU C 367 26.14 -0.27 26.18
C LEU C 367 26.22 0.21 24.74
N ASP C 368 25.14 0.75 24.20
CA ASP C 368 25.04 1.05 22.78
C ASP C 368 25.27 2.54 22.55
N ASN C 369 26.49 2.90 22.16
CA ASN C 369 26.86 4.29 21.90
C ASN C 369 27.05 4.55 20.42
N ALA C 370 26.59 3.63 19.56
CA ALA C 370 26.89 3.70 18.13
C ALA C 370 26.28 4.92 17.46
N ARG C 371 25.49 5.71 18.15
CA ARG C 371 24.81 6.84 17.54
C ARG C 371 25.53 8.17 17.78
N GLY C 372 26.30 8.28 18.85
CA GLY C 372 27.07 9.48 19.12
C GLY C 372 28.10 9.78 18.06
N PHE C 373 28.78 10.92 18.17
CA PHE C 373 29.82 11.32 17.21
C PHE C 373 29.27 11.38 15.79
N GLY C 374 28.17 12.10 15.63
CA GLY C 374 27.60 12.28 14.31
C GLY C 374 27.50 13.74 13.90
N ARG C 375 27.54 14.63 14.87
CA ARG C 375 27.44 16.06 14.62
C ARG C 375 28.64 16.71 15.30
N HIS C 376 29.66 17.04 14.53
CA HIS C 376 30.79 17.75 15.10
C HIS C 376 30.57 19.25 15.15
N SER C 377 29.59 19.75 14.42
CA SER C 377 29.29 21.17 14.38
C SER C 377 28.11 21.56 15.26
N HIS C 378 27.42 20.60 15.85
CA HIS C 378 26.23 20.87 16.64
C HIS C 378 26.38 20.25 18.02
N ASP C 379 25.92 20.95 19.05
CA ASP C 379 25.90 20.43 20.41
C ASP C 379 24.46 20.37 20.89
N GLU C 380 23.99 19.17 21.23
CA GLU C 380 22.60 18.97 21.64
C GLU C 380 22.52 19.09 23.14
N ILE C 381 22.09 20.26 23.61
CA ILE C 381 22.10 20.54 25.05
C ILE C 381 20.97 19.83 25.78
N SER C 382 19.94 19.38 25.07
CA SER C 382 18.87 18.64 25.72
C SER C 382 19.38 17.35 26.34
N ILE C 383 20.51 16.82 25.85
CA ILE C 383 21.10 15.65 26.47
C ILE C 383 21.53 15.97 27.89
N LEU C 384 22.01 17.20 28.10
CA LEU C 384 22.50 17.68 29.38
C LEU C 384 21.37 18.08 30.33
N SER C 385 20.12 17.83 29.96
CA SER C 385 18.99 18.20 30.80
C SER C 385 19.07 17.65 32.22
N PRO C 386 19.54 16.43 32.49
CA PRO C 386 19.66 16.01 33.91
C PRO C 386 20.52 16.94 34.74
N LEU C 387 21.72 17.27 34.25
CA LEU C 387 22.57 18.19 35.00
C LEU C 387 22.00 19.61 34.99
N SER C 388 21.35 20.01 33.89
CA SER C 388 20.79 21.35 33.82
C SER C 388 19.71 21.56 34.87
N GLN C 389 18.83 20.59 35.03
CA GLN C 389 17.64 20.74 35.86
C GLN C 389 17.86 20.29 37.29
N CYS C 390 18.53 19.15 37.49
CA CYS C 390 18.79 18.68 38.85
C CYS C 390 19.82 19.54 39.55
N CYS C 391 20.82 20.00 38.81
CA CYS C 391 21.88 20.84 39.33
C CYS C 391 22.55 20.20 40.55
N MET C 392 23.24 19.11 40.25
CA MET C 392 24.12 18.42 41.20
C MET C 392 24.99 17.44 40.44
N ILE C 393 26.29 17.41 40.76
CA ILE C 393 27.27 16.60 40.07
C ILE C 393 28.17 15.94 41.11
N LYS C 394 28.66 14.74 40.79
CA LYS C 394 29.53 14.03 41.72
C LYS C 394 30.88 14.72 41.86
N LYS C 395 31.43 14.65 43.07
CA LYS C 395 32.72 15.27 43.34
C LYS C 395 33.81 14.72 42.43
N LYS C 396 33.93 13.38 42.39
CA LYS C 396 34.94 12.75 41.54
C LYS C 396 34.74 13.14 40.08
N THR C 397 33.50 13.14 39.61
CA THR C 397 33.24 13.45 38.20
C THR C 397 33.67 14.89 37.88
N LEU C 398 33.42 15.82 38.80
CA LEU C 398 33.75 17.22 38.53
C LEU C 398 35.25 17.44 38.48
N LEU C 399 36.01 16.74 39.33
CA LEU C 399 37.45 16.91 39.34
C LEU C 399 38.07 16.40 38.04
N HIS C 400 37.58 15.27 37.52
CA HIS C 400 38.07 14.75 36.25
C HIS C 400 37.72 15.68 35.10
N LEU C 401 36.53 16.30 35.14
CA LEU C 401 36.14 17.22 34.07
C LEU C 401 36.97 18.49 34.13
N GLN C 402 37.14 19.04 35.34
CA GLN C 402 37.95 20.24 35.49
C GLN C 402 39.38 19.99 35.02
N LEU C 403 39.92 18.82 35.39
CA LEU C 403 41.28 18.48 34.99
C LEU C 403 41.40 18.41 33.48
N LEU C 404 40.42 17.81 32.82
CA LEU C 404 40.44 17.64 31.37
C LEU C 404 40.23 18.94 30.61
N ALA C 405 40.03 20.07 31.30
CA ALA C 405 39.92 21.36 30.63
C ALA C 405 41.25 22.10 30.53
N GLN C 406 42.27 21.67 31.29
CA GLN C 406 43.57 22.33 31.29
C GLN C 406 44.44 21.80 30.16
N ALA C 407 45.24 22.70 29.57
CA ALA C 407 45.99 22.36 28.37
C ALA C 407 46.95 21.21 28.58
N ASP C 408 47.44 21.02 29.82
CA ASP C 408 48.35 19.92 30.10
C ASP C 408 47.66 18.56 29.97
N TYR C 409 46.35 18.50 30.16
CA TYR C 409 45.60 17.25 30.00
C TYR C 409 44.26 17.52 29.33
N ARG C 410 44.27 18.23 28.21
CA ARG C 410 43.00 18.58 27.57
C ARG C 410 42.37 17.36 26.90
N LEU C 411 41.03 17.38 26.87
CA LEU C 411 40.26 16.20 26.48
C LEU C 411 40.49 15.82 25.03
N SER C 412 40.69 16.79 24.14
CA SER C 412 40.87 16.43 22.74
C SER C 412 42.20 15.73 22.53
N ASP C 413 43.26 16.20 23.18
CA ASP C 413 44.58 15.64 22.92
C ASP C 413 44.70 14.25 23.50
N VAL C 414 44.20 14.03 24.72
CA VAL C 414 44.31 12.71 25.32
C VAL C 414 43.42 11.70 24.59
N MET C 415 42.32 12.16 24.00
CA MET C 415 41.52 11.27 23.16
C MET C 415 42.25 10.97 21.86
N ARG C 416 42.74 12.01 21.18
CA ARG C 416 43.43 11.82 19.90
C ARG C 416 44.55 10.80 20.02
N GLU C 417 45.32 10.86 21.11
CA GLU C 417 46.42 9.94 21.30
C GLU C 417 45.94 8.54 21.66
N SER C 418 44.97 8.44 22.58
CA SER C 418 44.43 7.14 22.95
C SER C 418 43.79 6.44 21.76
N LEU C 419 43.17 7.20 20.85
CA LEU C 419 42.56 6.58 19.69
C LEU C 419 43.58 6.19 18.64
N LEU C 420 44.84 6.59 18.79
CA LEU C 420 45.85 6.17 17.82
C LEU C 420 46.19 4.71 17.99
N GLU C 421 45.93 4.12 19.16
CA GLU C 421 46.25 2.72 19.41
C GLU C 421 45.30 1.77 18.69
N ASP C 422 44.38 2.27 17.88
CA ASP C 422 43.42 1.44 17.20
C ASP C 422 43.76 1.28 15.73
N GLN C 423 43.48 0.09 15.20
CA GLN C 423 43.79 -0.20 13.80
C GLN C 423 43.01 0.71 12.86
N LEU C 424 41.89 1.25 13.32
CA LEU C 424 41.04 2.10 12.50
C LEU C 424 41.40 3.57 12.60
N SER C 425 42.61 3.90 13.04
CA SER C 425 43.00 5.29 13.17
C SER C 425 43.07 5.96 11.80
N PRO C 426 42.57 7.20 11.65
CA PRO C 426 41.95 7.99 12.72
C PRO C 426 40.47 7.66 12.94
N VAL C 427 40.09 7.28 14.16
CA VAL C 427 38.70 6.90 14.39
C VAL C 427 37.79 8.10 14.54
N LEU C 428 38.33 9.26 14.91
CA LEU C 428 37.57 10.51 15.01
C LEU C 428 38.25 11.57 14.16
N THR C 429 37.47 12.27 13.35
CA THR C 429 38.02 13.37 12.57
C THR C 429 38.38 14.53 13.51
N GLU C 430 39.07 15.52 12.95
CA GLU C 430 39.50 16.66 13.77
C GLU C 430 38.35 17.48 14.32
N PRO C 431 37.30 17.82 13.55
CA PRO C 431 36.18 18.56 14.16
C PRO C 431 35.53 17.85 15.33
N HIS C 432 35.45 16.51 15.32
CA HIS C 432 34.83 15.81 16.43
C HIS C 432 35.67 15.95 17.70
N LEU C 433 36.99 15.79 17.58
CA LEU C 433 37.85 15.86 18.76
C LEU C 433 37.77 17.24 19.39
N LEU C 434 37.89 18.30 18.59
CA LEU C 434 37.82 19.65 19.14
C LEU C 434 36.46 19.92 19.76
N ALA C 435 35.42 19.24 19.28
CA ALA C 435 34.10 19.42 19.85
C ALA C 435 34.05 18.97 21.30
N LEU C 436 34.83 17.95 21.65
CA LEU C 436 34.84 17.47 23.04
C LEU C 436 35.27 18.57 24.00
N ASP C 437 36.27 19.36 23.62
CA ASP C 437 36.70 20.46 24.48
C ASP C 437 35.58 21.48 24.68
N ARG C 438 34.97 21.91 23.58
CA ARG C 438 33.92 22.92 23.65
C ARG C 438 32.73 22.42 24.47
N ARG C 439 32.29 21.18 24.22
CA ARG C 439 31.19 20.62 24.99
C ARG C 439 31.56 20.46 26.45
N LEU C 440 32.85 20.27 26.75
CA LEU C 440 33.27 20.18 28.14
C LEU C 440 33.07 21.51 28.86
N GLN C 441 33.38 22.62 28.19
CA GLN C 441 33.12 23.93 28.77
C GLN C 441 31.66 24.11 29.09
N THR C 442 30.78 23.68 28.18
CA THR C 442 29.35 23.80 28.41
C THR C 442 28.92 23.03 29.66
N ILE C 443 29.55 21.88 29.91
CA ILE C 443 29.25 21.14 31.13
C ILE C 443 29.79 21.88 32.35
N LEU C 444 31.05 22.32 32.27
CA LEU C 444 31.63 23.05 33.40
C LEU C 444 30.92 24.36 33.64
N ARG C 445 30.62 25.10 32.57
CA ARG C 445 29.86 26.34 32.72
C ARG C 445 28.50 26.08 33.32
N THR C 446 27.90 24.92 33.02
CA THR C 446 26.61 24.56 33.60
C THR C 446 26.72 24.29 35.09
N VAL C 447 27.82 23.64 35.51
CA VAL C 447 28.02 23.38 36.93
C VAL C 447 28.16 24.70 37.68
N GLU C 448 29.14 25.52 37.27
CA GLU C 448 29.34 26.81 37.92
C GLU C 448 28.16 27.74 37.69
N GLY C 449 27.43 27.56 36.59
CA GLY C 449 26.30 28.43 36.31
C GLY C 449 25.19 28.24 37.31
N CYS C 450 24.80 26.99 37.55
CA CYS C 450 23.74 26.72 38.51
C CYS C 450 24.27 26.56 39.93
N ILE C 451 25.59 26.71 40.12
CA ILE C 451 26.13 26.82 41.48
C ILE C 451 25.69 28.12 42.14
N VAL C 452 25.62 29.21 41.35
CA VAL C 452 25.25 30.51 41.89
C VAL C 452 23.82 30.52 42.43
N ALA C 453 22.98 29.59 42.00
CA ALA C 453 21.60 29.54 42.44
C ALA C 453 21.39 28.56 43.59
N HIS C 454 22.35 27.67 43.84
CA HIS C 454 22.23 26.68 44.91
C HIS C 454 23.47 26.56 45.77
N GLY C 455 24.62 27.08 45.34
CA GLY C 455 25.84 26.98 46.11
C GLY C 455 26.47 25.60 46.03
N GLN C 456 27.73 25.53 46.47
CA GLN C 456 28.43 24.24 46.48
C GLN C 456 27.81 23.23 47.44
N GLN C 457 26.74 23.60 48.15
CA GLN C 457 26.05 22.67 49.03
C GLN C 457 25.37 21.56 48.26
N SER C 458 24.48 21.91 47.33
CA SER C 458 23.64 20.94 46.65
C SER C 458 24.09 20.67 45.21
N VAL C 459 25.20 21.26 44.79
CA VAL C 459 25.73 21.04 43.44
C VAL C 459 27.00 20.21 43.46
N ILE C 460 27.53 19.87 44.63
CA ILE C 460 28.68 18.98 44.76
C ILE C 460 28.33 17.94 45.81
N VAL C 461 28.39 16.67 45.45
CA VAL C 461 28.01 15.58 46.35
C VAL C 461 29.26 14.74 46.56
N ASP C 462 30.04 15.11 47.57
CA ASP C 462 31.32 14.45 47.86
C ASP C 462 31.14 13.18 48.67
N GLY C 463 30.19 12.32 48.28
CA GLY C 463 30.03 11.03 48.90
C GLY C 463 31.28 10.18 48.74
N PRO C 464 31.47 9.18 49.61
CA PRO C 464 32.69 8.37 49.62
C PRO C 464 32.77 7.36 48.47
N SER D 134 22.79 30.01 -31.28
CA SER D 134 23.50 29.84 -32.54
C SER D 134 23.66 28.36 -32.86
N VAL D 135 24.19 27.59 -31.91
CA VAL D 135 24.43 26.16 -32.13
C VAL D 135 23.11 25.46 -32.40
N LEU D 136 22.12 25.69 -31.53
CA LEU D 136 20.80 25.13 -31.74
C LEU D 136 20.15 25.71 -32.99
N GLN D 137 20.33 27.02 -33.22
CA GLN D 137 19.81 27.63 -34.42
C GLN D 137 20.30 26.92 -35.68
N SER D 138 21.59 26.57 -35.70
CA SER D 138 22.18 25.93 -36.87
C SER D 138 21.74 24.49 -37.04
N LEU D 139 21.56 23.77 -35.93
CA LEU D 139 21.21 22.36 -36.01
C LEU D 139 19.89 22.15 -36.75
N PHE D 140 18.84 22.85 -36.31
CA PHE D 140 17.55 22.75 -37.00
C PHE D 140 17.59 23.36 -38.40
N GLU D 141 18.62 24.16 -38.70
CA GLU D 141 18.81 24.71 -40.04
C GLU D 141 19.50 23.73 -40.98
N HIS D 142 20.00 22.60 -40.48
CA HIS D 142 20.64 21.59 -41.31
C HIS D 142 19.61 20.97 -42.27
N PRO D 143 20.07 20.37 -43.37
CA PRO D 143 19.16 19.61 -44.24
C PRO D 143 18.83 18.21 -43.74
N LEU D 144 19.41 17.79 -42.61
CA LEU D 144 19.07 16.51 -42.01
C LEU D 144 17.97 16.63 -40.97
N TYR D 145 17.46 17.84 -40.74
CA TYR D 145 16.43 18.08 -39.73
C TYR D 145 15.16 18.66 -40.33
N ARG D 146 15.09 18.76 -41.65
CA ARG D 146 13.90 19.25 -42.35
C ARG D 146 13.17 18.15 -43.10
N THR D 147 13.64 16.91 -43.01
CA THR D 147 12.96 15.78 -43.63
C THR D 147 11.55 15.63 -43.09
N VAL D 148 10.54 16.06 -43.86
CA VAL D 148 9.17 15.94 -43.40
C VAL D 148 8.74 14.48 -43.46
N LEU D 149 7.78 14.14 -42.60
CA LEU D 149 7.17 12.82 -42.64
C LEU D 149 6.41 12.66 -43.94
N PRO D 150 6.15 11.42 -44.35
CA PRO D 150 5.21 11.19 -45.45
C PRO D 150 3.84 11.78 -45.13
N ASP D 151 2.98 11.79 -46.14
CA ASP D 151 1.62 12.28 -45.93
C ASP D 151 0.90 11.44 -44.87
N LEU D 152 -0.23 11.96 -44.42
CA LEU D 152 -1.02 11.32 -43.38
C LEU D 152 -2.34 10.83 -43.95
N THR D 153 -3.22 10.42 -43.05
CA THR D 153 -4.53 9.88 -43.37
C THR D 153 -5.29 9.76 -42.05
N GLU D 154 -6.62 9.87 -42.14
CA GLU D 154 -7.44 9.76 -40.93
C GLU D 154 -7.12 8.49 -40.15
N GLU D 155 -6.59 7.46 -40.81
CA GLU D 155 -6.14 6.26 -40.10
C GLU D 155 -4.84 6.51 -39.34
N ASP D 156 -4.10 7.56 -39.66
CA ASP D 156 -2.85 7.86 -38.96
C ASP D 156 -3.02 8.85 -37.81
N THR D 157 -4.17 9.53 -37.74
CA THR D 157 -4.48 10.32 -36.56
C THR D 157 -4.82 9.40 -35.39
N LEU D 158 -4.73 9.96 -34.18
CA LEU D 158 -4.97 9.13 -32.99
C LEU D 158 -6.46 9.01 -32.69
N PHE D 159 -7.16 10.14 -32.64
CA PHE D 159 -8.57 10.13 -32.28
C PHE D 159 -9.22 11.41 -32.80
N ASN D 160 -10.53 11.36 -32.99
CA ASN D 160 -11.28 12.50 -33.50
C ASN D 160 -11.47 13.49 -32.37
N LEU D 161 -10.55 14.46 -32.28
CA LEU D 161 -10.59 15.61 -31.36
C LEU D 161 -11.95 15.89 -30.74
N ASN D 162 -13.01 15.82 -31.55
CA ASN D 162 -14.37 15.99 -31.07
C ASN D 162 -14.75 14.96 -30.02
N ALA D 163 -13.95 13.92 -29.83
CA ALA D 163 -14.26 12.86 -28.88
C ALA D 163 -13.41 12.93 -27.62
N GLU D 164 -12.37 13.76 -27.60
CA GLU D 164 -11.68 14.01 -26.35
C GLU D 164 -12.29 15.17 -25.58
N ILE D 165 -12.87 16.14 -26.28
CA ILE D 165 -13.61 17.21 -25.61
C ILE D 165 -14.89 16.67 -24.99
N ARG D 166 -15.26 15.44 -25.33
CA ARG D 166 -16.42 14.75 -24.77
C ARG D 166 -16.08 14.00 -23.50
N LEU D 167 -14.81 13.96 -23.11
CA LEU D 167 -14.47 13.31 -21.85
C LEU D 167 -14.29 14.30 -20.71
N TYR D 168 -14.07 15.56 -21.01
CA TYR D 168 -13.83 16.58 -20.00
C TYR D 168 -15.12 17.32 -19.67
N PRO D 169 -15.18 18.02 -18.51
CA PRO D 169 -16.41 18.73 -18.14
C PRO D 169 -16.80 19.83 -19.12
N LYS D 170 -17.94 20.47 -18.89
CA LYS D 170 -18.43 21.53 -19.77
C LYS D 170 -17.54 22.77 -19.76
N ALA D 171 -16.49 22.80 -18.94
CA ALA D 171 -15.51 23.88 -18.90
C ALA D 171 -16.16 25.20 -18.50
N GLU D 197 -8.81 27.67 -32.68
CA GLU D 197 -7.70 26.98 -32.00
C GLU D 197 -7.33 27.68 -30.69
N SER D 198 -8.34 27.99 -29.88
CA SER D 198 -8.12 28.55 -28.55
C SER D 198 -8.07 27.47 -27.48
N TYR D 199 -7.96 26.21 -27.88
CA TYR D 199 -7.84 25.12 -26.93
C TYR D 199 -6.51 25.17 -26.18
N PRO D 200 -6.49 24.72 -24.92
CA PRO D 200 -5.24 24.74 -24.16
C PRO D 200 -4.14 23.94 -24.84
N ASN D 201 -2.89 24.28 -24.48
CA ASN D 201 -1.72 23.69 -25.11
C ASN D 201 -1.65 22.18 -24.93
N TRP D 202 -2.12 21.66 -23.79
CA TRP D 202 -2.11 20.22 -23.60
C TRP D 202 -3.07 19.50 -24.52
N LEU D 203 -4.03 20.22 -25.11
CA LEU D 203 -4.95 19.61 -26.05
C LEU D 203 -4.36 19.63 -27.46
N ARG D 204 -3.82 20.78 -27.88
CA ARG D 204 -3.09 20.84 -29.14
C ARG D 204 -1.95 19.82 -29.16
N PHE D 205 -1.37 19.54 -27.99
CA PHE D 205 -0.36 18.51 -27.89
C PHE D 205 -0.95 17.12 -28.12
N HIS D 206 -2.14 16.88 -27.58
CA HIS D 206 -2.74 15.54 -27.70
C HIS D 206 -3.17 15.24 -29.14
N ILE D 207 -3.83 16.20 -29.80
CA ILE D 207 -4.35 15.93 -31.14
C ILE D 207 -3.23 15.79 -32.16
N GLY D 208 -2.05 16.33 -31.88
CA GLY D 208 -0.93 16.25 -32.80
C GLY D 208 -0.17 14.96 -32.78
N ILE D 209 -0.50 14.05 -31.86
CA ILE D 209 0.17 12.75 -31.77
C ILE D 209 -0.28 11.88 -32.93
N ASN D 210 0.53 11.82 -33.99
CA ASN D 210 0.25 11.00 -35.15
C ASN D 210 1.10 9.72 -35.11
N ARG D 211 1.04 8.97 -36.20
CA ARG D 211 1.68 7.65 -36.28
C ARG D 211 3.19 7.73 -36.08
N TYR D 212 3.83 8.74 -36.66
CA TYR D 212 5.28 8.82 -36.69
C TYR D 212 5.84 9.59 -35.49
N GLU D 213 5.76 10.91 -35.53
CA GLU D 213 6.25 11.70 -34.43
C GLU D 213 5.19 11.80 -33.33
N LEU D 214 5.64 12.12 -32.13
CA LEU D 214 4.73 12.48 -31.06
C LEU D 214 4.36 13.96 -31.08
N TYR D 215 5.13 14.77 -31.82
CA TYR D 215 4.88 16.20 -31.94
C TYR D 215 5.74 16.74 -33.08
N SER D 216 5.21 17.73 -33.80
CA SER D 216 5.91 18.31 -34.94
C SER D 216 7.28 18.87 -34.51
N ARG D 217 8.18 18.99 -35.50
CA ARG D 217 9.57 19.36 -35.22
C ARG D 217 9.67 20.69 -34.49
N HIS D 218 9.17 21.75 -35.10
CA HIS D 218 9.21 23.07 -34.50
C HIS D 218 7.77 23.53 -34.25
N ASN D 219 7.10 22.85 -33.32
CA ASN D 219 5.73 23.22 -32.97
C ASN D 219 5.74 24.46 -32.08
N PRO D 220 4.76 25.35 -32.23
CA PRO D 220 4.66 26.50 -31.32
C PRO D 220 3.97 26.16 -30.03
N VAL D 221 3.30 25.01 -29.94
CA VAL D 221 2.60 24.59 -28.74
C VAL D 221 3.52 23.83 -27.81
N ILE D 222 4.34 22.93 -28.36
CA ILE D 222 5.31 22.20 -27.55
C ILE D 222 6.23 23.17 -26.82
N ALA D 223 6.55 24.31 -27.45
CA ALA D 223 7.29 25.35 -26.76
C ALA D 223 6.46 25.97 -25.64
N ALA D 224 5.20 26.31 -25.94
CA ALA D 224 4.33 26.93 -24.94
C ALA D 224 3.83 25.93 -23.91
N LEU D 225 3.70 24.65 -24.28
CA LEU D 225 3.26 23.66 -23.30
C LEU D 225 4.26 23.55 -22.16
N LEU D 226 5.56 23.65 -22.46
CA LEU D 226 6.57 23.66 -21.40
C LEU D 226 6.39 24.87 -20.51
N ARG D 227 6.02 26.02 -21.07
CA ARG D 227 5.85 27.24 -20.28
C ARG D 227 4.68 27.11 -19.31
N ASP D 228 3.62 26.42 -19.71
CA ASP D 228 2.45 26.28 -18.84
C ASP D 228 2.81 25.53 -17.57
N LEU D 229 3.48 24.38 -17.70
CA LEU D 229 3.85 23.59 -16.53
C LEU D 229 4.76 24.38 -15.58
N LEU D 230 5.57 25.30 -16.12
CA LEU D 230 6.49 26.07 -15.29
C LEU D 230 5.74 26.97 -14.31
N SER D 231 4.61 27.55 -14.73
CA SER D 231 3.99 28.65 -14.01
C SER D 231 2.48 28.52 -13.81
N GLN D 232 1.81 27.56 -14.44
CA GLN D 232 0.37 27.43 -14.25
C GLN D 232 0.06 27.06 -12.81
N LYS D 233 -1.14 27.43 -12.36
CA LYS D 233 -1.51 27.22 -10.96
C LYS D 233 -1.89 25.78 -10.71
N ILE D 234 -1.46 25.25 -9.57
CA ILE D 234 -1.76 23.87 -9.20
C ILE D 234 -3.17 23.82 -8.63
N SER D 235 -4.02 22.98 -9.20
CA SER D 235 -5.39 22.78 -8.73
C SER D 235 -5.52 21.57 -7.82
N SER D 236 -5.03 20.40 -8.25
CA SER D 236 -5.12 19.20 -7.45
C SER D 236 -3.86 18.36 -7.59
N VAL D 237 -3.50 17.70 -6.48
CA VAL D 237 -2.31 16.85 -6.40
C VAL D 237 -2.73 15.50 -5.85
N GLY D 238 -2.33 14.43 -6.53
CA GLY D 238 -2.67 13.09 -6.10
C GLY D 238 -1.51 12.15 -6.30
N MET D 239 -1.42 11.16 -5.43
CA MET D 239 -0.36 10.17 -5.49
C MET D 239 -0.77 9.02 -6.41
N LYS D 240 0.17 8.60 -7.27
CA LYS D 240 -0.07 7.43 -8.10
C LYS D 240 0.26 6.16 -7.32
N SER D 241 -0.43 5.08 -7.67
CA SER D 241 -0.19 3.79 -7.04
C SER D 241 0.40 2.81 -8.06
N GLY D 242 0.99 1.73 -7.53
CA GLY D 242 1.47 0.61 -8.31
C GLY D 242 2.81 0.79 -8.98
N GLY D 243 3.43 1.97 -8.90
CA GLY D 243 4.70 2.21 -9.54
C GLY D 243 5.88 1.79 -8.68
N THR D 244 7.07 2.00 -9.24
CA THR D 244 8.30 1.69 -8.52
C THR D 244 8.54 2.69 -7.39
N GLN D 245 8.68 3.96 -7.72
CA GLN D 245 8.98 5.02 -6.76
C GLN D 245 7.83 6.03 -6.76
N LEU D 246 8.00 7.11 -6.00
CA LEU D 246 6.94 8.10 -5.80
C LEU D 246 6.78 8.98 -7.04
N LYS D 247 5.56 9.00 -7.59
CA LYS D 247 5.23 9.88 -8.70
C LYS D 247 3.83 10.42 -8.45
N LEU D 248 3.70 11.76 -8.49
CA LEU D 248 2.47 12.46 -8.17
C LEU D 248 1.77 12.97 -9.43
N ILE D 249 0.45 13.01 -9.38
CA ILE D 249 -0.37 13.50 -10.48
C ILE D 249 -0.81 14.92 -10.16
N MET D 250 -0.48 15.84 -11.05
CA MET D 250 -0.83 17.24 -10.90
C MET D 250 -2.00 17.57 -11.81
N SER D 251 -2.90 18.43 -11.34
CA SER D 251 -3.97 18.98 -12.16
C SER D 251 -3.86 20.50 -12.11
N PHE D 252 -4.13 21.13 -13.25
CA PHE D 252 -3.90 22.55 -13.41
C PHE D 252 -5.20 23.32 -13.62
N GLN D 253 -5.06 24.64 -13.68
CA GLN D 253 -6.19 25.53 -13.84
C GLN D 253 -6.87 25.35 -15.19
N ASN D 254 -6.16 24.83 -16.19
CA ASN D 254 -6.69 24.59 -17.52
C ASN D 254 -7.05 23.12 -17.74
N TYR D 255 -7.42 22.41 -16.68
CA TYR D 255 -7.93 21.05 -16.77
C TYR D 255 -6.88 20.06 -17.27
N GLY D 256 -5.69 20.56 -17.62
CA GLY D 256 -4.61 19.69 -17.96
C GLY D 256 -4.00 19.03 -16.73
N GLN D 257 -3.33 17.91 -16.97
CA GLN D 257 -2.68 17.17 -15.90
C GLN D 257 -1.29 16.73 -16.37
N ALA D 258 -0.48 16.28 -15.41
CA ALA D 258 0.91 15.93 -15.67
C ALA D 258 1.41 15.01 -14.57
N LEU D 259 2.44 14.23 -14.88
CA LEU D 259 3.15 13.44 -13.89
C LEU D 259 4.24 14.28 -13.23
N PHE D 260 4.54 13.97 -11.98
CA PHE D 260 5.48 14.78 -11.21
C PHE D 260 6.41 13.87 -10.43
N LYS D 261 7.71 13.96 -10.71
CA LYS D 261 8.73 13.27 -9.95
C LYS D 261 9.60 14.29 -9.23
N PRO D 262 9.76 14.18 -7.92
CA PRO D 262 10.50 15.21 -7.17
C PRO D 262 12.00 15.12 -7.36
N MET D 263 12.73 15.95 -6.60
CA MET D 263 14.18 16.02 -6.73
C MET D 263 14.85 14.70 -6.36
N LYS D 264 14.65 14.24 -5.12
CA LYS D 264 15.15 12.96 -4.62
C LYS D 264 16.66 12.94 -4.41
N GLN D 265 17.43 13.53 -5.31
CA GLN D 265 18.88 13.58 -5.19
C GLN D 265 19.44 14.82 -5.89
N THR D 266 20.66 15.20 -5.47
CA THR D 266 21.32 16.40 -5.93
C THR D 266 21.96 16.18 -7.31
N ARG D 267 22.67 17.20 -7.79
CA ARG D 267 23.25 17.14 -9.13
C ARG D 267 24.63 16.48 -9.12
N GLU D 268 25.49 16.88 -8.19
CA GLU D 268 26.87 16.41 -8.16
C GLU D 268 27.01 15.00 -7.62
N GLN D 269 25.89 14.33 -7.33
CA GLN D 269 25.96 12.99 -6.76
C GLN D 269 25.93 11.92 -7.85
N GLU D 270 26.63 10.82 -7.59
CA GLU D 270 26.66 9.66 -8.46
C GLU D 270 26.02 8.47 -7.76
N THR D 271 25.40 7.60 -8.55
CA THR D 271 24.86 6.36 -8.03
C THR D 271 25.98 5.48 -7.48
N PRO D 272 25.84 4.95 -6.27
CA PRO D 272 26.88 4.06 -5.72
C PRO D 272 27.18 2.91 -6.66
N PRO D 273 28.45 2.52 -6.77
CA PRO D 273 28.81 1.46 -7.72
C PRO D 273 28.19 0.12 -7.38
N ASP D 274 27.82 -0.11 -6.12
CA ASP D 274 27.28 -1.38 -5.66
C ASP D 274 25.77 -1.46 -5.81
N PHE D 275 25.14 -0.45 -6.40
CA PHE D 275 23.69 -0.42 -6.55
C PHE D 275 23.29 -1.18 -7.80
N PHE D 276 22.31 -2.07 -7.67
CA PHE D 276 21.76 -2.72 -8.83
C PHE D 276 20.99 -1.73 -9.69
N TYR D 277 20.74 -2.12 -10.94
CA TYR D 277 19.97 -1.28 -11.85
C TYR D 277 18.56 -1.03 -11.35
N PHE D 278 18.01 -1.97 -10.58
CA PHE D 278 16.68 -1.81 -10.01
C PHE D 278 16.70 -1.15 -8.64
N SER D 279 17.83 -0.59 -8.23
CA SER D 279 17.90 0.16 -6.99
C SER D 279 18.23 1.63 -7.19
N ASP D 280 18.50 2.05 -8.41
CA ASP D 280 18.87 3.43 -8.68
C ASP D 280 17.67 4.36 -8.45
N PHE D 281 17.98 5.62 -8.17
CA PHE D 281 16.96 6.62 -7.93
C PHE D 281 16.33 7.10 -9.24
N GLU D 282 15.05 7.46 -9.18
CA GLU D 282 14.39 8.16 -10.27
C GLU D 282 14.48 9.65 -9.98
N ARG D 283 15.22 10.38 -10.81
CA ARG D 283 15.50 11.79 -10.55
C ARG D 283 14.92 12.68 -11.64
N HIS D 284 14.45 13.87 -11.22
CA HIS D 284 13.91 14.84 -12.16
C HIS D 284 14.95 15.28 -13.19
N ASN D 285 16.23 15.28 -12.82
CA ASN D 285 17.29 15.62 -13.77
C ASN D 285 17.15 14.81 -15.04
N ALA D 286 17.00 13.49 -14.89
CA ALA D 286 16.97 12.61 -16.06
C ALA D 286 15.73 12.86 -16.91
N GLU D 287 14.57 13.04 -16.26
CA GLU D 287 13.34 13.23 -17.01
C GLU D 287 13.43 14.46 -17.91
N ILE D 288 13.85 15.60 -17.37
CA ILE D 288 13.96 16.81 -18.16
C ILE D 288 15.05 16.68 -19.21
N ALA D 289 16.21 16.13 -18.84
CA ALA D 289 17.29 15.98 -19.81
C ALA D 289 16.90 15.03 -20.93
N ALA D 290 16.13 13.98 -20.61
CA ALA D 290 15.74 13.00 -21.63
C ALA D 290 14.91 13.64 -22.71
N PHE D 291 14.05 14.60 -22.35
CA PHE D 291 13.20 15.24 -23.34
C PHE D 291 14.03 16.03 -24.34
N HIS D 292 15.00 16.81 -23.85
CA HIS D 292 15.84 17.58 -24.76
C HIS D 292 16.76 16.67 -25.56
N LEU D 293 17.29 15.61 -24.94
CA LEU D 293 18.12 14.65 -25.65
C LEU D 293 17.37 14.01 -26.80
N ASP D 294 16.14 13.56 -26.55
CA ASP D 294 15.32 12.97 -27.59
C ASP D 294 14.95 14.00 -28.65
N ARG D 295 14.70 15.24 -28.23
CA ARG D 295 14.39 16.30 -29.17
C ARG D 295 15.59 16.59 -30.08
N ILE D 296 16.80 16.58 -29.51
CA ILE D 296 18.00 16.90 -30.28
C ILE D 296 18.27 15.83 -31.33
N LEU D 297 17.97 14.56 -31.00
CA LEU D 297 18.12 13.50 -31.98
C LEU D 297 16.95 13.42 -32.95
N ASP D 298 15.99 14.35 -32.85
CA ASP D 298 14.84 14.40 -33.75
C ASP D 298 14.06 13.10 -33.73
N PHE D 299 14.05 12.42 -32.59
CA PHE D 299 13.24 11.23 -32.42
C PHE D 299 11.79 11.59 -32.10
N ARG D 300 11.60 12.52 -31.15
CA ARG D 300 10.29 13.03 -30.74
C ARG D 300 9.39 11.88 -30.29
N ARG D 301 9.91 11.11 -29.33
CA ARG D 301 9.22 9.98 -28.74
C ARG D 301 8.98 10.15 -27.25
N VAL D 302 9.33 11.30 -26.67
CA VAL D 302 9.18 11.54 -25.24
C VAL D 302 8.09 12.59 -25.02
N PRO D 303 7.29 12.46 -23.97
CA PRO D 303 6.36 13.53 -23.63
C PRO D 303 7.10 14.72 -23.06
N PRO D 304 6.69 15.94 -23.41
CA PRO D 304 7.37 17.12 -22.90
C PRO D 304 7.35 17.19 -21.38
N VAL D 305 8.49 17.56 -20.80
CA VAL D 305 8.64 17.68 -19.36
C VAL D 305 9.43 18.93 -19.06
N ALA D 306 9.01 19.67 -18.03
CA ALA D 306 9.65 20.91 -17.61
C ALA D 306 9.79 20.91 -16.10
N GLY D 307 10.87 21.53 -15.63
CA GLY D 307 11.17 21.55 -14.21
C GLY D 307 10.63 22.80 -13.53
N ARG D 308 10.21 22.67 -12.27
CA ARG D 308 9.54 23.75 -11.57
C ARG D 308 9.94 23.77 -10.11
N LEU D 309 10.17 24.98 -9.58
CA LEU D 309 10.39 25.17 -8.15
C LEU D 309 9.03 25.28 -7.48
N VAL D 310 8.55 24.17 -6.92
CA VAL D 310 7.21 24.13 -6.34
C VAL D 310 7.30 24.36 -4.83
N ASN D 311 6.24 24.96 -4.28
CA ASN D 311 6.11 25.19 -2.85
C ASN D 311 5.38 23.99 -2.25
N MET D 312 6.04 23.28 -1.34
CA MET D 312 5.45 22.08 -0.74
C MET D 312 4.37 22.40 0.28
N THR D 313 4.13 23.67 0.59
CA THR D 313 3.05 24.04 1.50
C THR D 313 1.76 24.32 0.73
N ARG D 314 1.78 25.28 -0.19
CA ARG D 314 0.56 25.68 -0.88
C ARG D 314 0.33 24.92 -2.19
N GLU D 315 1.36 24.30 -2.74
CA GLU D 315 1.21 23.56 -3.98
C GLU D 315 1.23 22.04 -3.78
N ILE D 316 1.50 21.55 -2.57
CA ILE D 316 1.50 20.11 -2.35
C ILE D 316 0.56 19.75 -1.19
N ARG D 317 0.91 20.17 0.03
CA ARG D 317 0.22 19.67 1.22
C ARG D 317 -1.21 20.19 1.30
N ASP D 318 -1.39 21.50 1.13
CA ASP D 318 -2.68 22.14 1.35
C ASP D 318 -3.62 22.03 0.16
N VAL D 319 -3.28 21.24 -0.86
CA VAL D 319 -4.13 21.10 -2.03
C VAL D 319 -4.26 19.64 -2.43
N THR D 320 -4.35 18.75 -1.44
CA THR D 320 -4.55 17.34 -1.71
C THR D 320 -5.56 16.75 -0.74
N ARG D 321 -6.57 16.06 -1.26
CA ARG D 321 -7.50 15.30 -0.43
C ARG D 321 -7.10 13.83 -0.32
N ASP D 322 -5.84 13.49 -0.59
CA ASP D 322 -5.35 12.13 -0.46
C ASP D 322 -4.93 11.91 0.99
N LYS D 323 -5.67 11.05 1.69
CA LYS D 323 -5.39 10.84 3.10
C LYS D 323 -4.02 10.20 3.32
N LYS D 324 -3.57 9.36 2.37
CA LYS D 324 -2.28 8.70 2.53
C LYS D 324 -1.14 9.70 2.44
N LEU D 325 -1.15 10.54 1.39
CA LEU D 325 -0.05 11.45 1.13
C LEU D 325 0.05 12.53 2.21
N TRP D 326 -1.08 13.00 2.71
CA TRP D 326 -1.03 14.12 3.66
C TRP D 326 -0.49 13.69 5.02
N ARG D 327 -0.79 12.46 5.45
CA ARG D 327 -0.38 12.04 6.80
C ARG D 327 1.12 11.87 6.94
N THR D 328 1.92 12.15 5.92
CA THR D 328 3.36 12.02 6.02
C THR D 328 4.07 13.36 6.03
N PHE D 329 3.34 14.46 6.15
CA PHE D 329 3.95 15.79 6.14
C PHE D 329 4.36 16.17 7.56
N PHE D 330 5.64 15.98 7.88
CA PHE D 330 6.21 16.33 9.16
C PHE D 330 7.26 17.42 9.00
N VAL D 331 7.60 18.07 10.11
CA VAL D 331 8.65 19.08 10.15
C VAL D 331 9.85 18.47 10.85
N SER D 332 11.03 18.63 10.24
CA SER D 332 12.26 17.97 10.67
C SER D 332 12.94 18.76 11.76
N PRO D 333 13.94 18.17 12.43
CA PRO D 333 14.71 18.93 13.43
C PRO D 333 15.41 20.15 12.88
N ALA D 334 15.66 20.21 11.58
CA ALA D 334 16.17 21.43 10.99
C ALA D 334 15.09 22.44 10.68
N ASN D 335 13.88 22.25 11.23
CA ASN D 335 12.74 23.15 11.02
C ASN D 335 12.38 23.26 9.54
N ASN D 336 12.69 22.22 8.77
CA ASN D 336 12.32 22.12 7.37
C ASN D 336 11.10 21.22 7.21
N ILE D 337 10.33 21.46 6.16
CA ILE D 337 9.15 20.67 5.87
C ILE D 337 9.54 19.49 5.01
N CYS D 338 9.03 18.31 5.37
CA CYS D 338 9.38 17.07 4.70
C CYS D 338 8.13 16.25 4.43
N PHE D 339 8.21 15.38 3.43
CA PHE D 339 7.18 14.40 3.16
C PHE D 339 7.81 13.24 2.39
N TYR D 340 7.23 12.05 2.54
CA TYR D 340 7.79 10.89 1.86
C TYR D 340 6.73 10.12 1.08
N GLY D 341 5.49 10.19 1.50
CA GLY D 341 4.44 9.49 0.80
C GLY D 341 4.29 8.04 1.22
N GLU D 342 3.72 7.25 0.33
CA GLU D 342 3.48 5.85 0.61
C GLU D 342 3.58 5.05 -0.68
N CYS D 343 4.75 5.05 -1.30
CA CYS D 343 4.98 4.16 -2.43
C CYS D 343 5.61 2.87 -1.92
N SER D 344 6.73 2.44 -2.52
CA SER D 344 7.31 1.16 -2.12
C SER D 344 8.83 1.25 -2.02
N TYR D 345 9.46 2.05 -2.87
CA TYR D 345 10.90 2.28 -2.86
C TYR D 345 11.19 3.67 -2.31
N TYR D 346 11.94 3.75 -1.22
CA TYR D 346 12.39 5.03 -0.67
C TYR D 346 11.20 5.93 -0.35
N CYS D 347 10.16 5.34 0.21
CA CYS D 347 9.01 6.06 0.73
C CYS D 347 8.93 5.79 2.23
N SER D 348 9.89 6.36 2.96
CA SER D 348 9.93 6.25 4.42
C SER D 348 10.57 7.52 4.98
N THR D 349 10.58 7.61 6.31
CA THR D 349 11.10 8.81 6.97
C THR D 349 12.55 9.06 6.59
N GLU D 350 13.34 7.99 6.47
CA GLU D 350 14.76 8.10 6.20
C GLU D 350 15.07 8.42 4.74
N HIS D 351 14.05 8.59 3.90
CA HIS D 351 14.25 9.13 2.56
C HIS D 351 13.35 10.34 2.32
N ALA D 352 12.93 10.99 3.39
CA ALA D 352 11.97 12.08 3.27
C ALA D 352 12.54 13.21 2.41
N LEU D 353 11.67 13.76 1.56
CA LEU D 353 12.03 14.88 0.71
C LEU D 353 11.73 16.19 1.45
N CYS D 354 12.77 16.99 1.67
CA CYS D 354 12.65 18.24 2.42
C CYS D 354 13.14 19.41 1.59
N GLY D 355 12.49 20.55 1.76
CA GLY D 355 12.99 21.81 1.26
C GLY D 355 13.73 22.59 2.34
N LYS D 356 14.22 23.76 1.93
CA LYS D 356 14.90 24.67 2.86
C LYS D 356 14.30 26.05 2.72
N PRO D 357 13.24 26.35 3.47
CA PRO D 357 12.61 25.36 4.34
C PRO D 357 11.36 24.67 3.76
N ASP D 358 10.88 25.14 2.61
CA ASP D 358 9.60 24.65 2.09
C ASP D 358 9.54 24.77 0.57
N GLN D 359 10.65 24.48 -0.11
CA GLN D 359 10.66 24.43 -1.56
C GLN D 359 11.44 23.21 -1.99
N ILE D 360 10.86 22.41 -2.88
CA ILE D 360 11.32 21.05 -3.06
C ILE D 360 11.92 20.78 -4.44
N GLU D 361 11.43 21.43 -5.51
CA GLU D 361 11.94 21.25 -6.87
C GLU D 361 11.57 19.88 -7.46
N GLY D 362 11.34 19.82 -8.77
CA GLY D 362 10.95 18.57 -9.42
C GLY D 362 10.62 18.79 -10.88
N SER D 363 10.19 17.71 -11.52
CA SER D 363 9.86 17.73 -12.94
C SER D 363 8.38 17.42 -13.17
N LEU D 364 7.82 18.06 -14.19
CA LEU D 364 6.41 17.89 -14.56
C LEU D 364 6.35 17.27 -15.96
N ALA D 365 6.14 15.97 -16.04
CA ALA D 365 6.01 15.29 -17.33
C ALA D 365 4.56 15.38 -17.77
N ALA D 366 4.34 15.96 -18.95
CA ALA D 366 2.97 16.12 -19.46
C ALA D 366 2.28 14.77 -19.57
N PHE D 367 0.97 14.78 -19.39
CA PHE D 367 0.20 13.55 -19.34
C PHE D 367 -0.20 13.13 -20.74
N LEU D 368 0.14 11.89 -21.10
CA LEU D 368 -0.35 11.29 -22.33
C LEU D 368 -1.88 11.21 -22.29
N PRO D 369 -2.54 11.19 -23.45
CA PRO D 369 -4.00 11.21 -23.44
C PRO D 369 -4.56 9.98 -22.74
N ASP D 370 -5.78 10.12 -22.23
CA ASP D 370 -6.40 9.09 -21.40
C ASP D 370 -6.45 7.75 -22.13
N LEU D 371 -6.03 6.68 -21.43
CA LEU D 371 -5.96 5.35 -22.02
C LEU D 371 -7.30 4.85 -22.53
N ALA D 372 -8.40 5.56 -22.26
CA ALA D 372 -9.71 5.12 -22.72
C ALA D 372 -9.86 5.31 -24.22
N LEU D 373 -9.49 6.50 -24.73
CA LEU D 373 -9.56 6.82 -26.15
C LEU D 373 -8.20 6.81 -26.84
N ALA D 374 -7.18 6.27 -26.18
CA ALA D 374 -5.84 6.19 -26.74
C ALA D 374 -5.11 5.03 -26.07
N LYS D 375 -5.67 3.82 -26.25
CA LYS D 375 -5.10 2.64 -25.63
C LYS D 375 -3.64 2.47 -26.04
N ARG D 376 -2.81 2.04 -25.09
CA ARG D 376 -1.38 1.86 -25.31
C ARG D 376 -1.02 0.40 -25.06
N LYS D 377 -0.51 -0.27 -26.09
CA LYS D 377 0.10 -1.58 -25.90
C LYS D 377 1.33 -1.42 -25.02
N THR D 378 1.71 -2.52 -24.36
CA THR D 378 2.89 -2.53 -23.51
C THR D 378 3.69 -3.78 -23.83
N TRP D 379 4.88 -3.60 -24.38
CA TRP D 379 5.70 -4.71 -24.85
C TRP D 379 6.85 -4.96 -23.88
N ARG D 380 7.25 -6.23 -23.79
CA ARG D 380 8.35 -6.65 -22.93
C ARG D 380 9.63 -6.62 -23.74
N ASN D 381 10.62 -5.89 -23.24
CA ASN D 381 11.88 -5.77 -23.97
C ASN D 381 12.56 -7.13 -24.04
N PRO D 382 12.99 -7.57 -25.24
CA PRO D 382 13.71 -8.85 -25.32
C PRO D 382 15.07 -8.82 -24.66
N TRP D 383 15.63 -7.64 -24.41
CA TRP D 383 16.86 -7.52 -23.64
C TRP D 383 16.60 -7.09 -22.20
N ARG D 384 15.39 -7.34 -21.70
CA ARG D 384 15.03 -6.96 -20.34
C ARG D 384 15.88 -7.71 -19.32
N ARG D 385 16.52 -6.96 -18.42
CA ARG D 385 17.31 -7.58 -17.37
C ARG D 385 16.45 -8.45 -16.46
N SER D 386 17.07 -9.48 -15.87
CA SER D 386 16.35 -10.43 -15.04
C SER D 386 15.79 -9.80 -13.77
N TYR D 387 16.30 -8.64 -13.36
CA TYR D 387 15.86 -7.96 -12.13
C TYR D 387 15.90 -8.91 -10.94
N HIS D 388 17.03 -9.60 -10.80
CA HIS D 388 17.22 -10.59 -9.73
C HIS D 388 18.71 -10.78 -9.55
N LYS D 389 19.19 -10.61 -8.31
CA LYS D 389 20.59 -10.83 -8.02
C LYS D 389 20.98 -12.28 -8.29
N ARG D 390 22.28 -12.48 -8.56
CA ARG D 390 22.88 -13.79 -8.83
C ARG D 390 22.43 -14.33 -10.19
N LYS D 391 21.13 -14.44 -10.40
CA LYS D 391 20.56 -15.08 -11.58
C LYS D 391 20.84 -14.25 -12.82
N LYS D 392 21.43 -14.88 -13.84
CA LYS D 392 21.80 -14.19 -15.06
C LYS D 392 20.57 -14.00 -15.95
N ALA D 393 20.81 -13.60 -17.20
CA ALA D 393 19.75 -13.31 -18.15
C ALA D 393 20.09 -13.94 -19.50
N GLU D 394 19.07 -14.12 -20.33
CA GLU D 394 19.25 -14.85 -21.59
C GLU D 394 20.24 -14.14 -22.52
N TRP D 395 20.00 -12.85 -22.79
CA TRP D 395 20.85 -12.11 -23.72
C TRP D 395 22.28 -11.98 -23.23
N GLU D 396 22.58 -12.35 -22.00
CA GLU D 396 23.92 -12.25 -21.44
C GLU D 396 24.73 -13.54 -21.60
N VAL D 397 24.22 -14.52 -22.35
CA VAL D 397 24.96 -15.77 -22.57
C VAL D 397 24.95 -16.21 -24.02
N ASP D 398 23.99 -15.79 -24.85
CA ASP D 398 23.94 -16.15 -26.26
C ASP D 398 24.37 -14.94 -27.08
N PRO D 399 25.54 -14.98 -27.74
CA PRO D 399 25.98 -13.82 -28.52
C PRO D 399 25.22 -13.62 -29.81
N ASP D 400 24.49 -14.63 -30.28
CA ASP D 400 23.67 -14.53 -31.47
C ASP D 400 22.20 -14.32 -31.14
N TYR D 401 21.92 -13.82 -29.93
CA TYR D 401 20.54 -13.61 -29.48
C TYR D 401 19.71 -12.90 -30.55
N CYS D 402 20.27 -11.84 -31.14
CA CYS D 402 19.49 -11.04 -32.08
C CYS D 402 19.03 -11.86 -33.29
N ASP D 403 19.83 -12.86 -33.69
CA ASP D 403 19.44 -13.71 -34.82
C ASP D 403 18.23 -14.55 -34.51
N GLU D 404 17.92 -14.76 -33.22
CA GLU D 404 16.68 -15.42 -32.83
C GLU D 404 15.57 -14.43 -32.58
N VAL D 405 15.89 -13.22 -32.15
CA VAL D 405 14.85 -12.24 -31.85
C VAL D 405 14.37 -11.53 -33.11
N LYS D 406 15.09 -11.66 -34.22
CA LYS D 406 14.61 -11.16 -35.50
C LYS D 406 13.78 -12.19 -36.23
N GLN D 407 13.39 -13.26 -35.54
CA GLN D 407 12.48 -14.28 -36.06
C GLN D 407 11.11 -14.22 -35.40
N THR D 408 10.97 -13.47 -34.30
CA THR D 408 9.70 -13.32 -33.61
C THR D 408 8.68 -12.60 -34.51
N PRO D 409 7.39 -12.79 -34.24
CA PRO D 409 6.34 -12.25 -35.14
C PRO D 409 6.43 -10.75 -35.34
N PRO D 410 6.67 -9.94 -34.30
CA PRO D 410 6.68 -8.48 -34.52
C PRO D 410 8.05 -7.87 -34.75
N TYR D 411 9.13 -8.64 -34.72
CA TYR D 411 10.47 -8.11 -34.87
C TYR D 411 11.10 -8.47 -36.20
N ASP D 412 10.36 -9.11 -37.10
CA ASP D 412 10.82 -9.33 -38.46
C ASP D 412 9.97 -8.51 -39.43
N ARG D 413 9.48 -7.37 -38.94
CA ARG D 413 8.73 -6.41 -39.73
C ARG D 413 9.12 -5.02 -39.24
N GLY D 414 8.25 -4.05 -39.45
CA GLY D 414 8.61 -2.71 -39.07
C GLY D 414 9.80 -2.22 -39.89
N THR D 415 10.44 -1.10 -39.46
CA THR D 415 10.17 -0.16 -38.33
C THR D 415 10.59 -0.72 -36.97
N ARG D 416 10.13 -1.92 -36.62
CA ARG D 416 10.62 -2.53 -35.39
C ARG D 416 12.08 -2.96 -35.58
N LEU D 417 12.70 -3.42 -34.48
CA LEU D 417 14.14 -3.60 -34.38
C LEU D 417 14.85 -2.26 -34.53
N LEU D 418 14.63 -1.60 -35.67
CA LEU D 418 15.16 -0.25 -35.87
C LEU D 418 14.66 0.70 -34.79
N ASP D 419 13.36 0.65 -34.48
CA ASP D 419 12.83 1.47 -33.40
C ASP D 419 13.54 1.19 -32.07
N ILE D 420 13.73 -0.10 -31.75
CA ILE D 420 14.49 -0.45 -30.56
C ILE D 420 15.89 0.13 -30.64
N MET D 421 16.50 0.08 -31.82
CA MET D 421 17.84 0.64 -32.01
C MET D 421 17.84 2.13 -31.71
N ASP D 422 16.86 2.87 -32.25
CA ASP D 422 16.76 4.29 -31.93
C ASP D 422 16.61 4.50 -30.43
N MET D 423 16.02 3.54 -29.74
CA MET D 423 15.82 3.64 -28.30
C MET D 423 17.04 3.17 -27.53
N THR D 424 17.65 2.05 -27.95
CA THR D 424 18.79 1.55 -27.18
C THR D 424 19.99 2.49 -27.32
N ILE D 425 20.09 3.21 -28.43
CA ILE D 425 21.11 4.27 -28.52
C ILE D 425 20.76 5.39 -27.55
N PHE D 426 19.48 5.74 -27.46
CA PHE D 426 19.01 6.74 -26.50
C PHE D 426 19.37 6.34 -25.07
N ASP D 427 19.03 5.12 -24.67
CA ASP D 427 19.27 4.70 -23.28
C ASP D 427 20.75 4.68 -22.94
N PHE D 428 21.61 4.36 -23.90
CA PHE D 428 23.04 4.32 -23.61
C PHE D 428 23.58 5.73 -23.39
N LEU D 429 23.12 6.70 -24.18
CA LEU D 429 23.56 8.08 -23.99
C LEU D 429 23.24 8.60 -22.59
N MET D 430 22.14 8.13 -22.01
CA MET D 430 21.78 8.53 -20.65
C MET D 430 22.30 7.58 -19.59
N GLY D 431 22.54 6.32 -19.95
CA GLY D 431 22.86 5.31 -18.96
C GLY D 431 21.66 4.68 -18.30
N ASN D 432 20.48 4.77 -18.93
CA ASN D 432 19.24 4.25 -18.36
C ASN D 432 19.14 2.76 -18.66
N MET D 433 19.52 1.93 -17.68
CA MET D 433 19.45 0.48 -17.81
C MET D 433 18.15 -0.09 -17.25
N ASP D 434 17.11 0.73 -17.11
CA ASP D 434 15.82 0.32 -16.56
C ASP D 434 14.74 0.27 -17.63
N ARG D 435 15.13 0.03 -18.88
CA ARG D 435 14.18 -0.03 -19.99
C ARG D 435 13.71 -1.47 -20.17
N HIS D 436 12.73 -1.86 -19.37
CA HIS D 436 12.18 -3.20 -19.43
C HIS D 436 10.88 -3.30 -20.20
N HIS D 437 10.31 -2.17 -20.60
CA HIS D 437 9.01 -2.13 -21.26
C HIS D 437 8.97 -0.91 -22.16
N TYR D 438 8.32 -1.04 -23.32
CA TYR D 438 8.17 0.08 -24.23
C TYR D 438 6.74 0.10 -24.74
N GLU D 439 6.04 1.20 -24.50
CA GLU D 439 4.66 1.30 -24.88
C GLU D 439 4.53 1.72 -26.35
N THR D 440 3.32 1.56 -26.89
CA THR D 440 2.98 1.91 -28.27
C THR D 440 1.65 2.65 -28.29
N PHE D 441 0.82 2.43 -29.29
CA PHE D 441 -0.45 3.15 -29.33
C PHE D 441 -1.61 2.29 -29.83
N GLU D 442 -1.41 0.99 -30.03
CA GLU D 442 -2.51 0.05 -30.25
C GLU D 442 -3.34 0.39 -31.49
N LYS D 443 -4.01 1.55 -31.47
CA LYS D 443 -4.89 1.94 -32.57
C LYS D 443 -4.15 2.07 -33.89
N PHE D 444 -2.82 2.00 -33.86
CA PHE D 444 -1.98 2.13 -35.04
C PHE D 444 -1.54 0.80 -35.63
N GLY D 445 -1.21 -0.16 -34.79
CA GLY D 445 -0.66 -1.43 -35.22
C GLY D 445 0.81 -1.52 -34.91
N ASN D 446 1.46 -2.48 -35.58
CA ASN D 446 2.87 -2.77 -35.34
C ASN D 446 3.82 -1.89 -36.16
N ASP D 447 3.34 -0.74 -36.63
CA ASP D 447 4.07 0.13 -37.55
C ASP D 447 4.19 1.54 -37.00
N THR D 448 4.54 1.68 -35.72
CA THR D 448 4.66 3.00 -35.13
C THR D 448 5.89 3.08 -34.25
N PHE D 449 6.12 4.27 -33.72
CA PHE D 449 7.26 4.52 -32.86
C PHE D 449 6.99 3.97 -31.47
N ILE D 450 7.98 4.10 -30.61
CA ILE D 450 7.91 3.63 -29.24
C ILE D 450 8.04 4.85 -28.33
N ILE D 451 7.10 5.01 -27.41
CA ILE D 451 7.12 6.13 -26.48
C ILE D 451 8.19 5.85 -25.44
N HIS D 452 9.14 6.77 -25.32
CA HIS D 452 10.23 6.64 -24.36
C HIS D 452 9.74 7.25 -23.04
N LEU D 453 9.24 6.39 -22.16
CA LEU D 453 8.68 6.77 -20.86
C LEU D 453 9.56 6.27 -19.72
N ASP D 454 9.32 6.81 -18.53
CA ASP D 454 10.04 6.45 -17.30
C ASP D 454 11.56 6.55 -17.49
N ASN D 455 12.01 7.75 -17.81
CA ASN D 455 13.41 8.02 -18.09
C ASN D 455 14.19 8.49 -16.87
N GLY D 456 13.60 8.42 -15.68
CA GLY D 456 14.19 9.02 -14.50
C GLY D 456 15.42 8.31 -13.97
N ARG D 457 15.77 7.14 -14.48
CA ARG D 457 16.90 6.37 -13.98
C ARG D 457 18.21 6.68 -14.68
N GLY D 458 18.20 7.57 -15.67
CA GLY D 458 19.41 7.95 -16.37
C GLY D 458 20.18 9.03 -15.64
N PHE D 459 21.34 9.38 -16.20
CA PHE D 459 22.19 10.45 -15.69
C PHE D 459 22.52 10.21 -14.22
N GLY D 460 22.88 8.97 -13.91
CA GLY D 460 23.25 8.61 -12.56
C GLY D 460 24.73 8.42 -12.36
N LYS D 461 25.47 8.20 -13.45
CA LYS D 461 26.91 7.95 -13.39
C LYS D 461 27.57 8.67 -14.55
N HIS D 462 28.49 9.60 -14.25
CA HIS D 462 29.19 10.36 -15.29
C HIS D 462 30.61 9.88 -15.51
N SER D 463 31.23 9.24 -14.54
CA SER D 463 32.55 8.65 -14.72
C SER D 463 32.48 7.20 -15.16
N HIS D 464 31.31 6.75 -15.62
CA HIS D 464 31.08 5.34 -15.95
C HIS D 464 30.20 5.28 -17.20
N ASP D 465 30.53 4.35 -18.09
CA ASP D 465 29.74 4.10 -19.31
C ASP D 465 29.26 2.66 -19.27
N GLU D 466 27.98 2.47 -18.96
CA GLU D 466 27.40 1.13 -18.85
C GLU D 466 27.24 0.54 -20.25
N MET D 467 28.17 -0.34 -20.62
CA MET D 467 28.16 -0.94 -21.95
C MET D 467 27.06 -1.98 -22.12
N SER D 468 26.46 -2.45 -21.03
CA SER D 468 25.43 -3.47 -21.14
C SER D 468 24.23 -2.99 -21.93
N ILE D 469 23.97 -1.67 -21.94
CA ILE D 469 22.83 -1.14 -22.67
C ILE D 469 23.04 -1.28 -24.17
N LEU D 470 24.29 -1.19 -24.62
CA LEU D 470 24.60 -1.26 -26.05
C LEU D 470 24.46 -2.66 -26.62
N VAL D 471 24.38 -3.69 -25.78
CA VAL D 471 24.39 -5.07 -26.28
C VAL D 471 23.30 -5.32 -27.30
N PRO D 472 22.08 -4.77 -27.18
CA PRO D 472 21.13 -4.84 -28.30
C PRO D 472 21.72 -4.42 -29.64
N LEU D 473 22.57 -3.40 -29.64
CA LEU D 473 23.14 -2.90 -30.89
C LEU D 473 24.34 -3.73 -31.32
N THR D 474 25.16 -4.18 -30.37
CA THR D 474 26.32 -4.98 -30.73
C THR D 474 25.92 -6.38 -31.20
N GLN D 475 24.72 -6.85 -30.86
CA GLN D 475 24.25 -8.15 -31.33
C GLN D 475 23.38 -8.05 -32.57
N CYS D 476 22.67 -6.94 -32.75
CA CYS D 476 21.82 -6.78 -33.92
C CYS D 476 22.55 -6.12 -35.07
N CYS D 477 23.33 -5.09 -34.78
CA CYS D 477 24.17 -4.43 -35.77
C CYS D 477 23.36 -3.97 -36.98
N ARG D 478 22.44 -3.05 -36.71
CA ARG D 478 21.71 -2.38 -37.77
C ARG D 478 21.05 -1.15 -37.17
N VAL D 479 21.00 -0.06 -37.94
CA VAL D 479 20.48 1.21 -37.46
C VAL D 479 19.78 1.92 -38.61
N LYS D 480 18.99 2.91 -38.24
CA LYS D 480 18.27 3.70 -39.22
C LYS D 480 19.21 4.75 -39.82
N ARG D 481 19.26 4.80 -41.15
CA ARG D 481 20.19 5.72 -41.80
C ARG D 481 19.97 7.15 -41.34
N SER D 482 18.70 7.53 -41.12
CA SER D 482 18.39 8.85 -40.58
C SER D 482 19.14 9.12 -39.29
N THR D 483 19.21 8.13 -38.42
CA THR D 483 19.89 8.33 -37.15
C THR D 483 21.40 8.26 -37.30
N TYR D 484 21.90 7.40 -38.19
CA TYR D 484 23.34 7.28 -38.35
C TYR D 484 23.95 8.60 -38.81
N LEU D 485 23.38 9.18 -39.86
CA LEU D 485 23.90 10.46 -40.33
C LEU D 485 23.77 11.54 -39.26
N ARG D 486 22.70 11.50 -38.47
CA ARG D 486 22.58 12.45 -37.37
C ARG D 486 23.68 12.22 -36.34
N LEU D 487 23.83 10.97 -35.87
CA LEU D 487 24.84 10.70 -34.84
C LEU D 487 26.23 11.12 -35.28
N GLN D 488 26.56 10.91 -36.56
CA GLN D 488 27.82 11.44 -37.07
C GLN D 488 27.83 12.96 -37.03
N LEU D 489 26.73 13.58 -37.47
CA LEU D 489 26.65 15.03 -37.46
C LEU D 489 26.74 15.59 -36.04
N LEU D 490 26.20 14.88 -35.06
CA LEU D 490 26.25 15.32 -33.67
C LEU D 490 27.61 15.06 -33.04
N ALA D 491 28.62 14.67 -33.82
CA ALA D 491 29.96 14.43 -33.30
C ALA D 491 30.98 15.45 -33.78
N LYS D 492 30.57 16.41 -34.62
CA LYS D 492 31.47 17.43 -35.14
C LYS D 492 31.55 18.60 -34.18
N GLU D 493 32.75 19.20 -34.06
CA GLU D 493 32.96 20.24 -33.07
C GLU D 493 32.06 21.44 -33.31
N GLU D 494 31.67 21.70 -34.56
CA GLU D 494 30.76 22.81 -34.85
C GLU D 494 29.35 22.54 -34.34
N TYR D 495 28.96 21.27 -34.23
CA TYR D 495 27.64 20.94 -33.70
C TYR D 495 27.76 20.30 -32.33
N LYS D 496 28.07 19.00 -32.30
CA LYS D 496 28.34 18.25 -31.08
C LYS D 496 27.17 18.23 -30.10
N LEU D 497 27.31 17.46 -29.03
CA LEU D 497 26.22 17.24 -28.08
C LEU D 497 26.26 18.16 -26.87
N SER D 498 27.43 18.36 -26.26
CA SER D 498 27.49 19.15 -25.03
C SER D 498 26.99 20.57 -25.26
N SER D 499 27.55 21.26 -26.26
CA SER D 499 27.13 22.63 -26.53
C SER D 499 25.68 22.70 -27.01
N LEU D 500 25.20 21.65 -27.68
CA LEU D 500 23.79 21.59 -28.07
C LEU D 500 22.89 21.24 -26.90
N MET D 501 23.39 20.44 -25.95
CA MET D 501 22.54 20.03 -24.85
C MET D 501 22.46 21.11 -23.77
N GLU D 502 23.59 21.76 -23.44
CA GLU D 502 23.51 22.84 -22.46
C GLU D 502 22.77 24.05 -23.00
N GLU D 503 22.63 24.17 -24.33
CA GLU D 503 21.86 25.28 -24.91
C GLU D 503 20.38 25.16 -24.55
N SER D 504 19.73 24.07 -24.98
CA SER D 504 18.29 23.94 -24.74
C SER D 504 17.98 23.70 -23.28
N LEU D 505 18.83 22.94 -22.57
CA LEU D 505 18.66 22.76 -21.13
C LEU D 505 18.83 24.06 -20.36
N LEU D 506 19.44 25.08 -20.97
CA LEU D 506 19.54 26.38 -20.33
C LEU D 506 18.19 27.08 -20.27
N GLN D 507 17.22 26.63 -21.07
CA GLN D 507 15.88 27.21 -21.08
C GLN D 507 14.95 26.36 -20.22
N ASP D 508 15.17 26.44 -18.91
CA ASP D 508 14.31 25.76 -17.94
C ASP D 508 14.55 26.37 -16.58
N ARG D 509 13.47 26.60 -15.83
CA ARG D 509 13.60 27.23 -14.51
C ARG D 509 14.25 26.26 -13.52
N LEU D 510 15.26 25.54 -13.98
CA LEU D 510 15.97 24.60 -13.12
C LEU D 510 17.46 24.54 -13.40
N VAL D 511 17.97 25.28 -14.39
CA VAL D 511 19.37 25.23 -14.77
C VAL D 511 20.25 25.51 -13.55
N PRO D 512 21.36 24.78 -13.36
CA PRO D 512 21.85 23.68 -14.21
C PRO D 512 21.15 22.35 -13.95
N VAL D 513 20.38 21.87 -14.94
CA VAL D 513 19.70 20.59 -14.78
C VAL D 513 20.71 19.43 -14.85
N LEU D 514 21.79 19.60 -15.60
CA LEU D 514 22.86 18.61 -15.71
C LEU D 514 24.17 19.26 -15.31
N ILE D 515 24.82 18.71 -14.29
CA ILE D 515 26.17 19.14 -13.97
C ILE D 515 27.06 18.89 -15.20
N LYS D 516 28.12 19.68 -15.33
CA LYS D 516 28.91 19.66 -16.54
C LYS D 516 29.49 18.28 -16.89
N PRO D 517 29.92 17.44 -15.95
CA PRO D 517 30.42 16.11 -16.35
C PRO D 517 29.45 15.30 -17.19
N HIS D 518 28.14 15.41 -16.91
CA HIS D 518 27.17 14.66 -17.70
C HIS D 518 27.05 15.23 -19.12
N LEU D 519 27.04 16.56 -19.25
CA LEU D 519 26.98 17.16 -20.57
C LEU D 519 28.16 16.74 -21.41
N GLU D 520 29.34 16.62 -20.78
CA GLU D 520 30.54 16.24 -21.49
C GLU D 520 30.58 14.74 -21.75
N ALA D 521 30.09 13.95 -20.79
CA ALA D 521 30.01 12.51 -20.99
C ALA D 521 29.11 12.16 -22.16
N LEU D 522 28.14 13.03 -22.47
CA LEU D 522 27.23 12.76 -23.59
C LEU D 522 27.99 12.53 -24.89
N ASP D 523 29.04 13.32 -25.16
CA ASP D 523 29.85 13.11 -26.35
C ASP D 523 30.67 11.83 -26.26
N ARG D 524 31.09 11.45 -25.05
CA ARG D 524 31.88 10.23 -24.90
C ARG D 524 31.05 9.00 -25.20
N ARG D 525 29.81 8.95 -24.70
CA ARG D 525 28.92 7.84 -25.03
C ARG D 525 28.54 7.85 -26.51
N LEU D 526 28.49 9.04 -27.13
CA LEU D 526 28.14 9.11 -28.54
C LEU D 526 29.23 8.51 -29.42
N ARG D 527 30.50 8.79 -29.12
CA ARG D 527 31.57 8.26 -29.96
C ARG D 527 31.74 6.75 -29.82
N LEU D 528 31.33 6.17 -28.69
CA LEU D 528 31.34 4.71 -28.56
C LEU D 528 30.21 4.09 -29.38
N VAL D 529 29.05 4.73 -29.40
CA VAL D 529 27.97 4.27 -30.27
C VAL D 529 28.39 4.35 -31.72
N LEU D 530 28.98 5.48 -32.11
CA LEU D 530 29.43 5.66 -33.48
C LEU D 530 30.48 4.63 -33.85
N LYS D 531 31.35 4.26 -32.89
CA LYS D 531 32.39 3.27 -33.16
C LYS D 531 31.82 1.87 -33.26
N VAL D 532 30.81 1.57 -32.45
CA VAL D 532 30.16 0.26 -32.55
C VAL D 532 29.49 0.10 -33.91
N LEU D 533 28.99 1.20 -34.48
CA LEU D 533 28.45 1.14 -35.83
C LEU D 533 29.57 0.91 -36.86
N SER D 534 30.75 1.48 -36.61
CA SER D 534 31.87 1.35 -37.54
C SER D 534 32.54 -0.03 -37.43
N ASP D 535 32.79 -0.49 -36.20
CA ASP D 535 33.39 -1.80 -35.99
C ASP D 535 32.50 -2.92 -36.51
N CYS D 536 31.22 -2.66 -36.70
CA CYS D 536 30.33 -3.70 -37.17
C CYS D 536 30.00 -3.58 -38.65
N VAL D 537 29.95 -2.36 -39.19
CA VAL D 537 29.72 -2.20 -40.61
C VAL D 537 30.89 -2.72 -41.44
N GLU D 538 32.05 -2.92 -40.83
CA GLU D 538 33.17 -3.58 -41.48
C GLU D 538 33.05 -5.09 -41.45
N LYS D 539 32.15 -5.65 -40.63
CA LYS D 539 31.94 -7.09 -40.57
C LYS D 539 30.63 -7.55 -41.18
N ASP D 540 29.68 -6.64 -41.43
CA ASP D 540 28.45 -6.98 -42.12
C ASP D 540 28.19 -6.13 -43.36
N GLY D 541 28.91 -5.02 -43.53
CA GLY D 541 28.76 -4.18 -44.70
C GLY D 541 27.57 -3.24 -44.60
N PHE D 542 27.65 -2.14 -45.35
CA PHE D 542 26.54 -1.22 -45.46
C PHE D 542 25.37 -1.91 -46.16
N SER D 543 24.24 -1.19 -46.24
CA SER D 543 23.00 -1.65 -46.85
C SER D 543 22.40 -2.86 -46.13
N ALA D 544 23.27 -3.70 -45.55
CA ALA D 544 22.86 -4.78 -44.66
C ALA D 544 23.03 -4.40 -43.19
N VAL D 545 23.59 -3.22 -42.92
CA VAL D 545 23.60 -2.64 -41.59
C VAL D 545 22.76 -1.39 -41.53
N VAL D 546 22.80 -0.55 -42.56
CA VAL D 546 21.98 0.64 -42.63
C VAL D 546 20.88 0.41 -43.67
N GLU D 547 19.63 0.60 -43.26
CA GLU D 547 18.50 0.46 -44.18
C GLU D 547 18.07 1.87 -44.61
N ASN D 548 18.09 2.11 -45.92
CA ASN D 548 17.71 3.42 -46.44
C ASN D 548 16.27 3.74 -46.07
N ASP D 549 16.09 4.85 -45.37
CA ASP D 549 14.78 5.40 -45.06
C ASP D 549 14.56 6.77 -45.67
N LEU D 550 15.64 7.53 -45.93
CA LEU D 550 15.59 8.90 -46.42
C LEU D 550 15.20 9.02 -47.89
N ASP D 551 14.86 7.91 -48.55
CA ASP D 551 14.38 7.99 -49.93
C ASP D 551 13.09 8.79 -50.00
N GLY D 552 13.21 10.11 -50.14
CA GLY D 552 12.07 10.99 -50.22
C GLY D 552 12.41 12.37 -49.68
PG ATP E . -26.25 22.51 -21.09
O1G ATP E . -25.39 23.74 -21.25
O2G ATP E . -27.65 22.62 -21.66
O3G ATP E . -25.55 21.23 -21.48
PB ATP E . -26.99 21.18 -18.69
O1B ATP E . -26.66 19.94 -19.47
O2B ATP E . -28.40 21.40 -18.18
O3B ATP E . -26.47 22.47 -19.50
PA ATP E . -25.56 19.97 -16.67
O1A ATP E . -24.06 19.87 -16.75
O2A ATP E . -26.41 18.82 -17.14
O3A ATP E . -26.03 21.30 -17.42
O5' ATP E . -26.01 20.34 -15.17
C5' ATP E . -27.14 19.68 -14.60
C4' ATP E . -26.79 19.04 -13.27
O4' ATP E . -27.97 19.03 -12.47
C3' ATP E . -26.32 17.60 -13.42
O3' ATP E . -24.92 17.44 -13.14
C2' ATP E . -27.13 16.81 -12.41
O2' ATP E . -26.25 16.29 -11.41
C1' ATP E . -28.10 17.79 -11.77
N9 ATP E . -29.50 17.30 -11.88
C8 ATP E . -30.44 17.80 -12.70
N7 ATP E . -31.61 17.14 -12.55
C5 ATP E . -31.43 16.20 -11.60
C6 ATP E . -32.25 15.16 -10.95
N6 ATP E . -33.54 14.98 -11.29
N1 ATP E . -31.66 14.39 -10.00
C2 ATP E . -30.38 14.55 -9.65
N3 ATP E . -29.57 15.48 -10.20
C4 ATP E . -30.03 16.32 -11.17
PG ATP F . 24.65 -18.09 27.39
O1G ATP F . 26.06 -18.31 27.91
O2G ATP F . 23.55 -18.77 28.16
O3G ATP F . 24.54 -18.26 25.89
PB ATP F . 24.82 -15.31 26.75
O1B ATP F . 25.61 -14.29 27.52
O2B ATP F . 25.39 -15.82 25.44
O3B ATP F . 24.37 -16.54 27.70
PA ATP F . 23.13 -13.63 25.38
O1A ATP F . 24.41 -13.53 24.60
O2A ATP F . 21.83 -14.02 24.70
O3A ATP F . 23.38 -14.66 26.57
O5' ATP F . 22.95 -12.26 26.19
C5' ATP F . 23.85 -11.18 25.92
C4' ATP F . 23.08 -9.91 25.61
O4' ATP F . 23.83 -8.81 26.11
C3' ATP F . 22.91 -9.71 24.11
O3' ATP F . 21.51 -9.64 23.79
C2' ATP F . 23.57 -8.40 23.78
O2' ATP F . 22.64 -7.53 23.12
C1' ATP F . 23.96 -7.79 25.12
N9 ATP F . 25.36 -7.33 25.10
C8 ATP F . 26.41 -7.97 25.64
N7 ATP F . 27.55 -7.26 25.46
C5 ATP F . 27.24 -6.14 24.79
C6 ATP F . 27.95 -4.95 24.28
N6 ATP F . 29.29 -4.81 24.44
N1 ATP F . 27.23 -4.01 23.64
C2 ATP F . 25.89 -4.12 23.47
N3 ATP F . 25.17 -5.16 23.91
C4 ATP F . 25.78 -6.19 24.56
#